data_6BVQ
# 
_entry.id   6BVQ 
# 
_audit_conform.dict_name       mmcif_pdbx.dic 
_audit_conform.dict_version    5.379 
_audit_conform.dict_location   http://mmcif.pdb.org/dictionaries/ascii/mmcif_pdbx.dic 
# 
loop_
_database_2.database_id 
_database_2.database_code 
_database_2.pdbx_database_accession 
_database_2.pdbx_DOI 
PDB   6BVQ         pdb_00006bvq 10.2210/pdb6bvq/pdb 
WWPDB D_1000231581 ?            ?                   
# 
_pdbx_database_status.status_code                     REL 
_pdbx_database_status.status_code_sf                  REL 
_pdbx_database_status.status_code_mr                  ? 
_pdbx_database_status.entry_id                        6BVQ 
_pdbx_database_status.recvd_initial_deposition_date   2017-12-13 
_pdbx_database_status.SG_entry                        N 
_pdbx_database_status.deposit_site                    RCSB 
_pdbx_database_status.process_site                    RCSB 
_pdbx_database_status.status_code_cs                  ? 
_pdbx_database_status.methods_development_category    ? 
_pdbx_database_status.pdb_format_compatible           Y 
_pdbx_database_status.status_code_nmr_data            ? 
# 
loop_
_audit_author.name 
_audit_author.pdbx_ordinal 
_audit_author.identifier_ORCID 
'Yang, Y.' 1 ?                   
'Liu, F.'  2 ?                   
'Liu, A.'  3 0000-0002-4182-8176 
# 
_citation.abstract                  ? 
_citation.abstract_id_CAS           ? 
_citation.book_id_ISBN              ? 
_citation.book_publisher            ? 
_citation.book_publisher_city       ? 
_citation.book_title                ? 
_citation.coordinate_linkage        ? 
_citation.country                   US 
_citation.database_id_Medline       ? 
_citation.details                   ? 
_citation.id                        primary 
_citation.journal_abbrev            'J. Biol. Chem.' 
_citation.journal_id_ASTM           JBCHA3 
_citation.journal_id_CSD            0071 
_citation.journal_id_ISSN           1083-351X 
_citation.journal_full              ? 
_citation.journal_issue             ? 
_citation.journal_volume            293 
_citation.language                  ? 
_citation.page_first                10415 
_citation.page_last                 10424 
_citation.title                     
;Adapting to oxygen: 3-Hydroxyanthrinilate 3,4-dioxygenase employs loop dynamics to accommodate two substrates with disparate polarities.
;
_citation.year                      2018 
_citation.database_id_CSD           ? 
_citation.pdbx_database_id_DOI      10.1074/jbc.RA118.002698 
_citation.pdbx_database_id_PubMed   29784877 
_citation.unpublished_flag          ? 
# 
loop_
_citation_author.citation_id 
_citation_author.name 
_citation_author.ordinal 
_citation_author.identifier_ORCID 
primary 'Yang, Y.' 1 ? 
primary 'Liu, F.'  2 ? 
primary 'Liu, A.'  3 ? 
# 
_cell.angle_alpha                  90.000 
_cell.angle_alpha_esd              ? 
_cell.angle_beta                   90.000 
_cell.angle_beta_esd               ? 
_cell.angle_gamma                  120.000 
_cell.angle_gamma_esd              ? 
_cell.entry_id                     6BVQ 
_cell.details                      ? 
_cell.formula_units_Z              ? 
_cell.length_a                     58.608 
_cell.length_a_esd                 ? 
_cell.length_b                     58.608 
_cell.length_b_esd                 ? 
_cell.length_c                     236.316 
_cell.length_c_esd                 ? 
_cell.volume                       ? 
_cell.volume_esd                   ? 
_cell.Z_PDB                        12 
_cell.reciprocal_angle_alpha       ? 
_cell.reciprocal_angle_beta        ? 
_cell.reciprocal_angle_gamma       ? 
_cell.reciprocal_angle_alpha_esd   ? 
_cell.reciprocal_angle_beta_esd    ? 
_cell.reciprocal_angle_gamma_esd   ? 
_cell.reciprocal_length_a          ? 
_cell.reciprocal_length_b          ? 
_cell.reciprocal_length_c          ? 
_cell.reciprocal_length_a_esd      ? 
_cell.reciprocal_length_b_esd      ? 
_cell.reciprocal_length_c_esd      ? 
_cell.pdbx_unique_axis             ? 
# 
_symmetry.entry_id                         6BVQ 
_symmetry.cell_setting                     ? 
_symmetry.Int_Tables_number                179 
_symmetry.space_group_name_Hall            ? 
_symmetry.space_group_name_H-M             'P 65 2 2' 
_symmetry.pdbx_full_space_group_name_H-M   ? 
# 
loop_
_entity.id 
_entity.type 
_entity.src_method 
_entity.pdbx_description 
_entity.formula_weight 
_entity.pdbx_number_of_molecules 
_entity.pdbx_ec 
_entity.pdbx_mutation 
_entity.pdbx_fragment 
_entity.details 
1 polymer     man '3-hydroxyanthranilate 3,4-dioxygenase'  22547.352 1  1.13.11.6 N27A ? ? 
2 non-polymer syn 'FE (II) ION'                            55.845    2  ?         ?    ? ? 
3 non-polymer syn '4-CHLORO-3-HYDROXYANTHRANILIC ACID'     187.580   1  ?         ?    ? ? 
4 non-polymer syn 2-AMINO-2-HYDROXYMETHYL-PROPANE-1,3-DIOL 122.143   1  ?         ?    ? ? 
5 water       nat water                                    18.015    96 ?         ?    ? ? 
# 
_entity_name_com.entity_id   1 
_entity_name_com.name        '3-hydroxyanthranilate oxygenase,3-HAO,3-hydroxyanthranilic acid dioxygenase,HAD' 
# 
_entity_poly.entity_id                      1 
_entity_poly.type                           'polypeptide(L)' 
_entity_poly.nstd_linkage                   no 
_entity_poly.nstd_monomer                   no 
_entity_poly.pdbx_seq_one_letter_code       
;MGHHHHHHHHHHSSGHIEGRHMLTYGAPFNFPRWIDEHAHLLKPPVGARQVWQDSDFIVTVVGGPNHRTDYHDDPLEEFF
YQLRGNAYLNLWVDGRRERADLKEGDIFLLPPHVRHSPQRPEAGSACLVIERQRPAGMLDGFEWYCDACGHLVHRVEVQL
KSIVTDLPPLFESFYASEDKRRCPHCGQVHPGRAA
;
_entity_poly.pdbx_seq_one_letter_code_can   
;MGHHHHHHHHHHSSGHIEGRHMLTYGAPFNFPRWIDEHAHLLKPPVGARQVWQDSDFIVTVVGGPNHRTDYHDDPLEEFF
YQLRGNAYLNLWVDGRRERADLKEGDIFLLPPHVRHSPQRPEAGSACLVIERQRPAGMLDGFEWYCDACGHLVHRVEVQL
KSIVTDLPPLFESFYASEDKRRCPHCGQVHPGRAA
;
_entity_poly.pdbx_strand_id                 A 
_entity_poly.pdbx_target_identifier         ? 
# 
loop_
_entity_poly_seq.entity_id 
_entity_poly_seq.num 
_entity_poly_seq.mon_id 
_entity_poly_seq.hetero 
1 1   MET n 
1 2   GLY n 
1 3   HIS n 
1 4   HIS n 
1 5   HIS n 
1 6   HIS n 
1 7   HIS n 
1 8   HIS n 
1 9   HIS n 
1 10  HIS n 
1 11  HIS n 
1 12  HIS n 
1 13  SER n 
1 14  SER n 
1 15  GLY n 
1 16  HIS n 
1 17  ILE n 
1 18  GLU n 
1 19  GLY n 
1 20  ARG n 
1 21  HIS n 
1 22  MET n 
1 23  LEU n 
1 24  THR n 
1 25  TYR n 
1 26  GLY n 
1 27  ALA n 
1 28  PRO n 
1 29  PHE n 
1 30  ASN n 
1 31  PHE n 
1 32  PRO n 
1 33  ARG n 
1 34  TRP n 
1 35  ILE n 
1 36  ASP n 
1 37  GLU n 
1 38  HIS n 
1 39  ALA n 
1 40  HIS n 
1 41  LEU n 
1 42  LEU n 
1 43  LYS n 
1 44  PRO n 
1 45  PRO n 
1 46  VAL n 
1 47  GLY n 
1 48  ALA n 
1 49  ARG n 
1 50  GLN n 
1 51  VAL n 
1 52  TRP n 
1 53  GLN n 
1 54  ASP n 
1 55  SER n 
1 56  ASP n 
1 57  PHE n 
1 58  ILE n 
1 59  VAL n 
1 60  THR n 
1 61  VAL n 
1 62  VAL n 
1 63  GLY n 
1 64  GLY n 
1 65  PRO n 
1 66  ASN n 
1 67  HIS n 
1 68  ARG n 
1 69  THR n 
1 70  ASP n 
1 71  TYR n 
1 72  HIS n 
1 73  ASP n 
1 74  ASP n 
1 75  PRO n 
1 76  LEU n 
1 77  GLU n 
1 78  GLU n 
1 79  PHE n 
1 80  PHE n 
1 81  TYR n 
1 82  GLN n 
1 83  LEU n 
1 84  ARG n 
1 85  GLY n 
1 86  ASN n 
1 87  ALA n 
1 88  TYR n 
1 89  LEU n 
1 90  ASN n 
1 91  LEU n 
1 92  TRP n 
1 93  VAL n 
1 94  ASP n 
1 95  GLY n 
1 96  ARG n 
1 97  ARG n 
1 98  GLU n 
1 99  ARG n 
1 100 ALA n 
1 101 ASP n 
1 102 LEU n 
1 103 LYS n 
1 104 GLU n 
1 105 GLY n 
1 106 ASP n 
1 107 ILE n 
1 108 PHE n 
1 109 LEU n 
1 110 LEU n 
1 111 PRO n 
1 112 PRO n 
1 113 HIS n 
1 114 VAL n 
1 115 ARG n 
1 116 HIS n 
1 117 SER n 
1 118 PRO n 
1 119 GLN n 
1 120 ARG n 
1 121 PRO n 
1 122 GLU n 
1 123 ALA n 
1 124 GLY n 
1 125 SER n 
1 126 ALA n 
1 127 CYS n 
1 128 LEU n 
1 129 VAL n 
1 130 ILE n 
1 131 GLU n 
1 132 ARG n 
1 133 GLN n 
1 134 ARG n 
1 135 PRO n 
1 136 ALA n 
1 137 GLY n 
1 138 MET n 
1 139 LEU n 
1 140 ASP n 
1 141 GLY n 
1 142 PHE n 
1 143 GLU n 
1 144 TRP n 
1 145 TYR n 
1 146 CYS n 
1 147 ASP n 
1 148 ALA n 
1 149 CYS n 
1 150 GLY n 
1 151 HIS n 
1 152 LEU n 
1 153 VAL n 
1 154 HIS n 
1 155 ARG n 
1 156 VAL n 
1 157 GLU n 
1 158 VAL n 
1 159 GLN n 
1 160 LEU n 
1 161 LYS n 
1 162 SER n 
1 163 ILE n 
1 164 VAL n 
1 165 THR n 
1 166 ASP n 
1 167 LEU n 
1 168 PRO n 
1 169 PRO n 
1 170 LEU n 
1 171 PHE n 
1 172 GLU n 
1 173 SER n 
1 174 PHE n 
1 175 TYR n 
1 176 ALA n 
1 177 SER n 
1 178 GLU n 
1 179 ASP n 
1 180 LYS n 
1 181 ARG n 
1 182 ARG n 
1 183 CYS n 
1 184 PRO n 
1 185 HIS n 
1 186 CYS n 
1 187 GLY n 
1 188 GLN n 
1 189 VAL n 
1 190 HIS n 
1 191 PRO n 
1 192 GLY n 
1 193 ARG n 
1 194 ALA n 
1 195 ALA n 
# 
_entity_src_gen.entity_id                          1 
_entity_src_gen.pdbx_src_id                        1 
_entity_src_gen.pdbx_alt_source_flag               sample 
_entity_src_gen.pdbx_seq_type                      'Biological sequence' 
_entity_src_gen.pdbx_beg_seq_num                   1 
_entity_src_gen.pdbx_end_seq_num                   195 
_entity_src_gen.gene_src_common_name               'Ralstonia metallidurans' 
_entity_src_gen.gene_src_genus                     ? 
_entity_src_gen.pdbx_gene_src_gene                 'nbaC, Rmet_5193' 
_entity_src_gen.gene_src_species                   ? 
_entity_src_gen.gene_src_strain                    ? 
_entity_src_gen.gene_src_tissue                    ? 
_entity_src_gen.gene_src_tissue_fraction           ? 
_entity_src_gen.gene_src_details                   ? 
_entity_src_gen.pdbx_gene_src_fragment             ? 
_entity_src_gen.pdbx_gene_src_scientific_name      'Cupriavidus metallidurans' 
_entity_src_gen.pdbx_gene_src_ncbi_taxonomy_id     119219 
_entity_src_gen.pdbx_gene_src_variant              ? 
_entity_src_gen.pdbx_gene_src_cell_line            ? 
_entity_src_gen.pdbx_gene_src_atcc                 ? 
_entity_src_gen.pdbx_gene_src_organ                ? 
_entity_src_gen.pdbx_gene_src_organelle            ? 
_entity_src_gen.pdbx_gene_src_cell                 ? 
_entity_src_gen.pdbx_gene_src_cellular_location    ? 
_entity_src_gen.host_org_common_name               ? 
_entity_src_gen.pdbx_host_org_scientific_name      'Escherichia coli BL21(DE3)' 
_entity_src_gen.pdbx_host_org_ncbi_taxonomy_id     469008 
_entity_src_gen.host_org_genus                     ? 
_entity_src_gen.pdbx_host_org_gene                 ? 
_entity_src_gen.pdbx_host_org_organ                ? 
_entity_src_gen.host_org_species                   ? 
_entity_src_gen.pdbx_host_org_tissue               ? 
_entity_src_gen.pdbx_host_org_tissue_fraction      ? 
_entity_src_gen.pdbx_host_org_strain               ? 
_entity_src_gen.pdbx_host_org_variant              ? 
_entity_src_gen.pdbx_host_org_cell_line            ? 
_entity_src_gen.pdbx_host_org_atcc                 ? 
_entity_src_gen.pdbx_host_org_culture_collection   ? 
_entity_src_gen.pdbx_host_org_cell                 ? 
_entity_src_gen.pdbx_host_org_organelle            ? 
_entity_src_gen.pdbx_host_org_cellular_location    ? 
_entity_src_gen.pdbx_host_org_vector_type          ? 
_entity_src_gen.pdbx_host_org_vector               ? 
_entity_src_gen.host_org_details                   ? 
_entity_src_gen.expression_system_id               ? 
_entity_src_gen.plasmid_name                       ? 
_entity_src_gen.plasmid_details                    ? 
_entity_src_gen.pdbx_description                   ? 
# 
_struct_ref.id                         1 
_struct_ref.db_name                    UNP 
_struct_ref.db_code                    3HAO_CUPMC 
_struct_ref.pdbx_db_accession          Q1LCS4 
_struct_ref.pdbx_db_isoform            ? 
_struct_ref.entity_id                  1 
_struct_ref.pdbx_seq_one_letter_code   
;MLTYGAPFNFPRWIDEHAHLLKPPVGNRQVWQDSDFIVTVVGGPNHRTDYHDDPLEEFFYQLRGNAYLNLWVDGRRERAD
LKEGDIFLLPPHVRHSPQRPEAGSACLVIERQRPAGMLDGFEWYCDACGHLVHRVEVQLKSIVTDLPPLFESFYASEDKR
RCPHCGQVHPGRAA
;
_struct_ref.pdbx_align_begin           1 
# 
_struct_ref_seq.align_id                      1 
_struct_ref_seq.ref_id                        1 
_struct_ref_seq.pdbx_PDB_id_code              6BVQ 
_struct_ref_seq.pdbx_strand_id                A 
_struct_ref_seq.seq_align_beg                 22 
_struct_ref_seq.pdbx_seq_align_beg_ins_code   ? 
_struct_ref_seq.seq_align_end                 195 
_struct_ref_seq.pdbx_seq_align_end_ins_code   ? 
_struct_ref_seq.pdbx_db_accession             Q1LCS4 
_struct_ref_seq.db_align_beg                  1 
_struct_ref_seq.pdbx_db_align_beg_ins_code    ? 
_struct_ref_seq.db_align_end                  174 
_struct_ref_seq.pdbx_db_align_end_ins_code    ? 
_struct_ref_seq.pdbx_auth_seq_align_beg       1 
_struct_ref_seq.pdbx_auth_seq_align_end       174 
# 
loop_
_struct_ref_seq_dif.align_id 
_struct_ref_seq_dif.pdbx_pdb_id_code 
_struct_ref_seq_dif.mon_id 
_struct_ref_seq_dif.pdbx_pdb_strand_id 
_struct_ref_seq_dif.seq_num 
_struct_ref_seq_dif.pdbx_pdb_ins_code 
_struct_ref_seq_dif.pdbx_seq_db_name 
_struct_ref_seq_dif.pdbx_seq_db_accession_code 
_struct_ref_seq_dif.db_mon_id 
_struct_ref_seq_dif.pdbx_seq_db_seq_num 
_struct_ref_seq_dif.details 
_struct_ref_seq_dif.pdbx_auth_seq_num 
_struct_ref_seq_dif.pdbx_ordinal 
1 6BVQ MET A 1  ? UNP Q1LCS4 ?   ?  'expression tag'      -20 1  
1 6BVQ GLY A 2  ? UNP Q1LCS4 ?   ?  'expression tag'      -19 2  
1 6BVQ HIS A 3  ? UNP Q1LCS4 ?   ?  'expression tag'      -18 3  
1 6BVQ HIS A 4  ? UNP Q1LCS4 ?   ?  'expression tag'      -17 4  
1 6BVQ HIS A 5  ? UNP Q1LCS4 ?   ?  'expression tag'      -16 5  
1 6BVQ HIS A 6  ? UNP Q1LCS4 ?   ?  'expression tag'      -15 6  
1 6BVQ HIS A 7  ? UNP Q1LCS4 ?   ?  'expression tag'      -14 7  
1 6BVQ HIS A 8  ? UNP Q1LCS4 ?   ?  'expression tag'      -13 8  
1 6BVQ HIS A 9  ? UNP Q1LCS4 ?   ?  'expression tag'      -12 9  
1 6BVQ HIS A 10 ? UNP Q1LCS4 ?   ?  'expression tag'      -11 10 
1 6BVQ HIS A 11 ? UNP Q1LCS4 ?   ?  'expression tag'      -10 11 
1 6BVQ HIS A 12 ? UNP Q1LCS4 ?   ?  'expression tag'      -9  12 
1 6BVQ SER A 13 ? UNP Q1LCS4 ?   ?  'expression tag'      -8  13 
1 6BVQ SER A 14 ? UNP Q1LCS4 ?   ?  'expression tag'      -7  14 
1 6BVQ GLY A 15 ? UNP Q1LCS4 ?   ?  'expression tag'      -6  15 
1 6BVQ HIS A 16 ? UNP Q1LCS4 ?   ?  'expression tag'      -5  16 
1 6BVQ ILE A 17 ? UNP Q1LCS4 ?   ?  'expression tag'      -4  17 
1 6BVQ GLU A 18 ? UNP Q1LCS4 ?   ?  'expression tag'      -3  18 
1 6BVQ GLY A 19 ? UNP Q1LCS4 ?   ?  'expression tag'      -2  19 
1 6BVQ ARG A 20 ? UNP Q1LCS4 ?   ?  'expression tag'      -1  20 
1 6BVQ HIS A 21 ? UNP Q1LCS4 ?   ?  'expression tag'      0   21 
1 6BVQ ALA A 48 ? UNP Q1LCS4 ASN 27 'engineered mutation' 27  22 
# 
loop_
_chem_comp.id 
_chem_comp.type 
_chem_comp.mon_nstd_flag 
_chem_comp.name 
_chem_comp.pdbx_synonyms 
_chem_comp.formula 
_chem_comp.formula_weight 
4AA non-polymer         . '4-CHLORO-3-HYDROXYANTHRANILIC ACID'     '2-AMINO-4-CHLORO-3-HYDROXYBENZOIC ACID' 'C7 H6 Cl N O3'  
187.580 
ALA 'L-peptide linking' y ALANINE                                  ?                                        'C3 H7 N O2'     
89.093  
ARG 'L-peptide linking' y ARGININE                                 ?                                        'C6 H15 N4 O2 1' 
175.209 
ASN 'L-peptide linking' y ASPARAGINE                               ?                                        'C4 H8 N2 O3'    
132.118 
ASP 'L-peptide linking' y 'ASPARTIC ACID'                          ?                                        'C4 H7 N O4'     
133.103 
CYS 'L-peptide linking' y CYSTEINE                                 ?                                        'C3 H7 N O2 S'   
121.158 
FE2 non-polymer         . 'FE (II) ION'                            ?                                        'Fe 2'           
55.845  
GLN 'L-peptide linking' y GLUTAMINE                                ?                                        'C5 H10 N2 O3'   
146.144 
GLU 'L-peptide linking' y 'GLUTAMIC ACID'                          ?                                        'C5 H9 N O4'     
147.129 
GLY 'peptide linking'   y GLYCINE                                  ?                                        'C2 H5 N O2'     
75.067  
HIS 'L-peptide linking' y HISTIDINE                                ?                                        'C6 H10 N3 O2 1' 
156.162 
HOH non-polymer         . WATER                                    ?                                        'H2 O'           
18.015  
ILE 'L-peptide linking' y ISOLEUCINE                               ?                                        'C6 H13 N O2'    
131.173 
LEU 'L-peptide linking' y LEUCINE                                  ?                                        'C6 H13 N O2'    
131.173 
LYS 'L-peptide linking' y LYSINE                                   ?                                        'C6 H15 N2 O2 1' 
147.195 
MET 'L-peptide linking' y METHIONINE                               ?                                        'C5 H11 N O2 S'  
149.211 
PHE 'L-peptide linking' y PHENYLALANINE                            ?                                        'C9 H11 N O2'    
165.189 
PRO 'L-peptide linking' y PROLINE                                  ?                                        'C5 H9 N O2'     
115.130 
SER 'L-peptide linking' y SERINE                                   ?                                        'C3 H7 N O3'     
105.093 
THR 'L-peptide linking' y THREONINE                                ?                                        'C4 H9 N O3'     
119.119 
TRP 'L-peptide linking' y TRYPTOPHAN                               ?                                        'C11 H12 N2 O2'  
204.225 
TRS non-polymer         . 2-AMINO-2-HYDROXYMETHYL-PROPANE-1,3-DIOL 'TRIS BUFFER'                            'C4 H12 N O3 1'  
122.143 
TYR 'L-peptide linking' y TYROSINE                                 ?                                        'C9 H11 N O3'    
181.189 
VAL 'L-peptide linking' y VALINE                                   ?                                        'C5 H11 N O2'    
117.146 
# 
_exptl.absorpt_coefficient_mu     ? 
_exptl.absorpt_correction_T_max   ? 
_exptl.absorpt_correction_T_min   ? 
_exptl.absorpt_correction_type    ? 
_exptl.absorpt_process_details    ? 
_exptl.entry_id                   6BVQ 
_exptl.crystals_number            1 
_exptl.details                    ? 
_exptl.method                     'X-RAY DIFFRACTION' 
_exptl.method_details             ? 
# 
_exptl_crystal.colour                      ? 
_exptl_crystal.density_diffrn              ? 
_exptl_crystal.density_Matthews            2.60 
_exptl_crystal.density_method              ? 
_exptl_crystal.density_percent_sol         52.66 
_exptl_crystal.description                 ? 
_exptl_crystal.F_000                       ? 
_exptl_crystal.id                          1 
_exptl_crystal.preparation                 ? 
_exptl_crystal.size_max                    ? 
_exptl_crystal.size_mid                    ? 
_exptl_crystal.size_min                    ? 
_exptl_crystal.size_rad                    ? 
_exptl_crystal.colour_lustre               ? 
_exptl_crystal.colour_modifier             ? 
_exptl_crystal.colour_primary              ? 
_exptl_crystal.density_meas                ? 
_exptl_crystal.density_meas_esd            ? 
_exptl_crystal.density_meas_gt             ? 
_exptl_crystal.density_meas_lt             ? 
_exptl_crystal.density_meas_temp           ? 
_exptl_crystal.density_meas_temp_esd       ? 
_exptl_crystal.density_meas_temp_gt        ? 
_exptl_crystal.density_meas_temp_lt        ? 
_exptl_crystal.pdbx_crystal_image_url      ? 
_exptl_crystal.pdbx_crystal_image_format   ? 
_exptl_crystal.pdbx_mosaicity              ? 
_exptl_crystal.pdbx_mosaicity_esd          ? 
# 
_exptl_crystal_grow.apparatus       ? 
_exptl_crystal_grow.atmosphere      ? 
_exptl_crystal_grow.crystal_id      1 
_exptl_crystal_grow.details         ? 
_exptl_crystal_grow.method          'VAPOR DIFFUSION, HANGING DROP' 
_exptl_crystal_grow.method_ref      ? 
_exptl_crystal_grow.pH              8.5 
_exptl_crystal_grow.pressure        ? 
_exptl_crystal_grow.pressure_esd    ? 
_exptl_crystal_grow.seeding         ? 
_exptl_crystal_grow.seeding_ref     ? 
_exptl_crystal_grow.temp            291 
_exptl_crystal_grow.temp_details    ? 
_exptl_crystal_grow.temp_esd        ? 
_exptl_crystal_grow.time            ? 
_exptl_crystal_grow.pdbx_details    'PEG 8000 15%, 0.1M Tris-HCl, 0.2 M MgCl2, pH 8.5' 
_exptl_crystal_grow.pdbx_pH_range   ? 
# 
_diffrn.ambient_environment    ? 
_diffrn.ambient_temp           100 
_diffrn.ambient_temp_details   ? 
_diffrn.ambient_temp_esd       ? 
_diffrn.crystal_id             1 
_diffrn.crystal_support        ? 
_diffrn.crystal_treatment      ? 
_diffrn.details                ? 
_diffrn.id                     1 
_diffrn.ambient_pressure       ? 
_diffrn.ambient_pressure_esd   ? 
_diffrn.ambient_pressure_gt    ? 
_diffrn.ambient_pressure_lt    ? 
_diffrn.ambient_temp_gt        ? 
_diffrn.ambient_temp_lt        ? 
# 
_diffrn_detector.details                      ? 
_diffrn_detector.detector                     PIXEL 
_diffrn_detector.diffrn_id                    1 
_diffrn_detector.type                         'DECTRIS PILATUS3 6M' 
_diffrn_detector.area_resol_mean              ? 
_diffrn_detector.dtime                        ? 
_diffrn_detector.pdbx_frames_total            ? 
_diffrn_detector.pdbx_collection_time_total   ? 
_diffrn_detector.pdbx_collection_date         2017-08-12 
# 
_diffrn_radiation.collimation                      ? 
_diffrn_radiation.diffrn_id                        1 
_diffrn_radiation.filter_edge                      ? 
_diffrn_radiation.inhomogeneity                    ? 
_diffrn_radiation.monochromator                    ? 
_diffrn_radiation.polarisn_norm                    ? 
_diffrn_radiation.polarisn_ratio                   ? 
_diffrn_radiation.probe                            ? 
_diffrn_radiation.type                             ? 
_diffrn_radiation.xray_symbol                      ? 
_diffrn_radiation.wavelength_id                    1 
_diffrn_radiation.pdbx_monochromatic_or_laue_m_l   M 
_diffrn_radiation.pdbx_wavelength_list             ? 
_diffrn_radiation.pdbx_wavelength                  ? 
_diffrn_radiation.pdbx_diffrn_protocol             'SINGLE WAVELENGTH' 
_diffrn_radiation.pdbx_analyzer                    ? 
_diffrn_radiation.pdbx_scattering_type             x-ray 
# 
_diffrn_radiation_wavelength.id           1 
_diffrn_radiation_wavelength.wavelength   0.97918 
_diffrn_radiation_wavelength.wt           1.0 
# 
_diffrn_source.current                     ? 
_diffrn_source.details                     ? 
_diffrn_source.diffrn_id                   1 
_diffrn_source.power                       ? 
_diffrn_source.size                        ? 
_diffrn_source.source                      SYNCHROTRON 
_diffrn_source.target                      ? 
_diffrn_source.type                        'APS BEAMLINE 19-ID' 
_diffrn_source.voltage                     ? 
_diffrn_source.take-off_angle              ? 
_diffrn_source.pdbx_wavelength_list        0.97918 
_diffrn_source.pdbx_wavelength             ? 
_diffrn_source.pdbx_synchrotron_beamline   19-ID 
_diffrn_source.pdbx_synchrotron_site       APS 
# 
_reflns.B_iso_Wilson_estimate            39.580 
_reflns.entry_id                         6BVQ 
_reflns.data_reduction_details           ? 
_reflns.data_reduction_method            ? 
_reflns.d_resolution_high                2.084 
_reflns.d_resolution_low                 50.000 
_reflns.details                          ? 
_reflns.limit_h_max                      ? 
_reflns.limit_h_min                      ? 
_reflns.limit_k_max                      ? 
_reflns.limit_k_min                      ? 
_reflns.limit_l_max                      ? 
_reflns.limit_l_min                      ? 
_reflns.number_all                       ? 
_reflns.number_obs                       14268 
_reflns.observed_criterion               ? 
_reflns.observed_criterion_F_max         ? 
_reflns.observed_criterion_F_min         ? 
_reflns.observed_criterion_I_max         ? 
_reflns.observed_criterion_I_min         ? 
_reflns.observed_criterion_sigma_F       ? 
_reflns.observed_criterion_sigma_I       ? 
_reflns.percent_possible_obs             94.300 
_reflns.R_free_details                   ? 
_reflns.Rmerge_F_all                     ? 
_reflns.Rmerge_F_obs                     ? 
_reflns.Friedel_coverage                 ? 
_reflns.number_gt                        ? 
_reflns.threshold_expression             ? 
_reflns.pdbx_redundancy                  28.700 
_reflns.pdbx_Rmerge_I_obs                0.236 
_reflns.pdbx_Rmerge_I_all                ? 
_reflns.pdbx_Rsym_value                  ? 
_reflns.pdbx_netI_over_av_sigmaI         ? 
_reflns.pdbx_netI_over_sigmaI            6.600 
_reflns.pdbx_res_netI_over_av_sigmaI_2   ? 
_reflns.pdbx_res_netI_over_sigmaI_2      ? 
_reflns.pdbx_chi_squared                 1.059 
_reflns.pdbx_scaling_rejects             ? 
_reflns.pdbx_d_res_high_opt              ? 
_reflns.pdbx_d_res_low_opt               ? 
_reflns.pdbx_d_res_opt_method            ? 
_reflns.phase_calculation_details        ? 
_reflns.pdbx_Rrim_I_all                  ? 
_reflns.pdbx_Rpim_I_all                  ? 
_reflns.pdbx_d_opt                       ? 
_reflns.pdbx_number_measured_all         ? 
_reflns.pdbx_diffrn_id                   1 
_reflns.pdbx_ordinal                     1 
_reflns.pdbx_CC_half                     ? 
_reflns.pdbx_R_split                     ? 
# 
loop_
_reflns_shell.d_res_high 
_reflns_shell.d_res_low 
_reflns_shell.meanI_over_sigI_all 
_reflns_shell.meanI_over_sigI_obs 
_reflns_shell.number_measured_all 
_reflns_shell.number_measured_obs 
_reflns_shell.number_possible 
_reflns_shell.number_unique_all 
_reflns_shell.number_unique_obs 
_reflns_shell.percent_possible_all 
_reflns_shell.percent_possible_obs 
_reflns_shell.Rmerge_F_all 
_reflns_shell.Rmerge_F_obs 
_reflns_shell.Rmerge_I_all 
_reflns_shell.Rmerge_I_obs 
_reflns_shell.meanI_over_sigI_gt 
_reflns_shell.meanI_over_uI_all 
_reflns_shell.meanI_over_uI_gt 
_reflns_shell.number_measured_gt 
_reflns_shell.number_unique_gt 
_reflns_shell.percent_possible_gt 
_reflns_shell.Rmerge_F_gt 
_reflns_shell.Rmerge_I_gt 
_reflns_shell.pdbx_redundancy 
_reflns_shell.pdbx_Rsym_value 
_reflns_shell.pdbx_chi_squared 
_reflns_shell.pdbx_netI_over_sigmaI_all 
_reflns_shell.pdbx_netI_over_sigmaI_obs 
_reflns_shell.pdbx_Rrim_I_all 
_reflns_shell.pdbx_Rpim_I_all 
_reflns_shell.pdbx_rejects 
_reflns_shell.pdbx_ordinal 
_reflns_shell.pdbx_diffrn_id 
_reflns_shell.pdbx_CC_half 
_reflns_shell.pdbx_R_split 
2.100 2.180  ? ? ? ? ? ? 1466 100.000 ? ? ? ? 0.394 ? ? ? ? ? ? ? ? 31.400 ? 0.839 ? ? ? ? ? 1  1 ? ? 
2.180 2.260  ? ? ? ? ? ? 1455 99.900  ? ? ? ? 0.372 ? ? ? ? ? ? ? ? 30.500 ? 1.081 ? ? ? ? ? 2  1 ? ? 
2.260 2.370  ? ? ? ? ? ? 1464 99.600  ? ? ? ? 0.354 ? ? ? ? ? ? ? ? 32.800 ? 1.164 ? ? ? ? ? 3  1 ? ? 
2.370 2.490  ? ? ? ? ? ? 1455 100.000 ? ? ? ? 0.306 ? ? ? ? ? ? ? ? 33.800 ? 1.038 ? ? ? ? ? 4  1 ? ? 
2.490 2.650  ? ? ? ? ? ? 1467 99.800  ? ? ? ? 0.290 ? ? ? ? ? ? ? ? 33.600 ? 1.120 ? ? ? ? ? 5  1 ? ? 
2.650 2.850  ? ? ? ? ? ? 1494 99.700  ? ? ? ? 0.280 ? ? ? ? ? ? ? ? 28.000 ? 1.198 ? ? ? ? ? 6  1 ? ? 
2.850 3.140  ? ? ? ? ? ? 1479 98.500  ? ? ? ? 0.260 ? ? ? ? ? ? ? ? 31.900 ? 1.140 ? ? ? ? ? 7  1 ? ? 
3.140 3.590  ? ? ? ? ? ? 1295 85.600  ? ? ? ? 0.247 ? ? ? ? ? ? ? ? 22.100 ? 1.157 ? ? ? ? ? 8  1 ? ? 
3.590 4.520  ? ? ? ? ? ? 1111 70.600  ? ? ? ? 0.227 ? ? ? ? ? ? ? ? 15.700 ? 1.058 ? ? ? ? ? 9  1 ? ? 
4.520 50.000 ? ? ? ? ? ? 1582 91.400  ? ? ? ? 0.203 ? ? ? ? ? ? ? ? 23.400 ? 0.777 ? ? ? ? ? 10 1 ? ? 
# 
_refine.aniso_B[1][1]                            ? 
_refine.aniso_B[1][2]                            ? 
_refine.aniso_B[1][3]                            ? 
_refine.aniso_B[2][2]                            ? 
_refine.aniso_B[2][3]                            ? 
_refine.aniso_B[3][3]                            ? 
_refine.B_iso_max                                153.260 
_refine.B_iso_mean                               44.7565 
_refine.B_iso_min                                25.460 
_refine.correlation_coeff_Fo_to_Fc               ? 
_refine.correlation_coeff_Fo_to_Fc_free          ? 
_refine.details                                  ? 
_refine.diff_density_max                         ? 
_refine.diff_density_max_esd                     ? 
_refine.diff_density_min                         ? 
_refine.diff_density_min_esd                     ? 
_refine.diff_density_rms                         ? 
_refine.diff_density_rms_esd                     ? 
_refine.entry_id                                 6BVQ 
_refine.pdbx_refine_id                           'X-RAY DIFFRACTION' 
_refine.ls_abs_structure_details                 ? 
_refine.ls_abs_structure_Flack                   ? 
_refine.ls_abs_structure_Flack_esd               ? 
_refine.ls_abs_structure_Rogers                  ? 
_refine.ls_abs_structure_Rogers_esd              ? 
_refine.ls_d_res_high                            2.0840 
_refine.ls_d_res_low                             31.1160 
_refine.ls_extinction_coef                       ? 
_refine.ls_extinction_coef_esd                   ? 
_refine.ls_extinction_expression                 ? 
_refine.ls_extinction_method                     ? 
_refine.ls_goodness_of_fit_all                   ? 
_refine.ls_goodness_of_fit_all_esd               ? 
_refine.ls_goodness_of_fit_obs                   ? 
_refine.ls_goodness_of_fit_obs_esd               ? 
_refine.ls_hydrogen_treatment                    ? 
_refine.ls_matrix_type                           ? 
_refine.ls_number_constraints                    ? 
_refine.ls_number_parameters                     ? 
_refine.ls_number_reflns_all                     ? 
_refine.ls_number_reflns_obs                     14192 
_refine.ls_number_reflns_R_free                  1420 
_refine.ls_number_reflns_R_work                  ? 
_refine.ls_number_restraints                     ? 
_refine.ls_percent_reflns_obs                    92.6900 
_refine.ls_percent_reflns_R_free                 10.0100 
_refine.ls_R_factor_all                          ? 
_refine.ls_R_factor_obs                          0.2320 
_refine.ls_R_factor_R_free                       0.2671 
_refine.ls_R_factor_R_free_error                 ? 
_refine.ls_R_factor_R_free_error_details         ? 
_refine.ls_R_factor_R_work                       0.2281 
_refine.ls_R_Fsqd_factor_obs                     ? 
_refine.ls_R_I_factor_obs                        ? 
_refine.ls_redundancy_reflns_all                 ? 
_refine.ls_redundancy_reflns_obs                 ? 
_refine.ls_restrained_S_all                      ? 
_refine.ls_restrained_S_obs                      ? 
_refine.ls_shift_over_esd_max                    ? 
_refine.ls_shift_over_esd_mean                   ? 
_refine.ls_structure_factor_coef                 ? 
_refine.ls_weighting_details                     ? 
_refine.ls_weighting_scheme                      ? 
_refine.ls_wR_factor_all                         ? 
_refine.ls_wR_factor_obs                         ? 
_refine.ls_wR_factor_R_free                      ? 
_refine.ls_wR_factor_R_work                      ? 
_refine.occupancy_max                            ? 
_refine.occupancy_min                            ? 
_refine.solvent_model_details                    ? 
_refine.solvent_model_param_bsol                 ? 
_refine.solvent_model_param_ksol                 ? 
_refine.ls_R_factor_gt                           ? 
_refine.ls_goodness_of_fit_gt                    ? 
_refine.ls_goodness_of_fit_ref                   ? 
_refine.ls_shift_over_su_max                     ? 
_refine.ls_shift_over_su_max_lt                  ? 
_refine.ls_shift_over_su_mean                    ? 
_refine.ls_shift_over_su_mean_lt                 ? 
_refine.pdbx_ls_sigma_I                          ? 
_refine.pdbx_ls_sigma_F                          1.340 
_refine.pdbx_ls_sigma_Fsqd                       ? 
_refine.pdbx_data_cutoff_high_absF               ? 
_refine.pdbx_data_cutoff_high_rms_absF           ? 
_refine.pdbx_data_cutoff_low_absF                ? 
_refine.pdbx_isotropic_thermal_model             ? 
_refine.pdbx_ls_cross_valid_method               THROUGHOUT 
_refine.pdbx_method_to_determine_struct          'MOLECULAR REPLACEMENT' 
_refine.pdbx_starting_model                      1YFU 
_refine.pdbx_stereochemistry_target_values       ? 
_refine.pdbx_R_Free_selection_details            ? 
_refine.pdbx_stereochem_target_val_spec_case     ? 
_refine.pdbx_overall_ESU_R                       ? 
_refine.pdbx_overall_ESU_R_Free                  ? 
_refine.pdbx_solvent_vdw_probe_radii             1.1100 
_refine.pdbx_solvent_ion_probe_radii             ? 
_refine.pdbx_solvent_shrinkage_radii             0.9000 
_refine.pdbx_real_space_R                        ? 
_refine.pdbx_density_correlation                 ? 
_refine.pdbx_pd_number_of_powder_patterns        ? 
_refine.pdbx_pd_number_of_points                 ? 
_refine.pdbx_pd_meas_number_of_points            ? 
_refine.pdbx_pd_proc_ls_prof_R_factor            ? 
_refine.pdbx_pd_proc_ls_prof_wR_factor           ? 
_refine.pdbx_pd_Marquardt_correlation_coeff      ? 
_refine.pdbx_pd_Fsqrd_R_factor                   ? 
_refine.pdbx_pd_ls_matrix_band_width             ? 
_refine.pdbx_overall_phase_error                 27.7800 
_refine.pdbx_overall_SU_R_free_Cruickshank_DPI   ? 
_refine.pdbx_overall_SU_R_free_Blow_DPI          ? 
_refine.pdbx_overall_SU_R_Blow_DPI               ? 
_refine.pdbx_TLS_residual_ADP_flag               ? 
_refine.pdbx_diffrn_id                           1 
_refine.overall_SU_B                             ? 
_refine.overall_SU_ML                            0.2900 
_refine.overall_SU_R_Cruickshank_DPI             ? 
_refine.overall_SU_R_free                        ? 
_refine.overall_FOM_free_R_set                   ? 
_refine.overall_FOM_work_R_set                   ? 
_refine.pdbx_average_fsc_overall                 ? 
_refine.pdbx_average_fsc_work                    ? 
_refine.pdbx_average_fsc_free                    ? 
# 
_refine_hist.cycle_id                         final 
_refine_hist.pdbx_refine_id                   'X-RAY DIFFRACTION' 
_refine_hist.d_res_high                       2.0840 
_refine_hist.d_res_low                        31.1160 
_refine_hist.pdbx_number_atoms_ligand         22 
_refine_hist.number_atoms_solvent             99 
_refine_hist.number_atoms_total               1498 
_refine_hist.pdbx_number_residues_total       170 
_refine_hist.pdbx_B_iso_mean_ligand           51.69 
_refine_hist.pdbx_B_iso_mean_solvent          48.10 
_refine_hist.pdbx_number_atoms_protein        1377 
_refine_hist.pdbx_number_atoms_nucleic_acid   0 
# 
loop_
_refine_ls_restr.pdbx_refine_id 
_refine_ls_restr.criterion 
_refine_ls_restr.dev_ideal 
_refine_ls_restr.dev_ideal_target 
_refine_ls_restr.number 
_refine_ls_restr.rejects 
_refine_ls_restr.type 
_refine_ls_restr.weight 
_refine_ls_restr.pdbx_restraint_function 
'X-RAY DIFFRACTION' ? 0.011 ? 1448 ? f_bond_d           ? ? 
'X-RAY DIFFRACTION' ? 0.935 ? 1967 ? f_angle_d          ? ? 
'X-RAY DIFFRACTION' ? 0.057 ? 195  ? f_chiral_restr     ? ? 
'X-RAY DIFFRACTION' ? 0.006 ? 263  ? f_plane_restr      ? ? 
'X-RAY DIFFRACTION' ? 7.438 ? 838  ? f_dihedral_angle_d ? ? 
# 
loop_
_refine_ls_shell.pdbx_refine_id 
_refine_ls_shell.d_res_high 
_refine_ls_shell.d_res_low 
_refine_ls_shell.number_reflns_all 
_refine_ls_shell.number_reflns_obs 
_refine_ls_shell.number_reflns_R_free 
_refine_ls_shell.number_reflns_R_work 
_refine_ls_shell.percent_reflns_obs 
_refine_ls_shell.percent_reflns_R_free 
_refine_ls_shell.R_factor_all 
_refine_ls_shell.R_factor_obs 
_refine_ls_shell.R_factor_R_free 
_refine_ls_shell.R_factor_R_free_error 
_refine_ls_shell.R_factor_R_work 
_refine_ls_shell.redundancy_reflns_all 
_refine_ls_shell.redundancy_reflns_obs 
_refine_ls_shell.wR_factor_all 
_refine_ls_shell.wR_factor_obs 
_refine_ls_shell.wR_factor_R_free 
_refine_ls_shell.wR_factor_R_work 
_refine_ls_shell.pdbx_total_number_of_bins_used 
_refine_ls_shell.pdbx_phase_error 
_refine_ls_shell.pdbx_fsc_work 
_refine_ls_shell.pdbx_fsc_free 
'X-RAY DIFFRACTION' 2.0840 2.1585  1215 . 121 1094 82.0000  . . . 0.4058 0.0000 0.2724 . . . . . . 10 . . . 
'X-RAY DIFFRACTION' 2.1585 2.2449  1469 . 148 1321 100.0000 . . . 0.2903 0.0000 0.2567 . . . . . . 10 . . . 
'X-RAY DIFFRACTION' 2.2449 2.3470  1493 . 149 1344 100.0000 . . . 0.3343 0.0000 0.2621 . . . . . . 10 . . . 
'X-RAY DIFFRACTION' 2.3470 2.4707  1481 . 148 1333 100.0000 . . . 0.3415 0.0000 0.2439 . . . . . . 10 . . . 
'X-RAY DIFFRACTION' 2.4707 2.6254  1483 . 149 1334 100.0000 . . . 0.3513 0.0000 0.2471 . . . . . . 10 . . . 
'X-RAY DIFFRACTION' 2.6254 2.8280  1521 . 151 1370 100.0000 . . . 0.2826 0.0000 0.2360 . . . . . . 10 . . . 
'X-RAY DIFFRACTION' 2.8280 3.1124  1500 . 150 1350 99.0000  . . . 0.3038 0.0000 0.2500 . . . . . . 10 . . . 
'X-RAY DIFFRACTION' 3.1124 3.5622  1325 . 133 1192 86.0000  . . . 0.2684 0.0000 0.2475 . . . . . . 10 . . . 
'X-RAY DIFFRACTION' 3.5622 4.4859  1130 . 113 1017 71.0000  . . . 0.2454 0.0000 0.2174 . . . . . . 10 . . . 
'X-RAY DIFFRACTION' 4.4859 31.1199 1575 . 158 1417 92.0000  . . . 0.2072 0.0000 0.1940 . . . . . . 10 . . . 
# 
_struct.entry_id                     6BVQ 
_struct.title                        
'Crystal structure of 3-hydroxyanthranilate-3,4-dioxygenase N27A from Cupriavidus metallidurans in complex with 4-Cl-3-HAA' 
_struct.pdbx_model_details           ? 
_struct.pdbx_formula_weight          ? 
_struct.pdbx_formula_weight_method   ? 
_struct.pdbx_model_type_details      ? 
_struct.pdbx_CASP_flag               N 
# 
_struct_keywords.entry_id        6BVQ 
_struct_keywords.text            'Complex structure, Dioxygenase, Mutant N27A, OXIDOREDUCTASE' 
_struct_keywords.pdbx_keywords   OXIDOREDUCTASE 
# 
loop_
_struct_asym.id 
_struct_asym.pdbx_blank_PDB_chainid_flag 
_struct_asym.pdbx_modified 
_struct_asym.entity_id 
_struct_asym.details 
A N N 1 ? 
B N N 2 ? 
C N N 2 ? 
D N N 3 ? 
E N N 4 ? 
F N N 5 ? 
# 
loop_
_struct_conf.conf_type_id 
_struct_conf.id 
_struct_conf.pdbx_PDB_helix_id 
_struct_conf.beg_label_comp_id 
_struct_conf.beg_label_asym_id 
_struct_conf.beg_label_seq_id 
_struct_conf.pdbx_beg_PDB_ins_code 
_struct_conf.end_label_comp_id 
_struct_conf.end_label_asym_id 
_struct_conf.end_label_seq_id 
_struct_conf.pdbx_end_PDB_ins_code 
_struct_conf.beg_auth_comp_id 
_struct_conf.beg_auth_asym_id 
_struct_conf.beg_auth_seq_id 
_struct_conf.end_auth_comp_id 
_struct_conf.end_auth_asym_id 
_struct_conf.end_auth_seq_id 
_struct_conf.pdbx_PDB_helix_class 
_struct_conf.details 
_struct_conf.pdbx_PDB_helix_length 
HELX_P HELX_P1 AA1 ASN A 30  ? HIS A 38  ? ASN A 9   HIS A 17  1 ? 9  
HELX_P HELX_P2 AA2 ALA A 39  ? LEU A 42  ? ALA A 18  LEU A 21  5 ? 4  
HELX_P HELX_P3 AA3 SER A 162 ? LEU A 167 ? SER A 141 LEU A 146 1 ? 6  
HELX_P HELX_P4 AA4 LEU A 167 ? SER A 177 ? LEU A 146 SER A 156 1 ? 11 
HELX_P HELX_P5 AA5 SER A 177 ? ARG A 182 ? SER A 156 ARG A 161 1 ? 6  
# 
_struct_conf_type.id          HELX_P 
_struct_conf_type.criteria    ? 
_struct_conf_type.reference   ? 
# 
loop_
_struct_conn.id 
_struct_conn.conn_type_id 
_struct_conn.pdbx_leaving_atom_flag 
_struct_conn.pdbx_PDB_id 
_struct_conn.ptnr1_label_asym_id 
_struct_conn.ptnr1_label_comp_id 
_struct_conn.ptnr1_label_seq_id 
_struct_conn.ptnr1_label_atom_id 
_struct_conn.pdbx_ptnr1_label_alt_id 
_struct_conn.pdbx_ptnr1_PDB_ins_code 
_struct_conn.pdbx_ptnr1_standard_comp_id 
_struct_conn.ptnr1_symmetry 
_struct_conn.ptnr2_label_asym_id 
_struct_conn.ptnr2_label_comp_id 
_struct_conn.ptnr2_label_seq_id 
_struct_conn.ptnr2_label_atom_id 
_struct_conn.pdbx_ptnr2_label_alt_id 
_struct_conn.pdbx_ptnr2_PDB_ins_code 
_struct_conn.ptnr1_auth_asym_id 
_struct_conn.ptnr1_auth_comp_id 
_struct_conn.ptnr1_auth_seq_id 
_struct_conn.ptnr2_auth_asym_id 
_struct_conn.ptnr2_auth_comp_id 
_struct_conn.ptnr2_auth_seq_id 
_struct_conn.ptnr2_symmetry 
_struct_conn.pdbx_ptnr3_label_atom_id 
_struct_conn.pdbx_ptnr3_label_seq_id 
_struct_conn.pdbx_ptnr3_label_comp_id 
_struct_conn.pdbx_ptnr3_label_asym_id 
_struct_conn.pdbx_ptnr3_label_alt_id 
_struct_conn.pdbx_ptnr3_PDB_ins_code 
_struct_conn.details 
_struct_conn.pdbx_dist_value 
_struct_conn.pdbx_value_order 
_struct_conn.pdbx_role 
metalc1 metalc ? ? A HIS 72  ND1 ? ? ? 1_555 B FE2 . FE  ? ? A HIS 51  A FE2 201 1_555 ? ? ? ? ? ? ? 2.392 ? ? 
metalc2 metalc ? ? A GLU 78  OE1 ? ? ? 1_555 B FE2 . FE  ? ? A GLU 57  A FE2 201 1_555 ? ? ? ? ? ? ? 2.606 ? ? 
metalc3 metalc ? ? A GLU 78  OE2 ? ? ? 1_555 B FE2 . FE  ? ? A GLU 57  A FE2 201 1_555 ? ? ? ? ? ? ? 2.688 ? ? 
metalc4 metalc ? ? A HIS 116 NE2 ? ? ? 1_555 B FE2 . FE  ? ? A HIS 95  A FE2 201 1_555 ? ? ? ? ? ? ? 2.755 ? ? 
metalc5 metalc ? ? A CYS 146 SG  ? ? ? 1_555 C FE2 . FE  ? ? A CYS 125 A FE2 202 1_555 ? ? ? ? ? ? ? 2.554 ? ? 
metalc6 metalc ? ? A CYS 149 SG  ? ? ? 1_555 C FE2 . FE  ? ? A CYS 128 A FE2 202 1_555 ? ? ? ? ? ? ? 2.520 ? ? 
metalc7 metalc ? ? A CYS 183 SG  ? ? ? 1_555 C FE2 . FE  ? ? A CYS 162 A FE2 202 1_555 ? ? ? ? ? ? ? 2.438 ? ? 
metalc8 metalc ? ? A CYS 186 SG  ? ? ? 1_555 C FE2 . FE  ? ? A CYS 165 A FE2 202 1_555 ? ? ? ? ? ? ? 2.602 ? ? 
metalc9 metalc ? ? B FE2 .   FE  ? ? ? 1_555 D 4AA . OAD ? ? A FE2 201 A 4AA 203 1_555 ? ? ? ? ? ? ? 2.730 ? ? 
# 
_struct_conn_type.id          metalc 
_struct_conn_type.criteria    ? 
_struct_conn_type.reference   ? 
# 
loop_
_struct_mon_prot_cis.pdbx_id 
_struct_mon_prot_cis.label_comp_id 
_struct_mon_prot_cis.label_seq_id 
_struct_mon_prot_cis.label_asym_id 
_struct_mon_prot_cis.label_alt_id 
_struct_mon_prot_cis.pdbx_PDB_ins_code 
_struct_mon_prot_cis.auth_comp_id 
_struct_mon_prot_cis.auth_seq_id 
_struct_mon_prot_cis.auth_asym_id 
_struct_mon_prot_cis.pdbx_label_comp_id_2 
_struct_mon_prot_cis.pdbx_label_seq_id_2 
_struct_mon_prot_cis.pdbx_label_asym_id_2 
_struct_mon_prot_cis.pdbx_PDB_ins_code_2 
_struct_mon_prot_cis.pdbx_auth_comp_id_2 
_struct_mon_prot_cis.pdbx_auth_seq_id_2 
_struct_mon_prot_cis.pdbx_auth_asym_id_2 
_struct_mon_prot_cis.pdbx_PDB_model_num 
_struct_mon_prot_cis.pdbx_omega_angle 
1 PRO 44 A . ? PRO 23 A PRO 45 A ? PRO 24 A 1 3.85  
2 GLY 64 A . ? GLY 43 A PRO 65 A ? PRO 44 A 1 -2.05 
# 
loop_
_struct_sheet.id 
_struct_sheet.type 
_struct_sheet.number_strands 
_struct_sheet.details 
AA1 ? 5 ? 
AA2 ? 3 ? 
AA3 ? 3 ? 
# 
loop_
_struct_sheet_order.sheet_id 
_struct_sheet_order.range_id_1 
_struct_sheet_order.range_id_2 
_struct_sheet_order.offset 
_struct_sheet_order.sense 
AA1 1 2 ? anti-parallel 
AA1 2 3 ? anti-parallel 
AA1 3 4 ? anti-parallel 
AA1 4 5 ? anti-parallel 
AA2 1 2 ? anti-parallel 
AA2 2 3 ? anti-parallel 
AA3 1 2 ? anti-parallel 
AA3 2 3 ? anti-parallel 
# 
loop_
_struct_sheet_range.sheet_id 
_struct_sheet_range.id 
_struct_sheet_range.beg_label_comp_id 
_struct_sheet_range.beg_label_asym_id 
_struct_sheet_range.beg_label_seq_id 
_struct_sheet_range.pdbx_beg_PDB_ins_code 
_struct_sheet_range.end_label_comp_id 
_struct_sheet_range.end_label_asym_id 
_struct_sheet_range.end_label_seq_id 
_struct_sheet_range.pdbx_end_PDB_ins_code 
_struct_sheet_range.beg_auth_comp_id 
_struct_sheet_range.beg_auth_asym_id 
_struct_sheet_range.beg_auth_seq_id 
_struct_sheet_range.end_auth_comp_id 
_struct_sheet_range.end_auth_asym_id 
_struct_sheet_range.end_auth_seq_id 
AA1 1 ALA A 48  ? GLN A 50  ? ALA A 27  GLN A 29  
AA1 2 PHE A 57  ? VAL A 62  ? PHE A 36  VAL A 41  
AA1 3 ALA A 126 ? ARG A 132 ? ALA A 105 ARG A 111 
AA1 4 GLU A 78  ? ARG A 84  ? GLU A 57  ARG A 63  
AA1 5 ILE A 107 ? LEU A 110 ? ILE A 86  LEU A 89  
AA2 1 TYR A 71  ? ASP A 73  ? TYR A 50  ASP A 52  
AA2 2 ASP A 140 ? TYR A 145 ? ASP A 119 TYR A 124 
AA2 3 LEU A 152 ? VAL A 158 ? LEU A 131 VAL A 137 
AA3 1 ARG A 97  ? LEU A 102 ? ARG A 76  LEU A 81  
AA3 2 ALA A 87  ? TRP A 92  ? ALA A 66  TRP A 71  
AA3 3 HIS A 116 ? GLN A 119 ? HIS A 95  GLN A 98  
# 
loop_
_pdbx_struct_sheet_hbond.sheet_id 
_pdbx_struct_sheet_hbond.range_id_1 
_pdbx_struct_sheet_hbond.range_id_2 
_pdbx_struct_sheet_hbond.range_1_label_atom_id 
_pdbx_struct_sheet_hbond.range_1_label_comp_id 
_pdbx_struct_sheet_hbond.range_1_label_asym_id 
_pdbx_struct_sheet_hbond.range_1_label_seq_id 
_pdbx_struct_sheet_hbond.range_1_PDB_ins_code 
_pdbx_struct_sheet_hbond.range_1_auth_atom_id 
_pdbx_struct_sheet_hbond.range_1_auth_comp_id 
_pdbx_struct_sheet_hbond.range_1_auth_asym_id 
_pdbx_struct_sheet_hbond.range_1_auth_seq_id 
_pdbx_struct_sheet_hbond.range_2_label_atom_id 
_pdbx_struct_sheet_hbond.range_2_label_comp_id 
_pdbx_struct_sheet_hbond.range_2_label_asym_id 
_pdbx_struct_sheet_hbond.range_2_label_seq_id 
_pdbx_struct_sheet_hbond.range_2_PDB_ins_code 
_pdbx_struct_sheet_hbond.range_2_auth_atom_id 
_pdbx_struct_sheet_hbond.range_2_auth_comp_id 
_pdbx_struct_sheet_hbond.range_2_auth_asym_id 
_pdbx_struct_sheet_hbond.range_2_auth_seq_id 
AA1 1 2 N ARG A 49  ? N ARG A 28  O VAL A 61  ? O VAL A 40  
AA1 2 3 N THR A 60  ? N THR A 39  O VAL A 129 ? O VAL A 108 
AA1 3 4 O LEU A 128 ? O LEU A 107 N TYR A 81  ? N TYR A 60  
AA1 4 5 N GLU A 78  ? N GLU A 57  O LEU A 110 ? O LEU A 89  
AA2 1 2 N ASP A 73  ? N ASP A 52  O GLY A 141 ? O GLY A 120 
AA2 2 3 N TRP A 144 ? N TRP A 123 O VAL A 153 ? O VAL A 132 
AA3 1 2 O GLU A 98  ? O GLU A 77  N LEU A 91  ? N LEU A 70  
AA3 2 3 N TYR A 88  ? N TYR A 67  O GLN A 119 ? O GLN A 98  
# 
loop_
_struct_site.id 
_struct_site.pdbx_evidence_code 
_struct_site.pdbx_auth_asym_id 
_struct_site.pdbx_auth_comp_id 
_struct_site.pdbx_auth_seq_id 
_struct_site.pdbx_auth_ins_code 
_struct_site.pdbx_num_residues 
_struct_site.details 
AC1 Software A FE2 201 ? 5 'binding site for residue FE2 A 201' 
AC2 Software A FE2 202 ? 4 'binding site for residue FE2 A 202' 
AC3 Software A 4AA 203 ? 9 'binding site for residue 4AA A 203' 
AC4 Software A TRS 204 ? 7 'binding site for residue TRS A 204' 
# 
loop_
_struct_site_gen.id 
_struct_site_gen.site_id 
_struct_site_gen.pdbx_num_res 
_struct_site_gen.label_comp_id 
_struct_site_gen.label_asym_id 
_struct_site_gen.label_seq_id 
_struct_site_gen.pdbx_auth_ins_code 
_struct_site_gen.auth_comp_id 
_struct_site_gen.auth_asym_id 
_struct_site_gen.auth_seq_id 
_struct_site_gen.label_atom_id 
_struct_site_gen.label_alt_id 
_struct_site_gen.symmetry 
_struct_site_gen.details 
1  AC1 5 HIS A 72  ? HIS A 51  . ? 1_555 ? 
2  AC1 5 GLU A 78  ? GLU A 57  . ? 1_555 ? 
3  AC1 5 HIS A 116 ? HIS A 95  . ? 1_555 ? 
4  AC1 5 GLU A 131 ? GLU A 110 . ? 1_555 ? 
5  AC1 5 4AA D .   ? 4AA A 203 . ? 1_555 ? 
6  AC2 4 CYS A 146 ? CYS A 125 . ? 1_555 ? 
7  AC2 4 CYS A 149 ? CYS A 128 . ? 1_555 ? 
8  AC2 4 CYS A 183 ? CYS A 162 . ? 1_555 ? 
9  AC2 4 CYS A 186 ? CYS A 165 . ? 1_555 ? 
10 AC3 9 VAL A 62  ? VAL A 41  . ? 1_555 ? 
11 AC3 9 GLU A 78  ? GLU A 57  . ? 1_555 ? 
12 AC3 9 PHE A 80  ? PHE A 59  . ? 1_555 ? 
13 AC3 9 PRO A 118 ? PRO A 97  . ? 1_555 ? 
14 AC3 9 ARG A 120 ? ARG A 99  . ? 1_555 ? 
15 AC3 9 GLU A 131 ? GLU A 110 . ? 1_555 ? 
16 AC3 9 ILE A 163 ? ILE A 142 . ? 1_555 ? 
17 AC3 9 FE2 B .   ? FE2 A 201 . ? 1_555 ? 
18 AC3 9 HOH F .   ? HOH A 310 . ? 1_555 ? 
19 AC4 7 VAL A 153 ? VAL A 132 . ? 1_555 ? 
20 AC4 7 HIS A 154 ? HIS A 133 . ? 1_555 ? 
21 AC4 7 ASP A 179 ? ASP A 158 . ? 1_555 ? 
22 AC4 7 LYS A 180 ? LYS A 159 . ? 1_555 ? 
23 AC4 7 ARG A 182 ? ARG A 161 . ? 1_555 ? 
24 AC4 7 PRO A 184 ? PRO A 163 . ? 1_555 ? 
25 AC4 7 HOH F .   ? HOH A 345 . ? 1_555 ? 
# 
_atom_sites.entry_id                    6BVQ 
_atom_sites.fract_transf_matrix[1][1]   0.00292714 
_atom_sites.fract_transf_matrix[1][2]   0.00648773 
_atom_sites.fract_transf_matrix[1][3]   0.01837197 
_atom_sites.fract_transf_matrix[2][1]   -0.01450990 
_atom_sites.fract_transf_matrix[2][2]   -0.00114106 
_atom_sites.fract_transf_matrix[2][3]   0.01327891 
_atom_sites.fract_transf_matrix[3][1]   0.00134842 
_atom_sites.fract_transf_matrix[3][2]   -0.00384514 
_atom_sites.fract_transf_matrix[3][3]   0.00114301 
_atom_sites.fract_transf_vector[1]      0.400815 
_atom_sites.fract_transf_vector[2]      0.465628 
_atom_sites.fract_transf_vector[3]      0.018340 
# 
loop_
_atom_type.symbol 
C  
CL 
FE 
N  
O  
S  
# 
loop_
_atom_site.group_PDB 
_atom_site.id 
_atom_site.type_symbol 
_atom_site.label_atom_id 
_atom_site.label_alt_id 
_atom_site.label_comp_id 
_atom_site.label_asym_id 
_atom_site.label_entity_id 
_atom_site.label_seq_id 
_atom_site.pdbx_PDB_ins_code 
_atom_site.Cartn_x 
_atom_site.Cartn_y 
_atom_site.Cartn_z 
_atom_site.occupancy 
_atom_site.B_iso_or_equiv 
_atom_site.pdbx_formal_charge 
_atom_site.auth_seq_id 
_atom_site.auth_comp_id 
_atom_site.auth_asym_id 
_atom_site.auth_atom_id 
_atom_site.pdbx_PDB_model_num 
ATOM   1    N  N    . LEU A 1 23  ? 1.308   -14.386 26.769  1.00 46.95  ? 2   LEU A N    1 
ATOM   2    C  CA   . LEU A 1 23  ? 0.671   -14.136 25.479  1.00 46.71  ? 2   LEU A CA   1 
ATOM   3    C  C    . LEU A 1 23  ? 0.372   -12.653 25.317  1.00 45.73  ? 2   LEU A C    1 
ATOM   4    O  O    . LEU A 1 23  ? -0.765  -12.196 25.468  1.00 41.60  ? 2   LEU A O    1 
ATOM   5    C  CB   . LEU A 1 23  ? -0.600  -14.970 25.318  1.00 43.58  ? 2   LEU A CB   1 
ATOM   6    C  CG   . LEU A 1 23  ? -0.445  -16.440 25.687  1.00 47.20  ? 2   LEU A CG   1 
ATOM   7    C  CD1  . LEU A 1 23  ? -1.705  -17.235 25.338  1.00 47.83  ? 2   LEU A CD1  1 
ATOM   8    C  CD2  . LEU A 1 23  ? 0.772   -17.004 24.972  1.00 50.40  ? 2   LEU A CD2  1 
ATOM   9    N  N    . THR A 1 24  ? 1.429   -11.913 24.990  1.00 45.89  ? 3   THR A N    1 
ATOM   10   C  CA   . THR A 1 24  ? 1.338   -10.468 24.870  1.00 44.05  ? 3   THR A CA   1 
ATOM   11   C  C    . THR A 1 24  ? 0.370   -10.022 23.774  1.00 50.15  ? 3   THR A C    1 
ATOM   12   O  O    . THR A 1 24  ? -0.088  -8.869  23.800  1.00 43.18  ? 3   THR A O    1 
ATOM   13   C  CB   . THR A 1 24  ? 2.733   -9.897  24.607  1.00 45.97  ? 3   THR A CB   1 
ATOM   14   O  OG1  . THR A 1 24  ? 3.121   -10.192 23.261  1.00 54.95  ? 3   THR A OG1  1 
ATOM   15   C  CG2  . THR A 1 24  ? 3.752   -10.512 25.545  1.00 47.14  ? 3   THR A CG2  1 
ATOM   16   N  N    . TYR A 1 25  ? 0.047   -10.887 22.805  1.00 41.33  ? 4   TYR A N    1 
ATOM   17   C  CA   . TYR A 1 25  ? -0.865  -10.494 21.735  1.00 41.13  ? 4   TYR A CA   1 
ATOM   18   C  C    . TYR A 1 25  ? -2.216  -11.184 21.847  1.00 40.91  ? 4   TYR A C    1 
ATOM   19   O  O    . TYR A 1 25  ? -2.975  -11.207 20.874  1.00 40.47  ? 4   TYR A O    1 
ATOM   20   C  CB   . TYR A 1 25  ? -0.250  -10.759 20.359  1.00 35.76  ? 4   TYR A CB   1 
ATOM   21   C  CG   . TYR A 1 25  ? 1.142   -10.210 20.195  1.00 37.49  ? 4   TYR A CG   1 
ATOM   22   C  CD1  . TYR A 1 25  ? 1.415   -8.861  20.441  1.00 38.68  ? 4   TYR A CD1  1 
ATOM   23   C  CD2  . TYR A 1 25  ? 2.201   -11.042 19.814  1.00 38.33  ? 4   TYR A CD2  1 
ATOM   24   C  CE1  . TYR A 1 25  ? 2.695   -8.350  20.298  1.00 39.07  ? 4   TYR A CE1  1 
ATOM   25   C  CE2  . TYR A 1 25  ? 3.490   -10.540 19.667  1.00 35.03  ? 4   TYR A CE2  1 
ATOM   26   C  CZ   . TYR A 1 25  ? 3.731   -9.193  19.906  1.00 41.28  ? 4   TYR A CZ   1 
ATOM   27   O  OH   . TYR A 1 25  ? 5.002   -8.683  19.759  1.00 41.64  ? 4   TYR A OH   1 
ATOM   28   N  N    . GLY A 1 26  ? -2.527  -11.754 23.012  1.00 36.97  ? 5   GLY A N    1 
ATOM   29   C  CA   . GLY A 1 26  ? -3.804  -12.401 23.221  1.00 35.06  ? 5   GLY A CA   1 
ATOM   30   C  C    . GLY A 1 26  ? -3.867  -13.829 22.689  1.00 35.15  ? 5   GLY A C    1 
ATOM   31   O  O    . GLY A 1 26  ? -2.923  -14.374 22.111  1.00 36.50  ? 5   GLY A O    1 
ATOM   32   N  N    . ALA A 1 27  ? -5.037  -14.424 22.872  1.00 34.42  ? 6   ALA A N    1 
ATOM   33   C  CA   . ALA A 1 27  ? -5.290  -15.808 22.499  1.00 40.63  ? 6   ALA A CA   1 
ATOM   34   C  C    . ALA A 1 27  ? -5.630  -15.921 21.012  1.00 40.68  ? 6   ALA A C    1 
ATOM   35   O  O    . ALA A 1 27  ? -5.887  -14.917 20.338  1.00 35.68  ? 6   ALA A O    1 
ATOM   36   C  CB   . ALA A 1 27  ? -6.418  -16.361 23.370  1.00 41.19  ? 6   ALA A CB   1 
ATOM   37   N  N    . PRO A 1 28  ? -5.616  -17.140 20.458  1.00 33.72  ? 7   PRO A N    1 
ATOM   38   C  CA   . PRO A 1 28  ? -6.125  -17.331 19.093  1.00 37.43  ? 7   PRO A CA   1 
ATOM   39   C  C    . PRO A 1 28  ? -7.582  -16.886 18.976  1.00 38.70  ? 7   PRO A C    1 
ATOM   40   O  O    . PRO A 1 28  ? -8.369  -17.023 19.913  1.00 38.46  ? 7   PRO A O    1 
ATOM   41   C  CB   . PRO A 1 28  ? -5.983  -18.846 18.873  1.00 35.98  ? 7   PRO A CB   1 
ATOM   42   C  CG   . PRO A 1 28  ? -4.900  -19.271 19.818  1.00 36.11  ? 7   PRO A CG   1 
ATOM   43   C  CD   . PRO A 1 28  ? -5.101  -18.398 21.031  1.00 37.86  ? 7   PRO A CD   1 
ATOM   44   N  N    . PHE A 1 29  ? -7.947  -16.344 17.813  1.00 35.09  ? 8   PHE A N    1 
ATOM   45   C  CA   . PHE A 1 29  ? -9.340  -15.972 17.572  1.00 33.45  ? 8   PHE A CA   1 
ATOM   46   C  C    . PHE A 1 29  ? -9.725  -16.241 16.122  1.00 36.79  ? 8   PHE A C    1 
ATOM   47   O  O    . PHE A 1 29  ? -8.880  -16.289 15.221  1.00 35.92  ? 8   PHE A O    1 
ATOM   48   C  CB   . PHE A 1 29  ? -9.633  -14.492 17.916  1.00 34.29  ? 8   PHE A CB   1 
ATOM   49   C  CG   . PHE A 1 29  ? -8.757  -13.517 17.196  1.00 32.86  ? 8   PHE A CG   1 
ATOM   50   C  CD1  . PHE A 1 29  ? -7.549  -13.124 17.742  1.00 33.89  ? 8   PHE A CD1  1 
ATOM   51   C  CD2  . PHE A 1 29  ? -9.140  -12.989 15.966  1.00 35.78  ? 8   PHE A CD2  1 
ATOM   52   C  CE1  . PHE A 1 29  ? -6.723  -12.217 17.082  1.00 35.60  ? 8   PHE A CE1  1 
ATOM   53   C  CE2  . PHE A 1 29  ? -8.324  -12.091 15.301  1.00 34.10  ? 8   PHE A CE2  1 
ATOM   54   C  CZ   . PHE A 1 29  ? -7.106  -11.709 15.861  1.00 35.07  ? 8   PHE A CZ   1 
ATOM   55   N  N    . ASN A 1 30  ? -11.031 -16.380 15.909  1.00 35.06  ? 9   ASN A N    1 
ATOM   56   C  CA   . ASN A 1 30  ? -11.578 -16.685 14.590  1.00 39.08  ? 9   ASN A CA   1 
ATOM   57   C  C    . ASN A 1 30  ? -11.389 -15.495 13.646  1.00 35.33  ? 9   ASN A C    1 
ATOM   58   O  O    . ASN A 1 30  ? -11.843 -14.384 13.942  1.00 34.71  ? 9   ASN A O    1 
ATOM   59   C  CB   . ASN A 1 30  ? -13.060 -17.046 14.729  1.00 40.03  ? 9   ASN A CB   1 
ATOM   60   C  CG   . ASN A 1 30  ? -13.680 -17.507 13.421  1.00 41.93  ? 9   ASN A CG   1 
ATOM   61   O  OD1  . ASN A 1 30  ? -14.150 -16.688 12.615  1.00 39.30  ? 9   ASN A OD1  1 
ATOM   62   N  ND2  . ASN A 1 30  ? -13.684 -18.823 13.197  1.00 33.70  ? 9   ASN A ND2  1 
ATOM   63   N  N    . PHE A 1 31  ? -10.732 -15.730 12.501  1.00 31.82  ? 10  PHE A N    1 
ATOM   64   C  CA   . PHE A 1 31  ? -10.382 -14.660 11.557  1.00 39.31  ? 10  PHE A CA   1 
ATOM   65   C  C    . PHE A 1 31  ? -11.571 -14.166 10.717  1.00 35.39  ? 10  PHE A C    1 
ATOM   66   O  O    . PHE A 1 31  ? -11.791 -12.944 10.634  1.00 38.08  ? 10  PHE A O    1 
ATOM   67   C  CB   . PHE A 1 31  ? -9.222  -15.122 10.659  1.00 35.62  ? 10  PHE A CB   1 
ATOM   68   C  CG   . PHE A 1 31  ? -8.467  -13.995 9.997   1.00 34.90  ? 10  PHE A CG   1 
ATOM   69   C  CD1  . PHE A 1 31  ? -8.613  -12.683 10.430  1.00 37.00  ? 10  PHE A CD1  1 
ATOM   70   C  CD2  . PHE A 1 31  ? -7.617  -14.254 8.942   1.00 36.51  ? 10  PHE A CD2  1 
ATOM   71   C  CE1  . PHE A 1 31  ? -7.914  -11.649 9.820   1.00 39.53  ? 10  PHE A CE1  1 
ATOM   72   C  CE2  . PHE A 1 31  ? -6.916  -13.235 8.330   1.00 36.19  ? 10  PHE A CE2  1 
ATOM   73   C  CZ   . PHE A 1 31  ? -7.056  -11.935 8.768   1.00 37.64  ? 10  PHE A CZ   1 
ATOM   74   N  N    . PRO A 1 32  ? -12.353 -15.050 10.072  1.00 37.18  ? 11  PRO A N    1 
ATOM   75   C  CA   . PRO A 1 32  ? -13.529 -14.557 9.313   1.00 35.71  ? 11  PRO A CA   1 
ATOM   76   C  C    . PRO A 1 32  ? -14.472 -13.678 10.125  1.00 38.90  ? 11  PRO A C    1 
ATOM   77   O  O    . PRO A 1 32  ? -15.028 -12.700 9.596   1.00 38.32  ? 11  PRO A O    1 
ATOM   78   C  CB   . PRO A 1 32  ? -14.222 -15.861 8.868   1.00 35.47  ? 11  PRO A CB   1 
ATOM   79   C  CG   . PRO A 1 32  ? -13.131 -16.878 8.848   1.00 33.30  ? 11  PRO A CG   1 
ATOM   80   C  CD   . PRO A 1 32  ? -12.206 -16.517 9.950   1.00 33.57  ? 11  PRO A CD   1 
ATOM   81   N  N    . ARG A 1 33  ? -14.682 -14.014 11.402  1.00 40.87  ? 12  ARG A N    1 
ATOM   82   C  CA   . ARG A 1 33  ? -15.557 -13.201 12.243  1.00 41.51  ? 12  ARG A CA   1 
ATOM   83   C  C    . ARG A 1 33  ? -14.926 -11.855 12.555  1.00 41.04  ? 12  ARG A C    1 
ATOM   84   O  O    . ARG A 1 33  ? -15.624 -10.841 12.597  1.00 42.81  ? 12  ARG A O    1 
ATOM   85   C  CB   . ARG A 1 33  ? -15.889 -13.927 13.551  1.00 46.62  ? 12  ARG A CB   1 
ATOM   86   C  CG   . ARG A 1 33  ? -16.928 -15.028 13.454  1.00 51.18  ? 12  ARG A CG   1 
ATOM   87   C  CD   . ARG A 1 33  ? -17.268 -15.566 14.856  1.00 59.32  ? 12  ARG A CD   1 
ATOM   88   N  NE   . ARG A 1 33  ? -17.618 -16.984 14.822  1.00 60.42  ? 12  ARG A NE   1 
ATOM   89   C  CZ   . ARG A 1 33  ? -16.966 -17.941 15.478  1.00 61.11  ? 12  ARG A CZ   1 
ATOM   90   N  NH1  . ARG A 1 33  ? -15.925 -17.637 16.246  1.00 61.57  ? 12  ARG A NH1  1 
ATOM   91   N  NH2  . ARG A 1 33  ? -17.361 -19.206 15.372  1.00 65.82  ? 12  ARG A NH2  1 
ATOM   92   N  N    . TRP A 1 34  ? -13.613 -11.829 12.810  1.00 35.54  ? 13  TRP A N    1 
ATOM   93   C  CA   . TRP A 1 34  ? -12.919 -10.557 13.001  1.00 38.26  ? 13  TRP A CA   1 
ATOM   94   C  C    . TRP A 1 34  ? -13.103 -9.645  11.782  1.00 40.70  ? 13  TRP A C    1 
ATOM   95   O  O    . TRP A 1 34  ? -13.409 -8.445  11.913  1.00 41.64  ? 13  TRP A O    1 
ATOM   96   C  CB   . TRP A 1 34  ? -11.434 -10.824 13.279  1.00 36.07  ? 13  TRP A CB   1 
ATOM   97   C  CG   . TRP A 1 34  ? -10.636 -9.578  13.665  1.00 39.51  ? 13  TRP A CG   1 
ATOM   98   C  CD1  . TRP A 1 34  ? -10.346 -9.140  14.934  1.00 34.04  ? 13  TRP A CD1  1 
ATOM   99   C  CD2  . TRP A 1 34  ? -10.027 -8.632  12.768  1.00 35.29  ? 13  TRP A CD2  1 
ATOM   100  N  NE1  . TRP A 1 34  ? -9.606  -7.979  14.876  1.00 36.92  ? 13  TRP A NE1  1 
ATOM   101  C  CE2  . TRP A 1 34  ? -9.388  -7.651  13.563  1.00 35.01  ? 13  TRP A CE2  1 
ATOM   102  C  CE3  . TRP A 1 34  ? -9.961  -8.522  11.372  1.00 34.80  ? 13  TRP A CE3  1 
ATOM   103  C  CZ2  . TRP A 1 34  ? -8.708  -6.562  13.010  1.00 37.20  ? 13  TRP A CZ2  1 
ATOM   104  C  CZ3  . TRP A 1 34  ? -9.281  -7.444  10.823  1.00 37.75  ? 13  TRP A CZ3  1 
ATOM   105  C  CH2  . TRP A 1 34  ? -8.665  -6.474  11.641  1.00 38.21  ? 13  TRP A CH2  1 
ATOM   106  N  N    . ILE A 1 35  ? -12.947 -10.209 10.579  1.00 37.61  ? 14  ILE A N    1 
ATOM   107  C  CA   . ILE A 1 35  ? -13.071 -9.415  9.357   1.00 38.00  ? 14  ILE A CA   1 
ATOM   108  C  C    . ILE A 1 35  ? -14.500 -8.889  9.201   1.00 43.90  ? 14  ILE A C    1 
ATOM   109  O  O    . ILE A 1 35  ? -14.724 -7.686  8.969   1.00 38.37  ? 14  ILE A O    1 
ATOM   110  C  CB   . ILE A 1 35  ? -12.636 -10.244 8.135   1.00 36.17  ? 14  ILE A CB   1 
ATOM   111  C  CG1  . ILE A 1 35  ? -11.147 -10.575 8.220   1.00 31.36  ? 14  ILE A CG1  1 
ATOM   112  C  CG2  . ILE A 1 35  ? -12.905 -9.466  6.818   1.00 36.91  ? 14  ILE A CG2  1 
ATOM   113  C  CD1  . ILE A 1 35  ? -10.708 -11.600 7.163   1.00 35.85  ? 14  ILE A CD1  1 
ATOM   114  N  N    . ASP A 1 36  ? -15.485 -9.792  9.324   1.00 41.95  ? 15  ASP A N    1 
ATOM   115  C  CA   . ASP A 1 36  ? -16.887 -9.384  9.331   1.00 42.40  ? 15  ASP A CA   1 
ATOM   116  C  C    . ASP A 1 36  ? -17.118 -8.235  10.303  1.00 45.51  ? 15  ASP A C    1 
ATOM   117  O  O    . ASP A 1 36  ? -17.714 -7.212  9.945   1.00 45.79  ? 15  ASP A O    1 
ATOM   118  C  CB   . ASP A 1 36  ? -17.781 -10.569 9.700   1.00 44.56  ? 15  ASP A CB   1 
ATOM   119  C  CG   . ASP A 1 36  ? -17.852 -11.609 8.610   1.00 43.73  ? 15  ASP A CG   1 
ATOM   120  O  OD1  . ASP A 1 36  ? -17.368 -11.348 7.496   1.00 49.04  ? 15  ASP A OD1  1 
ATOM   121  O  OD2  . ASP A 1 36  ? -18.414 -12.691 8.858   1.00 53.49  ? 15  ASP A OD2  1 
ATOM   122  N  N    . GLU A 1 37  ? -16.621 -8.376  11.535  1.00 41.37  ? 16  GLU A N    1 
ATOM   123  C  CA   . GLU A 1 37  ? -16.883 -7.369  12.556  1.00 47.46  ? 16  GLU A CA   1 
ATOM   124  C  C    . GLU A 1 37  ? -16.274 -6.016  12.213  1.00 46.92  ? 16  GLU A C    1 
ATOM   125  O  O    . GLU A 1 37  ? -16.790 -4.990  12.661  1.00 43.05  ? 16  GLU A O    1 
ATOM   126  C  CB   . GLU A 1 37  ? -16.355 -7.829  13.911  1.00 46.89  ? 16  GLU A CB   1 
ATOM   127  C  CG   . GLU A 1 37  ? -17.248 -8.821  14.601  1.00 54.18  ? 16  GLU A CG   1 
ATOM   128  C  CD   . GLU A 1 37  ? -16.640 -9.355  15.882  1.00 51.84  ? 16  GLU A CD   1 
ATOM   129  O  OE1  . GLU A 1 37  ? -17.235 -10.287 16.466  1.00 59.68  ? 16  GLU A OE1  1 
ATOM   130  O  OE2  . GLU A 1 37  ? -15.579 -8.838  16.306  1.00 54.59  ? 16  GLU A OE2  1 
ATOM   131  N  N    . HIS A 1 38  ? -15.159 -5.986  11.475  1.00 46.49  ? 17  HIS A N    1 
ATOM   132  C  CA   . HIS A 1 38  ? -14.517 -4.721  11.142  1.00 42.45  ? 17  HIS A CA   1 
ATOM   133  C  C    . HIS A 1 38  ? -14.802 -4.256  9.704   1.00 46.06  ? 17  HIS A C    1 
ATOM   134  O  O    . HIS A 1 38  ? -14.096 -3.379  9.196   1.00 42.34  ? 17  HIS A O    1 
ATOM   135  C  CB   . HIS A 1 38  ? -13.010 -4.814  11.382  1.00 40.70  ? 17  HIS A CB   1 
ATOM   136  C  CG   . HIS A 1 38  ? -12.633 -5.043  12.813  1.00 43.84  ? 17  HIS A CG   1 
ATOM   137  N  ND1  . HIS A 1 38  ? -12.837 -6.246  13.456  1.00 43.71  ? 17  HIS A ND1  1 
ATOM   138  C  CD2  . HIS A 1 38  ? -12.057 -4.224  13.725  1.00 45.09  ? 17  HIS A CD2  1 
ATOM   139  C  CE1  . HIS A 1 38  ? -12.416 -6.153  14.705  1.00 41.64  ? 17  HIS A CE1  1 
ATOM   140  N  NE2  . HIS A 1 38  ? -11.938 -4.937  14.894  1.00 43.45  ? 17  HIS A NE2  1 
ATOM   141  N  N    . ALA A 1 39  ? -15.823 -4.823  9.045   1.00 44.36  ? 18  ALA A N    1 
ATOM   142  C  CA   . ALA A 1 39  ? -16.161 -4.437  7.671   1.00 46.52  ? 18  ALA A CA   1 
ATOM   143  C  C    . ALA A 1 39  ? -16.318 -2.926  7.488   1.00 52.64  ? 18  ALA A C    1 
ATOM   144  O  O    . ALA A 1 39  ? -15.979 -2.385  6.428   1.00 50.21  ? 18  ALA A O    1 
ATOM   145  C  CB   . ALA A 1 39  ? -17.451 -5.131  7.233   1.00 44.45  ? 18  ALA A CB   1 
ATOM   146  N  N    . HIS A 1 40  ? -16.853 -2.226  8.492   1.00 53.51  ? 19  HIS A N    1 
ATOM   147  C  CA   . HIS A 1 40  ? -17.093 -0.791  8.330   1.00 53.88  ? 19  HIS A CA   1 
ATOM   148  C  C    . HIS A 1 40  ? -15.805 0.024   8.330   1.00 57.11  ? 19  HIS A C    1 
ATOM   149  O  O    . HIS A 1 40  ? -15.806 1.156   7.839   1.00 51.79  ? 19  HIS A O    1 
ATOM   150  C  CB   . HIS A 1 40  ? -18.035 -0.285  9.420   1.00 58.68  ? 19  HIS A CB   1 
ATOM   151  C  CG   . HIS A 1 40  ? -17.596 -0.639  10.801  1.00 57.28  ? 19  HIS A CG   1 
ATOM   152  N  ND1  . HIS A 1 40  ? -17.827 -1.879  11.359  1.00 58.64  ? 19  HIS A ND1  1 
ATOM   153  C  CD2  . HIS A 1 40  ? -16.931 0.078   11.736  1.00 57.99  ? 19  HIS A CD2  1 
ATOM   154  C  CE1  . HIS A 1 40  ? -17.328 -1.910  12.581  1.00 56.96  ? 19  HIS A CE1  1 
ATOM   155  N  NE2  . HIS A 1 40  ? -16.776 -0.736  12.834  1.00 67.85  ? 19  HIS A NE2  1 
ATOM   156  N  N    . LEU A 1 41  ? -14.711 -0.518  8.861   1.00 53.88  ? 20  LEU A N    1 
ATOM   157  C  CA   . LEU A 1 41  ? -13.395 0.072   8.664   1.00 56.11  ? 20  LEU A CA   1 
ATOM   158  C  C    . LEU A 1 41  ? -12.736 -0.380  7.368   1.00 59.06  ? 20  LEU A C    1 
ATOM   159  O  O    . LEU A 1 41  ? -11.695 0.170   6.998   1.00 65.11  ? 20  LEU A O    1 
ATOM   160  C  CB   . LEU A 1 41  ? -12.454 -0.287  9.816   1.00 58.32  ? 20  LEU A CB   1 
ATOM   161  C  CG   . LEU A 1 41  ? -12.643 0.331   11.192  1.00 67.70  ? 20  LEU A CG   1 
ATOM   162  C  CD1  . LEU A 1 41  ? -12.935 1.826   11.092  1.00 69.92  ? 20  LEU A CD1  1 
ATOM   163  C  CD2  . LEU A 1 41  ? -13.717 -0.412  11.943  1.00 61.76  ? 20  LEU A CD2  1 
ATOM   164  N  N    . LEU A 1 42  ? -13.291 -1.384  6.688   1.00 54.09  ? 21  LEU A N    1 
ATOM   165  C  CA   . LEU A 1 42  ? -12.674 -1.973  5.498   1.00 55.52  ? 21  LEU A CA   1 
ATOM   166  C  C    . LEU A 1 42  ? -13.171 -1.322  4.216   1.00 52.54  ? 21  LEU A C    1 
ATOM   167  O  O    . LEU A 1 42  ? -13.334 -1.979  3.185   1.00 43.21  ? 21  LEU A O    1 
ATOM   168  C  CB   . LEU A 1 42  ? -12.927 -3.478  5.491   1.00 44.21  ? 21  LEU A CB   1 
ATOM   169  C  CG   . LEU A 1 42  ? -12.171 -4.181  6.621   1.00 48.52  ? 21  LEU A CG   1 
ATOM   170  C  CD1  . LEU A 1 42  ? -12.071 -5.686  6.394   1.00 39.02  ? 21  LEU A CD1  1 
ATOM   171  C  CD2  . LEU A 1 42  ? -10.782 -3.576  6.800   1.00 47.32  ? 21  LEU A CD2  1 
ATOM   172  N  N    . LYS A 1 43  ? -13.413 -0.020  4.275   1.00 59.55  ? 22  LYS A N    1 
ATOM   173  C  CA   . LYS A 1 43  ? -14.011 0.736   3.174   1.00 64.76  ? 22  LYS A CA   1 
ATOM   174  C  C    . LYS A 1 43  ? -13.597 2.194   3.353   1.00 82.16  ? 22  LYS A C    1 
ATOM   175  O  O    . LYS A 1 43  ? -13.090 2.579   4.410   1.00 81.70  ? 22  LYS A O    1 
ATOM   176  C  CB   . LYS A 1 43  ? -15.545 0.583   3.161   1.00 61.51  ? 22  LYS A CB   1 
ATOM   177  C  CG   . LYS A 1 43  ? -16.253 0.984   4.448   1.00 62.12  ? 22  LYS A CG   1 
ATOM   178  C  CD   . LYS A 1 43  ? -17.260 2.088   4.194   1.00 68.69  ? 22  LYS A CD   1 
ATOM   179  C  CE   . LYS A 1 43  ? -18.678 1.580   4.355   1.00 63.91  ? 22  LYS A CE   1 
ATOM   180  N  NZ   . LYS A 1 43  ? -18.732 0.093   4.252   1.00 61.60  ? 22  LYS A NZ   1 
ATOM   181  N  N    . PRO A 1 44  ? -13.775 3.020   2.314   1.00 81.47  ? 23  PRO A N    1 
ATOM   182  C  CA   . PRO A 1 44  ? -13.447 4.441   2.455   1.00 96.45  ? 23  PRO A CA   1 
ATOM   183  C  C    . PRO A 1 44  ? -14.174 5.048   3.638   1.00 113.86 ? 23  PRO A C    1 
ATOM   184  O  O    . PRO A 1 44  ? -15.345 4.727   3.891   1.00 95.51  ? 23  PRO A O    1 
ATOM   185  C  CB   . PRO A 1 44  ? -13.932 5.041   1.126   1.00 92.19  ? 23  PRO A CB   1 
ATOM   186  C  CG   . PRO A 1 44  ? -13.824 3.926   0.166   1.00 74.73  ? 23  PRO A CG   1 
ATOM   187  C  CD   . PRO A 1 44  ? -14.184 2.694   0.938   1.00 65.46  ? 23  PRO A CD   1 
ATOM   188  N  N    . PRO A 1 45  ? -13.513 5.930   4.396   1.00 130.08 ? 24  PRO A N    1 
ATOM   189  C  CA   . PRO A 1 45  ? -12.159 6.396   4.097   1.00 129.64 ? 24  PRO A CA   1 
ATOM   190  C  C    . PRO A 1 45  ? -11.031 5.601   4.743   1.00 137.62 ? 24  PRO A C    1 
ATOM   191  O  O    . PRO A 1 45  ? -9.890  5.790   4.332   1.00 138.26 ? 24  PRO A O    1 
ATOM   192  C  CB   . PRO A 1 45  ? -12.167 7.817   4.651   1.00 140.08 ? 24  PRO A CB   1 
ATOM   193  C  CG   . PRO A 1 45  ? -13.087 7.739   5.818   1.00 140.52 ? 24  PRO A CG   1 
ATOM   194  C  CD   . PRO A 1 45  ? -14.094 6.649   5.538   1.00 131.42 ? 24  PRO A CD   1 
ATOM   195  N  N    . VAL A 1 46  ? -11.319 4.751   5.729   1.00 153.26 ? 25  VAL A N    1 
ATOM   196  C  CA   . VAL A 1 46  ? -10.241 4.124   6.488   1.00 135.67 ? 25  VAL A CA   1 
ATOM   197  C  C    . VAL A 1 46  ? -9.435  3.205   5.577   1.00 140.64 ? 25  VAL A C    1 
ATOM   198  O  O    . VAL A 1 46  ? -8.219  3.366   5.411   1.00 147.85 ? 25  VAL A O    1 
ATOM   199  C  CB   . VAL A 1 46  ? -10.800 3.367   7.702   1.00 128.69 ? 25  VAL A CB   1 
ATOM   200  C  CG1  . VAL A 1 46  ? -9.785  2.347   8.217   1.00 118.62 ? 25  VAL A CG1  1 
ATOM   201  C  CG2  . VAL A 1 46  ? -11.233 4.360   8.785   1.00 132.30 ? 25  VAL A CG2  1 
ATOM   202  N  N    . GLY A 1 47  ? -10.115 2.237   4.972   1.00 126.57 ? 26  GLY A N    1 
ATOM   203  C  CA   . GLY A 1 47  ? -9.481  1.332   4.038   1.00 88.75  ? 26  GLY A CA   1 
ATOM   204  C  C    . GLY A 1 47  ? -8.895  0.064   4.640   1.00 68.38  ? 26  GLY A C    1 
ATOM   205  O  O    . GLY A 1 47  ? -9.120  -1.027  4.112   1.00 54.67  ? 26  GLY A O    1 
ATOM   206  N  N    . ALA A 1 48  ? -8.162  0.182   5.748   1.00 71.79  ? 27  ALA A N    1 
ATOM   207  C  CA   . ALA A 1 48  ? -7.413  -0.947  6.286   1.00 60.85  ? 27  ALA A CA   1 
ATOM   208  C  C    . ALA A 1 48  ? -7.342  -0.876  7.807   1.00 57.14  ? 27  ALA A C    1 
ATOM   209  O  O    . ALA A 1 48  ? -7.424  0.202   8.402   1.00 59.16  ? 27  ALA A O    1 
ATOM   210  C  CB   . ALA A 1 48  ? -5.996  -0.998  5.709   1.00 51.75  ? 27  ALA A CB   1 
ATOM   211  N  N    . ARG A 1 49  ? -7.160  -2.041  8.427   1.00 46.73  ? 28  ARG A N    1 
ATOM   212  C  CA   . ARG A 1 49  ? -7.080  -2.127  9.877   1.00 43.27  ? 28  ARG A CA   1 
ATOM   213  C  C    . ARG A 1 49  ? -5.983  -3.110  10.288  1.00 41.22  ? 28  ARG A C    1 
ATOM   214  O  O    . ARG A 1 49  ? -5.937  -4.254  9.812   1.00 32.89  ? 28  ARG A O    1 
ATOM   215  C  CB   . ARG A 1 49  ? -8.442  -2.520  10.468  1.00 43.93  ? 28  ARG A CB   1 
ATOM   216  C  CG   . ARG A 1 49  ? -8.435  -2.730  11.976  1.00 49.13  ? 28  ARG A CG   1 
ATOM   217  C  CD   . ARG A 1 49  ? -8.507  -1.414  12.717  1.00 52.87  ? 28  ARG A CD   1 
ATOM   218  N  NE   . ARG A 1 49  ? -8.127  -1.586  14.115  1.00 66.76  ? 28  ARG A NE   1 
ATOM   219  C  CZ   . ARG A 1 49  ? -8.982  -1.533  15.133  1.00 74.15  ? 28  ARG A CZ   1 
ATOM   220  N  NH1  . ARG A 1 49  ? -8.552  -1.701  16.379  1.00 77.03  ? 28  ARG A NH1  1 
ATOM   221  N  NH2  . ARG A 1 49  ? -10.270 -1.311  14.903  1.00 68.83  ? 28  ARG A NH2  1 
ATOM   222  N  N    . GLN A 1 50  ? -5.090  -2.635  11.152  1.00 35.02  ? 29  GLN A N    1 
ATOM   223  C  CA   . GLN A 1 50  ? -4.038  -3.465  11.712  1.00 39.37  ? 29  GLN A CA   1 
ATOM   224  C  C    . GLN A 1 50  ? -4.612  -4.433  12.740  1.00 38.51  ? 29  GLN A C    1 
ATOM   225  O  O    . GLN A 1 50  ? -5.478  -4.066  13.535  1.00 34.52  ? 29  GLN A O    1 
ATOM   226  C  CB   . GLN A 1 50  ? -2.985  -2.580  12.353  1.00 38.23  ? 29  GLN A CB   1 
ATOM   227  C  CG   . GLN A 1 50  ? -1.650  -3.256  12.464  1.00 42.22  ? 29  GLN A CG   1 
ATOM   228  C  CD   . GLN A 1 50  ? -0.548  -2.256  12.650  1.00 42.99  ? 29  GLN A CD   1 
ATOM   229  O  OE1  . GLN A 1 50  ? -0.395  -1.331  11.845  1.00 42.48  ? 29  GLN A OE1  1 
ATOM   230  N  NE2  . GLN A 1 50  ? 0.238   -2.430  13.717  1.00 43.47  ? 29  GLN A NE2  1 
ATOM   231  N  N    . VAL A 1 51  ? -4.135  -5.683  12.719  1.00 35.53  ? 30  VAL A N    1 
ATOM   232  C  CA   . VAL A 1 51  ? -4.726  -6.699  13.590  1.00 33.09  ? 30  VAL A CA   1 
ATOM   233  C  C    . VAL A 1 51  ? -4.164  -6.603  15.004  1.00 34.38  ? 30  VAL A C    1 
ATOM   234  O  O    . VAL A 1 51  ? -4.921  -6.513  15.977  1.00 32.58  ? 30  VAL A O    1 
ATOM   235  C  CB   . VAL A 1 51  ? -4.541  -8.110  13.001  1.00 34.43  ? 30  VAL A CB   1 
ATOM   236  C  CG1  . VAL A 1 51  ? -5.123  -9.130  13.950  1.00 34.12  ? 30  VAL A CG1  1 
ATOM   237  C  CG2  . VAL A 1 51  ? -5.239  -8.213  11.653  1.00 34.62  ? 30  VAL A CG2  1 
ATOM   238  N  N    . TRP A 1 52  ? -2.837  -6.639  15.146  1.00 34.83  ? 31  TRP A N    1 
ATOM   239  C  CA   . TRP A 1 52  ? -2.177  -6.503  16.436  1.00 37.72  ? 31  TRP A CA   1 
ATOM   240  C  C    . TRP A 1 52  ? -1.275  -5.276  16.418  1.00 37.28  ? 31  TRP A C    1 
ATOM   241  O  O    . TRP A 1 52  ? -0.663  -4.959  15.399  1.00 41.12  ? 31  TRP A O    1 
ATOM   242  C  CB   . TRP A 1 52  ? -1.327  -7.747  16.781  1.00 34.84  ? 31  TRP A CB   1 
ATOM   243  C  CG   . TRP A 1 52  ? -2.071  -9.083  16.863  1.00 33.53  ? 31  TRP A CG   1 
ATOM   244  C  CD1  . TRP A 1 52  ? -2.798  -9.555  17.921  1.00 38.98  ? 31  TRP A CD1  1 
ATOM   245  C  CD2  . TRP A 1 52  ? -2.103  -10.121 15.868  1.00 33.33  ? 31  TRP A CD2  1 
ATOM   246  N  NE1  . TRP A 1 52  ? -3.299  -10.814 17.639  1.00 35.00  ? 31  TRP A NE1  1 
ATOM   247  C  CE2  . TRP A 1 52  ? -2.885  -11.181 16.387  1.00 35.35  ? 31  TRP A CE2  1 
ATOM   248  C  CE3  . TRP A 1 52  ? -1.551  -10.255 14.585  1.00 29.36  ? 31  TRP A CE3  1 
ATOM   249  C  CZ2  . TRP A 1 52  ? -3.126  -12.357 15.670  1.00 31.95  ? 31  TRP A CZ2  1 
ATOM   250  C  CZ3  . TRP A 1 52  ? -1.807  -11.413 13.869  1.00 27.12  ? 31  TRP A CZ3  1 
ATOM   251  C  CH2  . TRP A 1 52  ? -2.588  -12.449 14.414  1.00 30.31  ? 31  TRP A CH2  1 
ATOM   252  N  N    . GLN A 1 53  ? -1.161  -4.606  17.559  1.00 38.79  ? 32  GLN A N    1 
ATOM   253  C  CA   . GLN A 1 53  ? -0.318  -3.422  17.675  1.00 42.63  ? 32  GLN A CA   1 
ATOM   254  C  C    . GLN A 1 53  ? 1.025   -3.746  18.332  1.00 44.50  ? 32  GLN A C    1 
ATOM   255  O  O    . GLN A 1 53  ? 1.151   -4.694  19.118  1.00 45.35  ? 32  GLN A O    1 
ATOM   256  C  CB   . GLN A 1 53  ? -1.025  -2.322  18.470  1.00 43.95  ? 32  GLN A CB   1 
ATOM   257  C  CG   . GLN A 1 53  ? -2.276  -1.768  17.791  1.00 45.67  ? 32  GLN A CG   1 
ATOM   258  C  CD   . GLN A 1 53  ? -1.965  -0.842  16.607  1.00 51.74  ? 32  GLN A CD   1 
ATOM   259  O  OE1  . GLN A 1 53  ? -1.110  0.045   16.700  1.00 50.34  ? 32  GLN A OE1  1 
ATOM   260  N  NE2  . GLN A 1 53  ? -2.673  -1.041  15.494  1.00 50.96  ? 32  GLN A NE2  1 
ATOM   261  N  N    . ASP A 1 54  ? 2.035   -2.952  17.964  1.00 43.48  ? 33  ASP A N    1 
ATOM   262  C  CA   . ASP A 1 54  ? 3.368   -2.974  18.574  1.00 49.12  ? 33  ASP A CA   1 
ATOM   263  C  C    . ASP A 1 54  ? 4.016   -4.361  18.510  1.00 49.34  ? 33  ASP A C    1 
ATOM   264  O  O    . ASP A 1 54  ? 4.708   -4.797  19.435  1.00 48.68  ? 33  ASP A O    1 
ATOM   265  C  CB   . ASP A 1 54  ? 3.317   -2.450  20.009  1.00 53.33  ? 33  ASP A CB   1 
ATOM   266  C  CG   . ASP A 1 54  ? 3.299   -0.921  20.068  1.00 59.26  ? 33  ASP A CG   1 
ATOM   267  O  OD1  . ASP A 1 54  ? 3.638   -0.273  19.051  1.00 56.90  ? 33  ASP A OD1  1 
ATOM   268  O  OD2  . ASP A 1 54  ? 2.938   -0.367  21.129  1.00 72.02  ? 33  ASP A OD2  1 
ATOM   269  N  N    . SER A 1 55  ? 3.812   -5.051  17.398  1.00 44.53  ? 34  SER A N    1 
ATOM   270  C  CA   . SER A 1 55  ? 4.421   -6.346  17.150  1.00 43.97  ? 34  SER A CA   1 
ATOM   271  C  C    . SER A 1 55  ? 5.496   -6.180  16.094  1.00 43.72  ? 34  SER A C    1 
ATOM   272  O  O    . SER A 1 55  ? 5.512   -5.196  15.351  1.00 42.65  ? 34  SER A O    1 
ATOM   273  C  CB   . SER A 1 55  ? 3.381   -7.357  16.675  1.00 40.71  ? 34  SER A CB   1 
ATOM   274  O  OG   . SER A 1 55  ? 2.790   -6.891  15.472  1.00 38.93  ? 34  SER A OG   1 
ATOM   275  N  N    . ASP A 1 56  ? 6.400   -7.152  16.031  1.00 40.36  ? 35  ASP A N    1 
ATOM   276  C  CA   . ASP A 1 56  ? 7.398   -7.122  14.973  1.00 40.00  ? 35  ASP A CA   1 
ATOM   277  C  C    . ASP A 1 56  ? 6.762   -7.399  13.615  1.00 42.22  ? 35  ASP A C    1 
ATOM   278  O  O    . ASP A 1 56  ? 7.075   -6.718  12.626  1.00 39.75  ? 35  ASP A O    1 
ATOM   279  C  CB   . ASP A 1 56  ? 8.519   -8.122  15.265  1.00 39.70  ? 35  ASP A CB   1 
ATOM   280  C  CG   . ASP A 1 56  ? 9.623   -8.033  14.248  1.00 43.75  ? 35  ASP A CG   1 
ATOM   281  O  OD1  . ASP A 1 56  ? 10.058  -6.894  13.982  1.00 45.45  ? 35  ASP A OD1  1 
ATOM   282  O  OD2  . ASP A 1 56  ? 10.045  -9.075  13.696  1.00 42.26  ? 35  ASP A OD2  1 
ATOM   283  N  N    . PHE A 1 57  ? 5.866   -8.393  13.550  1.00 35.45  ? 36  PHE A N    1 
ATOM   284  C  CA   . PHE A 1 57  ? 5.078   -8.644  12.348  1.00 33.80  ? 36  PHE A CA   1 
ATOM   285  C  C    . PHE A 1 57  ? 3.919   -7.632  12.300  1.00 34.12  ? 36  PHE A C    1 
ATOM   286  O  O    . PHE A 1 57  ? 3.091   -7.568  13.217  1.00 32.97  ? 36  PHE A O    1 
ATOM   287  C  CB   . PHE A 1 57  ? 4.548   -10.082 12.324  1.00 34.47  ? 36  PHE A CB   1 
ATOM   288  C  CG   . PHE A 1 57  ? 5.628   -11.173 12.180  1.00 39.04  ? 36  PHE A CG   1 
ATOM   289  C  CD1  . PHE A 1 57  ? 6.983   -10.904 12.389  1.00 49.00  ? 36  PHE A CD1  1 
ATOM   290  C  CD2  . PHE A 1 57  ? 5.264   -12.474 11.866  1.00 42.01  ? 36  PHE A CD2  1 
ATOM   291  C  CE1  . PHE A 1 57  ? 7.947   -11.909 12.267  1.00 44.37  ? 36  PHE A CE1  1 
ATOM   292  C  CE2  . PHE A 1 57  ? 6.207   -13.483 11.739  1.00 35.29  ? 36  PHE A CE2  1 
ATOM   293  C  CZ   . PHE A 1 57  ? 7.539   -13.216 11.936  1.00 39.47  ? 36  PHE A CZ   1 
ATOM   294  N  N    . ILE A 1 58  ? 3.870   -6.829  11.248  1.00 29.06  ? 37  ILE A N    1 
ATOM   295  C  CA   . ILE A 1 58  ? 2.760   -5.903  11.034  1.00 33.96  ? 37  ILE A CA   1 
ATOM   296  C  C    . ILE A 1 58  ? 1.722   -6.617  10.179  1.00 27.79  ? 37  ILE A C    1 
ATOM   297  O  O    . ILE A 1 58  ? 1.942   -6.872  8.990   1.00 31.75  ? 37  ILE A O    1 
ATOM   298  C  CB   . ILE A 1 58  ? 3.230   -4.598  10.385  1.00 32.93  ? 37  ILE A CB   1 
ATOM   299  C  CG1  . ILE A 1 58  ? 4.292   -3.940  11.277  1.00 34.37  ? 37  ILE A CG1  1 
ATOM   300  C  CG2  . ILE A 1 58  ? 2.048   -3.666  10.153  1.00 31.77  ? 37  ILE A CG2  1 
ATOM   301  C  CD1  . ILE A 1 58  ? 5.021   -2.793  10.600  1.00 44.38  ? 37  ILE A CD1  1 
ATOM   302  N  N    . VAL A 1 59  ? 0.595   -6.953  10.787  1.00 28.71  ? 38  VAL A N    1 
ATOM   303  C  CA   . VAL A 1 59  ? -0.432  -7.759  10.142  1.00 29.69  ? 38  VAL A CA   1 
ATOM   304  C  C    . VAL A 1 59  ? -1.666  -6.876  9.944   1.00 30.58  ? 38  VAL A C    1 
ATOM   305  O  O    . VAL A 1 59  ? -2.268  -6.426  10.924  1.00 31.09  ? 38  VAL A O    1 
ATOM   306  C  CB   . VAL A 1 59  ? -0.762  -9.008  10.969  1.00 31.97  ? 38  VAL A CB   1 
ATOM   307  C  CG1  . VAL A 1 59  ? -1.839  -9.799  10.281  1.00 26.64  ? 38  VAL A CG1  1 
ATOM   308  C  CG2  . VAL A 1 59  ? 0.522   -9.859  11.193  1.00 29.06  ? 38  VAL A CG2  1 
ATOM   309  N  N    . THR A 1 60  ? -2.049  -6.649  8.677   1.00 28.22  ? 39  THR A N    1 
ATOM   310  C  CA   . THR A 1 60  ? -3.138  -5.742  8.306   1.00 35.07  ? 39  THR A CA   1 
ATOM   311  C  C    . THR A 1 60  ? -4.137  -6.446  7.393   1.00 33.46  ? 39  THR A C    1 
ATOM   312  O  O    . THR A 1 60  ? -3.767  -7.317  6.606   1.00 32.90  ? 39  THR A O    1 
ATOM   313  C  CB   . THR A 1 60  ? -2.593  -4.499  7.586   1.00 32.30  ? 39  THR A CB   1 
ATOM   314  O  OG1  . THR A 1 60  ? -1.558  -3.914  8.380   1.00 34.27  ? 39  THR A OG1  1 
ATOM   315  C  CG2  . THR A 1 60  ? -3.673  -3.465  7.366   1.00 40.20  ? 39  THR A CG2  1 
ATOM   316  N  N    . VAL A 1 61  ? -5.408  -6.065  7.502   1.00 30.58  ? 40  VAL A N    1 
ATOM   317  C  CA   . VAL A 1 61  ? -6.429  -6.428  6.524   1.00 28.74  ? 40  VAL A CA   1 
ATOM   318  C  C    . VAL A 1 61  ? -6.815  -5.164  5.752   1.00 35.15  ? 40  VAL A C    1 
ATOM   319  O  O    . VAL A 1 61  ? -7.128  -4.133  6.360   1.00 34.30  ? 40  VAL A O    1 
ATOM   320  C  CB   . VAL A 1 61  ? -7.654  -7.061  7.195   1.00 30.81  ? 40  VAL A CB   1 
ATOM   321  C  CG1  . VAL A 1 61  ? -8.703  -7.342  6.164   1.00 31.40  ? 40  VAL A CG1  1 
ATOM   322  C  CG2  . VAL A 1 61  ? -7.246  -8.368  7.972   1.00 31.28  ? 40  VAL A CG2  1 
ATOM   323  N  N    . VAL A 1 62  ? -6.783  -5.237  4.422   1.00 32.77  ? 41  VAL A N    1 
ATOM   324  C  CA   . VAL A 1 62  ? -7.105  -4.094  3.570   1.00 34.42  ? 41  VAL A CA   1 
ATOM   325  C  C    . VAL A 1 62  ? -8.359  -4.417  2.770   1.00 36.93  ? 41  VAL A C    1 
ATOM   326  O  O    . VAL A 1 62  ? -8.436  -5.473  2.117   1.00 32.58  ? 41  VAL A O    1 
ATOM   327  C  CB   . VAL A 1 62  ? -5.935  -3.728  2.635   1.00 35.34  ? 41  VAL A CB   1 
ATOM   328  C  CG1  . VAL A 1 62  ? -6.116  -2.311  2.034   1.00 41.66  ? 41  VAL A CG1  1 
ATOM   329  C  CG2  . VAL A 1 62  ? -4.619  -3.839  3.372   1.00 39.40  ? 41  VAL A CG2  1 
ATOM   330  N  N    . GLY A 1 63  ? -9.330  -3.506  2.817   1.00 36.19  ? 42  GLY A N    1 
ATOM   331  C  CA   . GLY A 1 63  ? -10.592 -3.604  2.118   1.00 34.59  ? 42  GLY A CA   1 
ATOM   332  C  C    . GLY A 1 63  ? -10.600 -2.783  0.844   1.00 37.24  ? 42  GLY A C    1 
ATOM   333  O  O    . GLY A 1 63  ? -9.570  -2.613  0.184   1.00 35.97  ? 42  GLY A O    1 
ATOM   334  N  N    . GLY A 1 64  ? -11.783 -2.277  0.488   1.00 37.08  ? 43  GLY A N    1 
ATOM   335  C  CA   . GLY A 1 64  ? -11.954 -1.434  -0.680  1.00 37.97  ? 43  GLY A CA   1 
ATOM   336  C  C    . GLY A 1 64  ? -13.353 -0.842  -0.754  1.00 39.05  ? 43  GLY A C    1 
ATOM   337  O  O    . GLY A 1 64  ? -14.175 -1.049  0.140   1.00 38.77  ? 43  GLY A O    1 
ATOM   338  N  N    . PRO A 1 65  ? -13.658 -0.089  -1.821  1.00 39.20  ? 44  PRO A N    1 
ATOM   339  C  CA   . PRO A 1 65  ? -12.822 0.309   -2.957  1.00 38.14  ? 44  PRO A CA   1 
ATOM   340  C  C    . PRO A 1 65  ? -11.716 1.273   -2.583  1.00 40.45  ? 44  PRO A C    1 
ATOM   341  O  O    . PRO A 1 65  ? -11.872 2.055   -1.657  1.00 41.13  ? 44  PRO A O    1 
ATOM   342  C  CB   . PRO A 1 65  ? -13.811 1.024   -3.901  1.00 40.25  ? 44  PRO A CB   1 
ATOM   343  C  CG   . PRO A 1 65  ? -15.168 0.727   -3.376  1.00 43.02  ? 44  PRO A CG   1 
ATOM   344  C  CD   . PRO A 1 65  ? -14.998 0.511   -1.910  1.00 46.02  ? 44  PRO A CD   1 
ATOM   345  N  N    . ASN A 1 66  ? -10.604 1.210   -3.309  1.00 41.84  ? 45  ASN A N    1 
ATOM   346  C  CA   . ASN A 1 66  ? -9.596  2.257   -3.242  1.00 43.18  ? 45  ASN A CA   1 
ATOM   347  C  C    . ASN A 1 66  ? -8.686  2.127   -4.449  1.00 44.09  ? 45  ASN A C    1 
ATOM   348  O  O    . ASN A 1 66  ? -8.199  1.028   -4.744  1.00 40.10  ? 45  ASN A O    1 
ATOM   349  C  CB   . ASN A 1 66  ? -8.775  2.188   -1.946  1.00 47.18  ? 45  ASN A CB   1 
ATOM   350  C  CG   . ASN A 1 66  ? -7.792  3.350   -1.823  1.00 54.98  ? 45  ASN A CG   1 
ATOM   351  O  OD1  . ASN A 1 66  ? -8.145  4.425   -1.330  1.00 54.54  ? 45  ASN A OD1  1 
ATOM   352  N  ND2  . ASN A 1 66  ? -6.546  3.128   -2.244  1.00 51.87  ? 45  ASN A ND2  1 
ATOM   353  N  N    . HIS A 1 67  ? -8.497  3.238   -5.151  1.00 37.80  ? 46  HIS A N    1 
ATOM   354  C  CA   . HIS A 1 67  ? -7.475  3.424   -6.168  1.00 39.01  ? 46  HIS A CA   1 
ATOM   355  C  C    . HIS A 1 67  ? -6.479  4.460   -5.663  1.00 43.30  ? 46  HIS A C    1 
ATOM   356  O  O    . HIS A 1 67  ? -6.801  5.310   -4.827  1.00 45.17  ? 46  HIS A O    1 
ATOM   357  C  CB   . HIS A 1 67  ? -8.077  3.895   -7.498  1.00 40.73  ? 46  HIS A CB   1 
ATOM   358  C  CG   . HIS A 1 67  ? -9.111  2.967   -8.059  1.00 44.56  ? 46  HIS A CG   1 
ATOM   359  N  ND1  . HIS A 1 67  ? -8.841  2.084   -9.081  1.00 49.15  ? 46  HIS A ND1  1 
ATOM   360  C  CD2  . HIS A 1 67  ? -10.413 2.777   -7.735  1.00 45.34  ? 46  HIS A CD2  1 
ATOM   361  C  CE1  . HIS A 1 67  ? -9.930  1.388   -9.362  1.00 45.24  ? 46  HIS A CE1  1 
ATOM   362  N  NE2  . HIS A 1 67  ? -10.899 1.793   -8.561  1.00 45.40  ? 46  HIS A NE2  1 
ATOM   363  N  N    . ARG A 1 68  ? -5.256  4.389   -6.169  1.00 38.27  ? 47  ARG A N    1 
ATOM   364  C  CA   . ARG A 1 68  ? -4.265  5.362   -5.739  1.00 40.78  ? 47  ARG A CA   1 
ATOM   365  C  C    . ARG A 1 68  ? -3.179  5.439   -6.790  1.00 39.69  ? 47  ARG A C    1 
ATOM   366  O  O    . ARG A 1 68  ? -2.986  4.507   -7.576  1.00 37.43  ? 47  ARG A O    1 
ATOM   367  C  CB   . ARG A 1 68  ? -3.661  4.998   -4.388  1.00 41.91  ? 47  ARG A CB   1 
ATOM   368  C  CG   . ARG A 1 68  ? -2.911  3.673   -4.431  1.00 39.37  ? 47  ARG A CG   1 
ATOM   369  C  CD   . ARG A 1 68  ? -1.905  3.607   -3.311  1.00 41.54  ? 47  ARG A CD   1 
ATOM   370  N  NE   . ARG A 1 68  ? -2.487  3.099   -2.087  1.00 46.52  ? 47  ARG A NE   1 
ATOM   371  C  CZ   . ARG A 1 68  ? -1.896  3.164   -0.898  1.00 53.42  ? 47  ARG A CZ   1 
ATOM   372  N  NH1  . ARG A 1 68  ? -0.707  3.741   -0.768  1.00 43.31  ? 47  ARG A NH1  1 
ATOM   373  N  NH2  . ARG A 1 68  ? -2.501  2.643   0.164   1.00 56.72  ? 47  ARG A NH2  1 
ATOM   374  N  N    . THR A 1 69  ? -2.455  6.560   -6.771  1.00 31.66  ? 48  THR A N    1 
ATOM   375  C  CA   . THR A 1 69  ? -1.455  6.841   -7.788  1.00 36.19  ? 48  THR A CA   1 
ATOM   376  C  C    . THR A 1 69  ? -0.033  6.657   -7.285  1.00 35.58  ? 48  THR A C    1 
ATOM   377  O  O    . THR A 1 69  ? 0.893   6.603   -8.101  1.00 36.37  ? 48  THR A O    1 
ATOM   378  C  CB   . THR A 1 69  ? -1.636  8.274   -8.333  1.00 37.00  ? 48  THR A CB   1 
ATOM   379  O  OG1  . THR A 1 69  ? -1.352  9.220   -7.296  1.00 35.60  ? 48  THR A OG1  1 
ATOM   380  C  CG2  . THR A 1 69  ? -3.061  8.476   -8.799  1.00 38.36  ? 48  THR A CG2  1 
ATOM   381  N  N    . ASP A 1 70  ? 0.163   6.534   -5.979  1.00 35.85  ? 49  ASP A N    1 
ATOM   382  C  CA   . ASP A 1 70  ? 1.504   6.416   -5.437  1.00 36.05  ? 49  ASP A CA   1 
ATOM   383  C  C    . ASP A 1 70  ? 2.020   4.984   -5.525  1.00 37.97  ? 49  ASP A C    1 
ATOM   384  O  O    . ASP A 1 70  ? 1.256   4.017   -5.491  1.00 35.83  ? 49  ASP A O    1 
ATOM   385  C  CB   . ASP A 1 70  ? 1.534   6.862   -3.983  1.00 39.83  ? 49  ASP A CB   1 
ATOM   386  C  CG   . ASP A 1 70  ? 0.640   6.022   -3.102  1.00 41.41  ? 49  ASP A CG   1 
ATOM   387  O  OD1  . ASP A 1 70  ? -0.589  6.232   -3.120  1.00 41.47  ? 49  ASP A OD1  1 
ATOM   388  O  OD2  . ASP A 1 70  ? 1.170   5.156   -2.386  1.00 41.51  ? 49  ASP A OD2  1 
ATOM   389  N  N    . TYR A 1 71  ? 3.335   4.866   -5.618  1.00 31.76  ? 50  TYR A N    1 
ATOM   390  C  CA   . TYR A 1 71  ? 4.041   3.600   -5.591  1.00 36.01  ? 50  TYR A CA   1 
ATOM   391  C  C    . TYR A 1 71  ? 4.829   3.518   -4.294  1.00 39.22  ? 50  TYR A C    1 
ATOM   392  O  O    . TYR A 1 71  ? 5.361   4.532   -3.819  1.00 35.82  ? 50  TYR A O    1 
ATOM   393  C  CB   . TYR A 1 71  ? 4.982   3.470   -6.784  1.00 37.27  ? 50  TYR A CB   1 
ATOM   394  C  CG   . TYR A 1 71  ? 4.269   3.117   -8.058  1.00 40.47  ? 50  TYR A CG   1 
ATOM   395  C  CD1  . TYR A 1 71  ? 3.648   4.098   -8.831  1.00 38.64  ? 50  TYR A CD1  1 
ATOM   396  C  CD2  . TYR A 1 71  ? 4.199   1.790   -8.484  1.00 38.43  ? 50  TYR A CD2  1 
ATOM   397  C  CE1  . TYR A 1 71  ? 2.984   3.771   -10.007 1.00 39.83  ? 50  TYR A CE1  1 
ATOM   398  C  CE2  . TYR A 1 71  ? 3.547   1.452   -9.646  1.00 36.84  ? 50  TYR A CE2  1 
ATOM   399  C  CZ   . TYR A 1 71  ? 2.943   2.438   -10.411 1.00 42.24  ? 50  TYR A CZ   1 
ATOM   400  O  OH   . TYR A 1 71  ? 2.296   2.071   -11.573 1.00 45.64  ? 50  TYR A OH   1 
ATOM   401  N  N    . HIS A 1 72  ? 4.864   2.313   -3.716  1.00 34.57  ? 51  HIS A N    1 
ATOM   402  C  CA   . HIS A 1 72  ? 5.557   2.038   -2.460  1.00 32.89  ? 51  HIS A CA   1 
ATOM   403  C  C    . HIS A 1 72  ? 6.864   1.309   -2.738  1.00 31.53  ? 51  HIS A C    1 
ATOM   404  O  O    . HIS A 1 72  ? 6.884   0.335   -3.493  1.00 35.43  ? 51  HIS A O    1 
ATOM   405  C  CB   . HIS A 1 72  ? 4.691   1.188   -1.519  1.00 34.77  ? 51  HIS A CB   1 
ATOM   406  C  CG   . HIS A 1 72  ? 5.291   1.003   -0.156  1.00 37.26  ? 51  HIS A CG   1 
ATOM   407  N  ND1  . HIS A 1 72  ? 4.844   0.049   0.731   1.00 34.71  ? 51  HIS A ND1  1 
ATOM   408  C  CD2  . HIS A 1 72  ? 6.296   1.659   0.478   1.00 34.29  ? 51  HIS A CD2  1 
ATOM   409  C  CE1  . HIS A 1 72  ? 5.542   0.119   1.851   1.00 34.95  ? 51  HIS A CE1  1 
ATOM   410  N  NE2  . HIS A 1 72  ? 6.426   1.093   1.726   1.00 37.01  ? 51  HIS A NE2  1 
ATOM   411  N  N    . ASP A 1 73  ? 7.939   1.786   -2.121  1.00 31.57  ? 52  ASP A N    1 
ATOM   412  C  CA   . ASP A 1 73  ? 9.280   1.210   -2.151  1.00 34.92  ? 52  ASP A CA   1 
ATOM   413  C  C    . ASP A 1 73  ? 9.542   0.720   -0.725  1.00 34.96  ? 52  ASP A C    1 
ATOM   414  O  O    . ASP A 1 73  ? 10.002  1.488   0.123   1.00 33.05  ? 52  ASP A O    1 
ATOM   415  C  CB   . ASP A 1 73  ? 10.320  2.266   -2.580  1.00 37.91  ? 52  ASP A CB   1 
ATOM   416  C  CG   . ASP A 1 73  ? 11.756  1.727   -2.589  1.00 39.37  ? 52  ASP A CG   1 
ATOM   417  O  OD1  . ASP A 1 73  ? 11.942  0.512   -2.369  1.00 35.58  ? 52  ASP A OD1  1 
ATOM   418  O  OD2  . ASP A 1 73  ? 12.703  2.537   -2.731  1.00 38.93  ? 52  ASP A OD2  1 
ATOM   419  N  N    . ASP A 1 74  ? 9.183   -0.546  -0.454  1.00 32.88  ? 53  ASP A N    1 
ATOM   420  C  CA   . ASP A 1 74  ? 9.371   -1.154  0.865   1.00 33.39  ? 53  ASP A CA   1 
ATOM   421  C  C    . ASP A 1 74  ? 10.732  -1.839  0.914   1.00 33.93  ? 53  ASP A C    1 
ATOM   422  O  O    . ASP A 1 74  ? 10.973  -2.743  0.108   1.00 33.92  ? 53  ASP A O    1 
ATOM   423  C  CB   . ASP A 1 74  ? 8.264   -2.172  1.161   1.00 36.02  ? 53  ASP A CB   1 
ATOM   424  C  CG   . ASP A 1 74  ? 8.298   -2.733  2.616   1.00 38.75  ? 53  ASP A CG   1 
ATOM   425  O  OD1  . ASP A 1 74  ? 9.341   -2.672  3.306   1.00 37.39  ? 53  ASP A OD1  1 
ATOM   426  O  OD2  . ASP A 1 74  ? 7.256   -3.269  3.077   1.00 38.01  ? 53  ASP A OD2  1 
ATOM   427  N  N    . PRO A 1 75  ? 11.623  -1.468  1.829   1.00 32.81  ? 54  PRO A N    1 
ATOM   428  C  CA   . PRO A 1 75  ? 12.937  -2.131  1.887   1.00 38.29  ? 54  PRO A CA   1 
ATOM   429  C  C    . PRO A 1 75  ? 12.882  -3.590  2.348   1.00 38.11  ? 54  PRO A C    1 
ATOM   430  O  O    . PRO A 1 75  ? 13.924  -4.240  2.343   1.00 31.96  ? 54  PRO A O    1 
ATOM   431  C  CB   . PRO A 1 75  ? 13.717  -1.274  2.893   1.00 34.59  ? 54  PRO A CB   1 
ATOM   432  C  CG   . PRO A 1 75  ? 12.653  -0.798  3.832   1.00 35.87  ? 54  PRO A CG   1 
ATOM   433  C  CD   . PRO A 1 75  ? 11.436  -0.531  2.951   1.00 32.96  ? 54  PRO A CD   1 
ATOM   434  N  N    . LEU A 1 76  ? 11.714  -4.120  2.724   1.00 35.53  ? 55  LEU A N    1 
ATOM   435  C  CA   . LEU A 1 76  ? 11.562  -5.511  3.137   1.00 36.35  ? 55  LEU A CA   1 
ATOM   436  C  C    . LEU A 1 76  ? 10.430  -6.172  2.359   1.00 36.45  ? 55  LEU A C    1 
ATOM   437  O  O    . LEU A 1 76  ? 9.707   -5.523  1.588   1.00 34.91  ? 55  LEU A O    1 
ATOM   438  C  CB   . LEU A 1 76  ? 11.297  -5.618  4.641   1.00 35.67  ? 55  LEU A CB   1 
ATOM   439  C  CG   . LEU A 1 76  ? 12.485  -5.188  5.490   1.00 39.34  ? 55  LEU A CG   1 
ATOM   440  C  CD1  . LEU A 1 76  ? 12.011  -4.610  6.807   1.00 42.34  ? 55  LEU A CD1  1 
ATOM   441  C  CD2  . LEU A 1 76  ? 13.426  -6.370  5.692   1.00 43.04  ? 55  LEU A CD2  1 
ATOM   442  N  N    . GLU A 1 77  ? 10.269  -7.477  2.599   1.00 33.19  ? 56  GLU A N    1 
ATOM   443  C  CA   . GLU A 1 77  ? 9.304   -8.295  1.875   1.00 32.46  ? 56  GLU A CA   1 
ATOM   444  C  C    . GLU A 1 77  ? 7.886   -8.024  2.344   1.00 29.36  ? 56  GLU A C    1 
ATOM   445  O  O    . GLU A 1 77  ? 7.641   -7.617  3.480   1.00 31.88  ? 56  GLU A O    1 
ATOM   446  C  CB   . GLU A 1 77  ? 9.577   -9.793  2.075   1.00 33.07  ? 56  GLU A CB   1 
ATOM   447  C  CG   . GLU A 1 77  ? 10.743  -10.351 1.293   1.00 35.96  ? 56  GLU A CG   1 
ATOM   448  C  CD   . GLU A 1 77  ? 11.167  -11.721 1.799   1.00 39.23  ? 56  GLU A CD   1 
ATOM   449  O  OE1  . GLU A 1 77  ? 10.380  -12.354 2.538   1.00 36.47  ? 56  GLU A OE1  1 
ATOM   450  O  OE2  . GLU A 1 77  ? 12.289  -12.156 1.455   1.00 38.46  ? 56  GLU A OE2  1 
ATOM   451  N  N    . GLU A 1 78  ? 6.935   -8.314  1.468   1.00 29.82  ? 57  GLU A N    1 
ATOM   452  C  CA   . GLU A 1 78  ? 5.528   -8.152  1.814   1.00 31.08  ? 57  GLU A CA   1 
ATOM   453  C  C    . GLU A 1 78  ? 4.775   -9.405  1.413   1.00 31.77  ? 57  GLU A C    1 
ATOM   454  O  O    . GLU A 1 78  ? 4.955   -9.906  0.305   1.00 31.75  ? 57  GLU A O    1 
ATOM   455  C  CB   . GLU A 1 78  ? 4.915   -6.921  1.129   1.00 33.95  ? 57  GLU A CB   1 
ATOM   456  C  CG   . GLU A 1 78  ? 5.423   -5.643  1.731   1.00 37.31  ? 57  GLU A CG   1 
ATOM   457  C  CD   . GLU A 1 78  ? 4.712   -4.372  1.222   1.00 38.87  ? 57  GLU A CD   1 
ATOM   458  O  OE1  . GLU A 1 78  ? 5.347   -3.300  1.306   1.00 38.73  ? 57  GLU A OE1  1 
ATOM   459  O  OE2  . GLU A 1 78  ? 3.545   -4.431  0.766   1.00 36.06  ? 57  GLU A OE2  1 
ATOM   460  N  N    . PHE A 1 79  ? 3.936   -9.904  2.307   1.00 34.59  ? 58  PHE A N    1 
ATOM   461  C  CA   . PHE A 1 79  ? 3.167   -11.119 2.078   1.00 32.59  ? 58  PHE A CA   1 
ATOM   462  C  C    . PHE A 1 79  ? 1.710   -10.738 1.862   1.00 31.71  ? 58  PHE A C    1 
ATOM   463  O  O    . PHE A 1 79  ? 1.145   -9.994  2.667   1.00 32.48  ? 58  PHE A O    1 
ATOM   464  C  CB   . PHE A 1 79  ? 3.296   -12.072 3.269   1.00 28.11  ? 58  PHE A CB   1 
ATOM   465  C  CG   . PHE A 1 79  ? 2.337   -13.231 3.228   1.00 30.55  ? 58  PHE A CG   1 
ATOM   466  C  CD1  . PHE A 1 79  ? 2.588   -14.332 2.419   1.00 28.80  ? 58  PHE A CD1  1 
ATOM   467  C  CD2  . PHE A 1 79  ? 1.199   -13.232 4.010   1.00 30.90  ? 58  PHE A CD2  1 
ATOM   468  C  CE1  . PHE A 1 79  ? 1.697   -15.392 2.377   1.00 33.08  ? 58  PHE A CE1  1 
ATOM   469  C  CE2  . PHE A 1 79  ? 0.313   -14.297 3.974   1.00 31.20  ? 58  PHE A CE2  1 
ATOM   470  C  CZ   . PHE A 1 79  ? 0.562   -15.374 3.163   1.00 31.42  ? 58  PHE A CZ   1 
ATOM   471  N  N    . PHE A 1 80  ? 1.105   -11.253 0.792   1.00 29.81  ? 59  PHE A N    1 
ATOM   472  C  CA   . PHE A 1 80  ? -0.299  -10.996 0.480   1.00 31.01  ? 59  PHE A CA   1 
ATOM   473  C  C    . PHE A 1 80  ? -1.070  -12.312 0.427   1.00 32.86  ? 59  PHE A C    1 
ATOM   474  O  O    . PHE A 1 80  ? -0.610  -13.294 -0.170  1.00 30.67  ? 59  PHE A O    1 
ATOM   475  C  CB   . PHE A 1 80  ? -0.479  -10.284 -0.861  1.00 30.95  ? 59  PHE A CB   1 
ATOM   476  C  CG   . PHE A 1 80  ? 0.151   -8.912  -0.936  1.00 34.87  ? 59  PHE A CG   1 
ATOM   477  C  CD1  . PHE A 1 80  ? 1.519   -8.770  -1.120  1.00 32.62  ? 59  PHE A CD1  1 
ATOM   478  C  CD2  . PHE A 1 80  ? -0.643  -7.766  -0.894  1.00 31.41  ? 59  PHE A CD2  1 
ATOM   479  C  CE1  . PHE A 1 80  ? 2.085   -7.519  -1.227  1.00 33.27  ? 59  PHE A CE1  1 
ATOM   480  C  CE2  . PHE A 1 80  ? -0.087  -6.518  -0.974  1.00 32.62  ? 59  PHE A CE2  1 
ATOM   481  C  CZ   . PHE A 1 80  ? 1.283   -6.386  -1.149  1.00 36.57  ? 59  PHE A CZ   1 
ATOM   482  N  N    . TYR A 1 81  ? -2.257  -12.315 1.034   1.00 31.99  ? 60  TYR A N    1 
ATOM   483  C  CA   . TYR A 1 81  ? -3.191  -13.435 0.941   1.00 29.43  ? 60  TYR A CA   1 
ATOM   484  C  C    . TYR A 1 81  ? -4.564  -12.811 0.732   1.00 32.07  ? 60  TYR A C    1 
ATOM   485  O  O    . TYR A 1 81  ? -5.150  -12.265 1.669   1.00 31.90  ? 60  TYR A O    1 
ATOM   486  C  CB   . TYR A 1 81  ? -3.149  -14.317 2.188   1.00 30.75  ? 60  TYR A CB   1 
ATOM   487  C  CG   . TYR A 1 81  ? -4.042  -15.535 2.121   1.00 35.96  ? 60  TYR A CG   1 
ATOM   488  C  CD1  . TYR A 1 81  ? -4.700  -15.889 0.953   1.00 34.91  ? 60  TYR A CD1  1 
ATOM   489  C  CD2  . TYR A 1 81  ? -4.220  -16.347 3.244   1.00 38.89  ? 60  TYR A CD2  1 
ATOM   490  C  CE1  . TYR A 1 81  ? -5.529  -17.018 0.900   1.00 38.50  ? 60  TYR A CE1  1 
ATOM   491  C  CE2  . TYR A 1 81  ? -5.044  -17.469 3.203   1.00 42.99  ? 60  TYR A CE2  1 
ATOM   492  C  CZ   . TYR A 1 81  ? -5.694  -17.802 2.031   1.00 44.62  ? 60  TYR A CZ   1 
ATOM   493  O  OH   . TYR A 1 81  ? -6.505  -18.919 1.981   1.00 37.55  ? 60  TYR A OH   1 
ATOM   494  N  N    . GLN A 1 82  ? -5.069  -12.894 -0.499  1.00 35.09  ? 61  GLN A N    1 
ATOM   495  C  CA   . GLN A 1 82  ? -6.305  -12.218 -0.886  1.00 32.97  ? 61  GLN A CA   1 
ATOM   496  C  C    . GLN A 1 82  ? -7.474  -13.101 -0.458  1.00 34.03  ? 61  GLN A C    1 
ATOM   497  O  O    . GLN A 1 82  ? -7.920  -13.995 -1.177  1.00 35.68  ? 61  GLN A O    1 
ATOM   498  C  CB   . GLN A 1 82  ? -6.298  -11.891 -2.381  1.00 34.70  ? 61  GLN A CB   1 
ATOM   499  C  CG   . GLN A 1 82  ? -7.516  -11.112 -2.852  1.00 33.57  ? 61  GLN A CG   1 
ATOM   500  C  CD   . GLN A 1 82  ? -7.499  -9.616  -2.429  1.00 35.68  ? 61  GLN A CD   1 
ATOM   501  O  OE1  . GLN A 1 82  ? -6.455  -8.949  -2.435  1.00 32.58  ? 61  GLN A OE1  1 
ATOM   502  N  NE2  . GLN A 1 82  ? -8.667  -9.099  -2.066  1.00 33.27  ? 61  GLN A NE2  1 
ATOM   503  N  N    . LEU A 1 83  ? -7.980  -12.816 0.742   1.00 33.71  ? 62  LEU A N    1 
ATOM   504  C  CA   . LEU A 1 83  ? -9.014  -13.643 1.356   1.00 37.02  ? 62  LEU A CA   1 
ATOM   505  C  C    . LEU A 1 83  ? -10.352 -13.518 0.630   1.00 38.28  ? 62  LEU A C    1 
ATOM   506  O  O    . LEU A 1 83  ? -11.031 -14.523 0.396   1.00 34.00  ? 62  LEU A O    1 
ATOM   507  C  CB   . LEU A 1 83  ? -9.163  -13.246 2.823   1.00 30.74  ? 62  LEU A CB   1 
ATOM   508  C  CG   . LEU A 1 83  ? -7.843  -13.385 3.583   1.00 38.59  ? 62  LEU A CG   1 
ATOM   509  C  CD1  . LEU A 1 83  ? -7.982  -12.956 5.028   1.00 43.20  ? 62  LEU A CD1  1 
ATOM   510  C  CD2  . LEU A 1 83  ? -7.374  -14.817 3.514   1.00 36.23  ? 62  LEU A CD2  1 
ATOM   511  N  N    . ARG A 1 84  ? -10.766 -12.290 0.308   1.00 32.14  ? 63  ARG A N    1 
ATOM   512  C  CA   . ARG A 1 84  ? -12.080 -12.039 -0.284  1.00 34.50  ? 63  ARG A CA   1 
ATOM   513  C  C    . ARG A 1 84  ? -11.969 -11.020 -1.405  1.00 33.93  ? 63  ARG A C    1 
ATOM   514  O  O    . ARG A 1 84  ? -11.252 -10.023 -1.274  1.00 33.82  ? 63  ARG A O    1 
ATOM   515  C  CB   . ARG A 1 84  ? -13.078 -11.512 0.745   1.00 31.66  ? 63  ARG A CB   1 
ATOM   516  C  CG   . ARG A 1 84  ? -13.325 -12.456 1.912   1.00 39.06  ? 63  ARG A CG   1 
ATOM   517  C  CD   . ARG A 1 84  ? -14.234 -11.775 2.926   1.00 41.77  ? 63  ARG A CD   1 
ATOM   518  N  NE   . ARG A 1 84  ? -14.288 -12.515 4.183   1.00 40.92  ? 63  ARG A NE   1 
ATOM   519  C  CZ   . ARG A 1 84  ? -15.010 -12.138 5.230   1.00 41.77  ? 63  ARG A CZ   1 
ATOM   520  N  NH1  . ARG A 1 84  ? -15.736 -11.021 5.174   1.00 34.45  ? 63  ARG A NH1  1 
ATOM   521  N  NH2  . ARG A 1 84  ? -15.003 -12.874 6.334   1.00 37.14  ? 63  ARG A NH2  1 
ATOM   522  N  N    . GLY A 1 85  ? -12.705 -11.269 -2.497  1.00 34.58  ? 64  GLY A N    1 
ATOM   523  C  CA   . GLY A 1 85  ? -12.727 -10.373 -3.640  1.00 32.87  ? 64  GLY A CA   1 
ATOM   524  C  C    . GLY A 1 85  ? -11.405 -10.409 -4.387  1.00 36.80  ? 64  GLY A C    1 
ATOM   525  O  O    . GLY A 1 85  ? -10.530 -11.241 -4.133  1.00 34.90  ? 64  GLY A O    1 
ATOM   526  N  N    . ASN A 1 86  ? -11.261 -9.465  -5.318  1.00 33.85  ? 65  ASN A N    1 
ATOM   527  C  CA   . ASN A 1 86  ? -10.103 -9.424  -6.198  1.00 34.57  ? 65  ASN A CA   1 
ATOM   528  C  C    . ASN A 1 86  ? -9.476  -8.037  -6.183  1.00 33.54  ? 65  ASN A C    1 
ATOM   529  O  O    . ASN A 1 86  ? -10.166 -7.029  -6.057  1.00 35.36  ? 65  ASN A O    1 
ATOM   530  C  CB   . ASN A 1 86  ? -10.485 -9.809  -7.638  1.00 38.10  ? 65  ASN A CB   1 
ATOM   531  C  CG   . ASN A 1 86  ? -11.413 -11.013 -7.697  1.00 35.30  ? 65  ASN A CG   1 
ATOM   532  O  OD1  . ASN A 1 86  ? -10.962 -12.154 -7.593  1.00 40.32  ? 65  ASN A OD1  1 
ATOM   533  N  ND2  . ASN A 1 86  ? -12.712 -10.768 -7.855  1.00 34.90  ? 65  ASN A ND2  1 
ATOM   534  N  N    . ALA A 1 87  ? -8.157  -7.995  -6.325  1.00 33.65  ? 66  ALA A N    1 
ATOM   535  C  CA   . ALA A 1 87  ? -7.429  -6.731  -6.348  1.00 32.86  ? 66  ALA A CA   1 
ATOM   536  C  C    . ALA A 1 87  ? -6.269  -6.901  -7.318  1.00 35.45  ? 66  ALA A C    1 
ATOM   537  O  O    . ALA A 1 87  ? -6.118  -7.960  -7.932  1.00 33.80  ? 66  ALA A O    1 
ATOM   538  C  CB   . ALA A 1 87  ? -6.965  -6.340  -4.939  1.00 30.37  ? 66  ALA A CB   1 
ATOM   539  N  N    . TYR A 1 88  ? -5.463  -5.850  -7.487  1.00 33.90  ? 67  TYR A N    1 
ATOM   540  C  CA   . TYR A 1 88  ? -4.268  -6.011  -8.307  1.00 34.14  ? 67  TYR A CA   1 
ATOM   541  C  C    . TYR A 1 88  ? -3.218  -4.982  -7.905  1.00 33.66  ? 67  TYR A C    1 
ATOM   542  O  O    . TYR A 1 88  ? -3.513  -3.974  -7.262  1.00 33.53  ? 67  TYR A O    1 
ATOM   543  C  CB   . TYR A 1 88  ? -4.585  -5.936  -9.812  1.00 37.19  ? 67  TYR A CB   1 
ATOM   544  C  CG   . TYR A 1 88  ? -5.155  -4.614  -10.303 1.00 41.23  ? 67  TYR A CG   1 
ATOM   545  C  CD1  . TYR A 1 88  ? -6.525  -4.361  -10.259 1.00 41.70  ? 67  TYR A CD1  1 
ATOM   546  C  CD2  . TYR A 1 88  ? -4.320  -3.622  -10.830 1.00 39.96  ? 67  TYR A CD2  1 
ATOM   547  C  CE1  . TYR A 1 88  ? -7.050  -3.139  -10.717 1.00 44.50  ? 67  TYR A CE1  1 
ATOM   548  C  CE2  . TYR A 1 88  ? -4.839  -2.407  -11.294 1.00 39.13  ? 67  TYR A CE2  1 
ATOM   549  C  CZ   . TYR A 1 88  ? -6.196  -2.176  -11.234 1.00 41.26  ? 67  TYR A CZ   1 
ATOM   550  O  OH   . TYR A 1 88  ? -6.708  -0.979  -11.687 1.00 44.54  ? 67  TYR A OH   1 
ATOM   551  N  N    . LEU A 1 89  ? -1.976  -5.280  -8.254  1.00 35.36  ? 68  LEU A N    1 
ATOM   552  C  CA   . LEU A 1 89  ? -0.835  -4.445  -7.920  1.00 35.26  ? 68  LEU A CA   1 
ATOM   553  C  C    . LEU A 1 89  ? -0.276  -3.907  -9.221  1.00 38.45  ? 68  LEU A C    1 
ATOM   554  O  O    . LEU A 1 89  ? 0.115   -4.694  -10.091 1.00 39.35  ? 68  LEU A O    1 
ATOM   555  C  CB   . LEU A 1 89  ? 0.263   -5.228  -7.194  1.00 35.76  ? 68  LEU A CB   1 
ATOM   556  C  CG   . LEU A 1 89  ? 0.000   -5.936  -5.858  1.00 40.91  ? 68  LEU A CG   1 
ATOM   557  C  CD1  . LEU A 1 89  ? -0.869  -5.063  -4.940  1.00 41.21  ? 68  LEU A CD1  1 
ATOM   558  C  CD2  . LEU A 1 89  ? -0.632  -7.267  -6.111  1.00 41.87  ? 68  LEU A CD2  1 
ATOM   559  N  N    . ASN A 1 90  ? -0.236  -2.582  -9.357  1.00 34.50  ? 69  ASN A N    1 
ATOM   560  C  CA   . ASN A 1 90  ? 0.586   -2.008  -10.411 1.00 39.69  ? 69  ASN A CA   1 
ATOM   561  C  C    . ASN A 1 90  ? 2.041   -2.074  -9.955  1.00 39.37  ? 69  ASN A C    1 
ATOM   562  O  O    . ASN A 1 90  ? 2.371   -1.622  -8.858  1.00 40.13  ? 69  ASN A O    1 
ATOM   563  C  CB   . ASN A 1 90  ? 0.164   -0.566  -10.716 1.00 38.62  ? 69  ASN A CB   1 
ATOM   564  C  CG   . ASN A 1 90  ? -1.204  -0.481  -11.388 1.00 41.97  ? 69  ASN A CG   1 
ATOM   565  O  OD1  . ASN A 1 90  ? -1.589  -1.350  -12.175 1.00 42.50  ? 69  ASN A OD1  1 
ATOM   566  N  ND2  . ASN A 1 90  ? -1.941  0.576   -11.079 1.00 38.89  ? 69  ASN A ND2  1 
ATOM   567  N  N    . LEU A 1 91  ? 2.908   -2.655  -10.777 1.00 40.21  ? 70  LEU A N    1 
ATOM   568  C  CA   . LEU A 1 91  ? 4.324   -2.783  -10.470 1.00 41.07  ? 70  LEU A CA   1 
ATOM   569  C  C    . LEU A 1 91  ? 5.161   -2.098  -11.542 1.00 43.91  ? 70  LEU A C    1 
ATOM   570  O  O    . LEU A 1 91  ? 4.694   -1.840  -12.651 1.00 46.43  ? 70  LEU A O    1 
ATOM   571  C  CB   . LEU A 1 91  ? 4.757   -4.262  -10.379 1.00 40.61  ? 70  LEU A CB   1 
ATOM   572  C  CG   . LEU A 1 91  ? 3.907   -5.258  -9.590  1.00 43.63  ? 70  LEU A CG   1 
ATOM   573  C  CD1  . LEU A 1 91  ? 4.473   -6.699  -9.719  1.00 32.63  ? 70  LEU A CD1  1 
ATOM   574  C  CD2  . LEU A 1 91  ? 3.792   -4.851  -8.118  1.00 36.89  ? 70  LEU A CD2  1 
ATOM   575  N  N    . TRP A 1 92  ? 6.414   -1.806  -11.188 1.00 46.31  ? 71  TRP A N    1 
ATOM   576  C  CA   . TRP A 1 92  ? 7.501   -1.596  -12.148 1.00 51.99  ? 71  TRP A CA   1 
ATOM   577  C  C    . TRP A 1 92  ? 8.385   -2.839  -12.050 1.00 61.48  ? 71  TRP A C    1 
ATOM   578  O  O    . TRP A 1 92  ? 9.170   -2.971  -11.107 1.00 60.58  ? 71  TRP A O    1 
ATOM   579  C  CB   . TRP A 1 92  ? 8.279   -0.321  -11.841 1.00 51.33  ? 71  TRP A CB   1 
ATOM   580  C  CG   . TRP A 1 92  ? 7.477   0.966   -12.068 1.00 54.80  ? 71  TRP A CG   1 
ATOM   581  C  CD1  . TRP A 1 92  ? 6.688   1.610   -11.159 1.00 49.71  ? 71  TRP A CD1  1 
ATOM   582  C  CD2  . TRP A 1 92  ? 7.411   1.753   -13.279 1.00 60.25  ? 71  TRP A CD2  1 
ATOM   583  N  NE1  . TRP A 1 92  ? 6.125   2.733   -11.728 1.00 51.62  ? 71  TRP A NE1  1 
ATOM   584  C  CE2  . TRP A 1 92  ? 6.554   2.840   -13.026 1.00 53.40  ? 71  TRP A CE2  1 
ATOM   585  C  CE3  . TRP A 1 92  ? 7.983   1.631   -14.549 1.00 64.81  ? 71  TRP A CE3  1 
ATOM   586  C  CZ2  . TRP A 1 92  ? 6.258   3.801   -13.992 1.00 59.41  ? 71  TRP A CZ2  1 
ATOM   587  C  CZ3  . TRP A 1 92  ? 7.687   2.590   -15.507 1.00 64.88  ? 71  TRP A CZ3  1 
ATOM   588  C  CH2  . TRP A 1 92  ? 6.836   3.663   -15.220 1.00 58.28  ? 71  TRP A CH2  1 
ATOM   589  N  N    . VAL A 1 93  ? 8.242   -3.769  -13.000 1.00 63.43  ? 72  VAL A N    1 
ATOM   590  C  CA   . VAL A 1 93  ? 8.930   -5.055  -12.872 1.00 68.29  ? 72  VAL A CA   1 
ATOM   591  C  C    . VAL A 1 93  ? 10.338  -4.952  -13.449 1.00 71.86  ? 72  VAL A C    1 
ATOM   592  O  O    . VAL A 1 93  ? 11.323  -5.048  -12.707 1.00 75.87  ? 72  VAL A O    1 
ATOM   593  C  CB   . VAL A 1 93  ? 8.136   -6.217  -13.515 1.00 75.91  ? 72  VAL A CB   1 
ATOM   594  C  CG1  . VAL A 1 93  ? 9.052   -7.417  -13.840 1.00 70.20  ? 72  VAL A CG1  1 
ATOM   595  C  CG2  . VAL A 1 93  ? 7.030   -6.684  -12.577 1.00 65.59  ? 72  VAL A CG2  1 
ATOM   596  N  N    . ASP A 1 94  ? 10.460  -4.754  -14.763 1.00 71.16  ? 73  ASP A N    1 
ATOM   597  C  CA   . ASP A 1 94  ? 11.793  -4.742  -15.360 1.00 80.10  ? 73  ASP A CA   1 
ATOM   598  C  C    . ASP A 1 94  ? 12.019  -3.444  -16.119 1.00 77.07  ? 73  ASP A C    1 
ATOM   599  O  O    . ASP A 1 94  ? 12.398  -3.464  -17.295 1.00 78.67  ? 73  ASP A O    1 
ATOM   600  C  CB   . ASP A 1 94  ? 11.990  -5.953  -16.283 1.00 78.91  ? 73  ASP A CB   1 
ATOM   601  C  CG   . ASP A 1 94  ? 13.452  -6.312  -16.475 1.00 79.70  ? 73  ASP A CG   1 
ATOM   602  O  OD1  . ASP A 1 94  ? 14.161  -6.497  -15.462 1.00 77.60  ? 73  ASP A OD1  1 
ATOM   603  O  OD2  . ASP A 1 94  ? 13.890  -6.421  -17.641 1.00 82.24  ? 73  ASP A OD2  1 
ATOM   604  N  N    . GLY A 1 95  ? 11.806  -2.315  -15.444 1.00 74.02  ? 74  GLY A N    1 
ATOM   605  C  CA   . GLY A 1 95  ? 11.757  -1.045  -16.135 1.00 72.07  ? 74  GLY A CA   1 
ATOM   606  C  C    . GLY A 1 95  ? 10.539  -0.886  -17.012 1.00 71.57  ? 74  GLY A C    1 
ATOM   607  O  O    . GLY A 1 95  ? 10.575  -0.113  -17.969 1.00 70.98  ? 74  GLY A O    1 
ATOM   608  N  N    . ARG A 1 96  ? 9.460   -1.613  -16.720 1.00 67.61  ? 75  ARG A N    1 
ATOM   609  C  CA   . ARG A 1 96  ? 8.230   -1.529  -17.495 1.00 74.15  ? 75  ARG A CA   1 
ATOM   610  C  C    . ARG A 1 96  ? 7.034   -1.627  -16.558 1.00 70.57  ? 75  ARG A C    1 
ATOM   611  O  O    . ARG A 1 96  ? 7.053   -2.397  -15.591 1.00 65.69  ? 75  ARG A O    1 
ATOM   612  C  CB   . ARG A 1 96  ? 8.155   -2.638  -18.559 1.00 75.82  ? 75  ARG A CB   1 
ATOM   613  N  N    . ARG A 1 97  ? 6.002   -0.838  -16.851 1.00 66.96  ? 76  ARG A N    1 
ATOM   614  C  CA   . ARG A 1 97  ? 4.751   -0.923  -16.111 1.00 62.66  ? 76  ARG A CA   1 
ATOM   615  C  C    . ARG A 1 97  ? 4.139   -2.310  -16.278 1.00 66.47  ? 76  ARG A C    1 
ATOM   616  O  O    . ARG A 1 97  ? 3.865   -2.744  -17.401 1.00 67.22  ? 76  ARG A O    1 
ATOM   617  C  CB   . ARG A 1 97  ? 3.791   0.151   -16.600 1.00 65.46  ? 76  ARG A CB   1 
ATOM   618  C  CG   . ARG A 1 97  ? 4.025   1.500   -15.960 1.00 67.09  ? 76  ARG A CG   1 
ATOM   619  C  CD   . ARG A 1 97  ? 3.148   1.684   -14.722 1.00 73.57  ? 76  ARG A CD   1 
ATOM   620  N  NE   . ARG A 1 97  ? 1.987   2.539   -14.994 1.00 79.43  ? 76  ARG A NE   1 
ATOM   621  C  CZ   . ARG A 1 97  ? 0.749   2.088   -15.193 1.00 74.95  ? 76  ARG A CZ   1 
ATOM   622  N  NH1  . ARG A 1 97  ? 0.496   0.781   -15.147 1.00 70.72  ? 76  ARG A NH1  1 
ATOM   623  N  NH2  . ARG A 1 97  ? -0.239  2.941   -15.433 1.00 69.50  ? 76  ARG A NH2  1 
ATOM   624  N  N    . GLU A 1 98  ? 3.964   -3.026  -15.168 1.00 58.58  ? 77  GLU A N    1 
ATOM   625  C  CA   . GLU A 1 98  ? 3.388   -4.362  -15.168 1.00 55.21  ? 77  GLU A CA   1 
ATOM   626  C  C    . GLU A 1 98  ? 2.314   -4.441  -14.089 1.00 52.28  ? 77  GLU A C    1 
ATOM   627  O  O    . GLU A 1 98  ? 2.093   -3.498  -13.326 1.00 52.61  ? 77  GLU A O    1 
ATOM   628  C  CB   . GLU A 1 98  ? 4.464   -5.437  -14.960 1.00 58.92  ? 77  GLU A CB   1 
ATOM   629  C  CG   . GLU A 1 98  ? 5.304   -5.740  -16.201 1.00 69.13  ? 77  GLU A CG   1 
ATOM   630  C  CD   . GLU A 1 98  ? 5.512   -7.242  -16.426 1.00 81.74  ? 77  GLU A CD   1 
ATOM   631  O  OE1  . GLU A 1 98  ? 5.035   -7.756  -17.464 1.00 89.66  ? 77  GLU A OE1  1 
ATOM   632  O  OE2  . GLU A 1 98  ? 6.141   -7.909  -15.567 1.00 76.23  ? 77  GLU A OE2  1 
ATOM   633  N  N    . ARG A 1 99  ? 1.634   -5.579  -14.035 1.00 50.83  ? 78  ARG A N    1 
ATOM   634  C  CA   . ARG A 1 99  ? 0.482   -5.736  -13.162 1.00 48.64  ? 78  ARG A CA   1 
ATOM   635  C  C    . ARG A 1 99  ? 0.424   -7.168  -12.641 1.00 49.76  ? 78  ARG A C    1 
ATOM   636  O  O    . ARG A 1 99  ? 0.485   -8.116  -13.428 1.00 49.10  ? 78  ARG A O    1 
ATOM   637  C  CB   . ARG A 1 99  ? -0.801  -5.370  -13.917 1.00 46.36  ? 78  ARG A CB   1 
ATOM   638  C  CG   . ARG A 1 99  ? -2.012  -6.184  -13.546 1.00 48.74  ? 78  ARG A CG   1 
ATOM   639  C  CD   . ARG A 1 99  ? -3.296  -5.479  -13.957 1.00 49.76  ? 78  ARG A CD   1 
ATOM   640  N  NE   . ARG A 1 99  ? -4.461  -6.313  -13.671 1.00 54.36  ? 78  ARG A NE   1 
ATOM   641  C  CZ   . ARG A 1 99  ? -5.697  -5.852  -13.461 1.00 53.86  ? 78  ARG A CZ   1 
ATOM   642  N  NH1  . ARG A 1 99  ? -5.949  -4.545  -13.512 1.00 55.37  ? 78  ARG A NH1  1 
ATOM   643  N  NH2  . ARG A 1 99  ? -6.690  -6.701  -13.197 1.00 49.08  ? 78  ARG A NH2  1 
ATOM   644  N  N    . ALA A 1 100 ? 0.312   -7.324  -11.320 1.00 43.63  ? 79  ALA A N    1 
ATOM   645  C  CA   . ALA A 1 100 ? 0.111   -8.634  -10.706 1.00 44.75  ? 79  ALA A CA   1 
ATOM   646  C  C    . ALA A 1 100 ? -1.295  -8.714  -10.117 1.00 41.71  ? 79  ALA A C    1 
ATOM   647  O  O    . ALA A 1 100 ? -1.635  -7.967  -9.194  1.00 36.91  ? 79  ALA A O    1 
ATOM   648  C  CB   . ALA A 1 100 ? 1.165   -8.918  -9.634  1.00 39.07  ? 79  ALA A CB   1 
ATOM   649  N  N    . ASP A 1 101 ? -2.096  -9.638  -10.634 1.00 40.87  ? 80  ASP A N    1 
ATOM   650  C  CA   . ASP A 1 101 ? -3.450  -9.825  -10.137 1.00 38.41  ? 80  ASP A CA   1 
ATOM   651  C  C    . ASP A 1 101 ? -3.463  -10.600 -8.823  1.00 36.65  ? 80  ASP A C    1 
ATOM   652  O  O    . ASP A 1 101 ? -2.753  -11.597 -8.663  1.00 39.52  ? 80  ASP A O    1 
ATOM   653  C  CB   . ASP A 1 101 ? -4.289  -10.554 -11.176 1.00 39.97  ? 80  ASP A CB   1 
ATOM   654  C  CG   . ASP A 1 101 ? -4.798  -9.624  -12.258 1.00 50.71  ? 80  ASP A CG   1 
ATOM   655  O  OD1  . ASP A 1 101 ? -4.097  -9.486  -13.281 1.00 53.04  ? 80  ASP A OD1  1 
ATOM   656  O  OD2  . ASP A 1 101 ? -5.890  -9.031  -12.076 1.00 46.58  ? 80  ASP A OD2  1 
ATOM   657  N  N    . LEU A 1 102 ? -4.273  -10.131 -7.876  1.00 34.55  ? 81  LEU A N    1 
ATOM   658  C  CA   . LEU A 1 102 ? -4.558  -10.865 -6.640  1.00 37.52  ? 81  LEU A CA   1 
ATOM   659  C  C    . LEU A 1 102 ? -6.003  -11.333 -6.746  1.00 35.75  ? 81  LEU A C    1 
ATOM   660  O  O    . LEU A 1 102 ? -6.931  -10.685 -6.265  1.00 32.30  ? 81  LEU A O    1 
ATOM   661  C  CB   . LEU A 1 102 ? -4.339  -10.013 -5.377  1.00 31.20  ? 81  LEU A CB   1 
ATOM   662  C  CG   . LEU A 1 102 ? -2.921  -9.572  -5.039  1.00 34.77  ? 81  LEU A CG   1 
ATOM   663  C  CD1  . LEU A 1 102 ? -2.893  -8.816  -3.714  1.00 36.54  ? 81  LEU A CD1  1 
ATOM   664  C  CD2  . LEU A 1 102 ? -1.937  -10.746 -5.016  1.00 35.92  ? 81  LEU A CD2  1 
ATOM   665  N  N    . LYS A 1 103 ? -6.195  -12.462 -7.415  1.00 39.11  ? 82  LYS A N    1 
ATOM   666  C  CA   . LYS A 1 103 ? -7.531  -13.032 -7.451  1.00 39.99  ? 82  LYS A CA   1 
ATOM   667  C  C    . LYS A 1 103 ? -7.859  -13.660 -6.100  1.00 38.04  ? 82  LYS A C    1 
ATOM   668  O  O    . LYS A 1 103 ? -6.970  -14.025 -5.326  1.00 34.68  ? 82  LYS A O    1 
ATOM   669  C  CB   . LYS A 1 103 ? -7.655  -14.074 -8.559  1.00 44.73  ? 82  LYS A CB   1 
ATOM   670  C  CG   . LYS A 1 103 ? -8.082  -13.517 -9.912  1.00 48.81  ? 82  LYS A CG   1 
ATOM   671  C  CD   . LYS A 1 103 ? -7.008  -12.669 -10.556 1.00 51.51  ? 82  LYS A CD   1 
ATOM   672  C  CE   . LYS A 1 103 ? -6.788  -13.119 -12.004 1.00 58.44  ? 82  LYS A CE   1 
ATOM   673  N  NZ   . LYS A 1 103 ? -6.219  -12.057 -12.883 1.00 60.64  ? 82  LYS A NZ   1 
ATOM   674  N  N    . GLU A 1 104 ? -9.154  -13.752 -5.808  1.00 36.33  ? 83  GLU A N    1 
ATOM   675  C  CA   . GLU A 1 104 ? -9.584  -14.366 -4.564  1.00 35.42  ? 83  GLU A CA   1 
ATOM   676  C  C    . GLU A 1 104 ? -8.938  -15.735 -4.407  1.00 36.33  ? 83  GLU A C    1 
ATOM   677  O  O    . GLU A 1 104 ? -8.984  -16.561 -5.322  1.00 38.06  ? 83  GLU A O    1 
ATOM   678  C  CB   . GLU A 1 104 ? -11.101 -14.492 -4.540  1.00 33.99  ? 83  GLU A CB   1 
ATOM   679  C  CG   . GLU A 1 104 ? -11.660 -14.960 -3.221  1.00 36.63  ? 83  GLU A CG   1 
ATOM   680  C  CD   . GLU A 1 104 ? -13.163 -15.026 -3.243  1.00 40.93  ? 83  GLU A CD   1 
ATOM   681  O  OE1  . GLU A 1 104 ? -13.800 -13.982 -2.967  1.00 41.85  ? 83  GLU A OE1  1 
ATOM   682  O  OE2  . GLU A 1 104 ? -13.706 -16.111 -3.545  1.00 47.72  ? 83  GLU A OE2  1 
ATOM   683  N  N    . GLY A 1 105 ? -8.301  -15.950 -3.251  1.00 38.94  ? 84  GLY A N    1 
ATOM   684  C  CA   . GLY A 1 105 ? -7.582  -17.176 -2.951  1.00 34.31  ? 84  GLY A CA   1 
ATOM   685  C  C    . GLY A 1 105 ? -6.092  -17.124 -3.217  1.00 34.36  ? 84  GLY A C    1 
ATOM   686  O  O    . GLY A 1 105 ? -5.384  -18.064 -2.834  1.00 37.35  ? 84  GLY A O    1 
ATOM   687  N  N    . ASP A 1 106 ? -5.590  -16.058 -3.850  1.00 34.50  ? 85  ASP A N    1 
ATOM   688  C  CA   . ASP A 1 106 ? -4.182  -15.984 -4.229  1.00 34.32  ? 85  ASP A CA   1 
ATOM   689  C  C    . ASP A 1 106 ? -3.307  -15.606 -3.040  1.00 32.82  ? 85  ASP A C    1 
ATOM   690  O  O    . ASP A 1 106 ? -3.701  -14.788 -2.206  1.00 30.80  ? 85  ASP A O    1 
ATOM   691  C  CB   . ASP A 1 106 ? -3.977  -14.955 -5.344  1.00 34.97  ? 85  ASP A CB   1 
ATOM   692  C  CG   . ASP A 1 106 ? -4.351  -15.483 -6.716  1.00 36.72  ? 85  ASP A CG   1 
ATOM   693  O  OD1  . ASP A 1 106 ? -4.613  -16.700 -6.848  1.00 38.18  ? 85  ASP A OD1  1 
ATOM   694  O  OD2  . ASP A 1 106 ? -4.370  -14.672 -7.670  1.00 36.22  ? 85  ASP A OD2  1 
ATOM   695  N  N    . ILE A 1 107 ? -2.122  -16.217 -2.952  1.00 29.73  ? 86  ILE A N    1 
ATOM   696  C  CA   . ILE A 1 107 ? -1.056  -15.720 -2.093  1.00 33.36  ? 86  ILE A CA   1 
ATOM   697  C  C    . ILE A 1 107 ? 0.098   -15.239 -2.964  1.00 34.17  ? 86  ILE A C    1 
ATOM   698  O  O    . ILE A 1 107 ? 0.207   -15.582 -4.142  1.00 32.16  ? 86  ILE A O    1 
ATOM   699  C  CB   . ILE A 1 107 ? -0.552  -16.761 -1.076  1.00 32.02  ? 86  ILE A CB   1 
ATOM   700  C  CG1  . ILE A 1 107 ? -0.179  -18.070 -1.775  1.00 30.75  ? 86  ILE A CG1  1 
ATOM   701  C  CG2  . ILE A 1 107 ? -1.548  -16.941 0.059   1.00 35.01  ? 86  ILE A CG2  1 
ATOM   702  C  CD1  . ILE A 1 107 ? 0.523   -19.020 -0.835  1.00 34.17  ? 86  ILE A CD1  1 
ATOM   703  N  N    . PHE A 1 108 ? 1.003   -14.483 -2.342  1.00 30.34  ? 87  PHE A N    1 
ATOM   704  C  CA   . PHE A 1 108 ? 2.032   -13.774 -3.087  1.00 32.32  ? 87  PHE A CA   1 
ATOM   705  C  C    . PHE A 1 108 ? 3.065   -13.240 -2.114  1.00 32.26  ? 87  PHE A C    1 
ATOM   706  O  O    . PHE A 1 108 ? 2.718   -12.736 -1.046  1.00 30.74  ? 87  PHE A O    1 
ATOM   707  C  CB   . PHE A 1 108 ? 1.415   -12.617 -3.893  1.00 31.13  ? 87  PHE A CB   1 
ATOM   708  C  CG   . PHE A 1 108 ? 2.408   -11.845 -4.728  1.00 35.82  ? 87  PHE A CG   1 
ATOM   709  C  CD1  . PHE A 1 108 ? 3.226   -12.492 -5.642  1.00 29.47  ? 87  PHE A CD1  1 
ATOM   710  C  CD2  . PHE A 1 108 ? 2.503   -10.461 -4.610  1.00 34.45  ? 87  PHE A CD2  1 
ATOM   711  C  CE1  . PHE A 1 108 ? 4.129   -11.772 -6.416  1.00 39.02  ? 87  PHE A CE1  1 
ATOM   712  C  CE2  . PHE A 1 108 ? 3.408   -9.736  -5.379  1.00 34.32  ? 87  PHE A CE2  1 
ATOM   713  C  CZ   . PHE A 1 108 ? 4.222   -10.390 -6.282  1.00 34.99  ? 87  PHE A CZ   1 
ATOM   714  N  N    . LEU A 1 109 ? 4.333   -13.383 -2.473  1.00 31.43  ? 88  LEU A N    1 
ATOM   715  C  CA   . LEU A 1 109 ? 5.422   -12.813 -1.698  1.00 31.31  ? 88  LEU A CA   1 
ATOM   716  C  C    . LEU A 1 109 ? 6.142   -11.822 -2.593  1.00 34.45  ? 88  LEU A C    1 
ATOM   717  O  O    . LEU A 1 109 ? 6.615   -12.191 -3.677  1.00 33.02  ? 88  LEU A O    1 
ATOM   718  C  CB   . LEU A 1 109 ? 6.388   -13.885 -1.197  1.00 31.57  ? 88  LEU A CB   1 
ATOM   719  C  CG   . LEU A 1 109 ? 7.395   -13.451 -0.126  1.00 31.44  ? 88  LEU A CG   1 
ATOM   720  C  CD1  . LEU A 1 109 ? 6.680   -12.956 1.133   1.00 28.72  ? 88  LEU A CD1  1 
ATOM   721  C  CD2  . LEU A 1 109 ? 8.356   -14.603 0.206   1.00 31.38  ? 88  LEU A CD2  1 
ATOM   722  N  N    . LEU A 1 110 ? 6.211   -10.571 -2.138  1.00 30.56  ? 89  LEU A N    1 
ATOM   723  C  CA   . LEU A 1 110 ? 6.820   -9.479  -2.878  1.00 35.17  ? 89  LEU A CA   1 
ATOM   724  C  C    . LEU A 1 110 ? 8.223   -9.255  -2.341  1.00 31.79  ? 89  LEU A C    1 
ATOM   725  O  O    . LEU A 1 110 ? 8.381   -8.993  -1.134  1.00 32.82  ? 89  LEU A O    1 
ATOM   726  C  CB   . LEU A 1 110 ? 5.988   -8.198  -2.743  1.00 32.27  ? 89  LEU A CB   1 
ATOM   727  C  CG   . LEU A 1 110 ? 6.403   -6.979  -3.582  1.00 35.42  ? 89  LEU A CG   1 
ATOM   728  C  CD1  . LEU A 1 110 ? 6.117   -7.195  -5.068  1.00 30.38  ? 89  LEU A CD1  1 
ATOM   729  C  CD2  . LEU A 1 110 ? 5.741   -5.661  -3.095  1.00 34.02  ? 89  LEU A CD2  1 
ATOM   730  N  N    . PRO A 1 111 ? 9.245   -9.318  -3.189  1.00 32.49  ? 90  PRO A N    1 
ATOM   731  C  CA   . PRO A 1 111 ? 10.614  -9.132  -2.727  1.00 36.20  ? 90  PRO A CA   1 
ATOM   732  C  C    . PRO A 1 111 ? 10.860  -7.676  -2.368  1.00 36.63  ? 90  PRO A C    1 
ATOM   733  O  O    . PRO A 1 111 ? 10.104  -6.794  -2.791  1.00 35.90  ? 90  PRO A O    1 
ATOM   734  C  CB   . PRO A 1 111 ? 11.464  -9.557  -3.939  1.00 39.29  ? 90  PRO A CB   1 
ATOM   735  C  CG   . PRO A 1 111 ? 10.466  -9.944  -5.044  1.00 42.20  ? 90  PRO A CG   1 
ATOM   736  C  CD   . PRO A 1 111 ? 9.155   -9.370  -4.655  1.00 36.94  ? 90  PRO A CD   1 
ATOM   737  N  N    . PRO A 1 112 ? 11.905  -7.396  -1.588  1.00 35.98  ? 91  PRO A N    1 
ATOM   738  C  CA   . PRO A 1 112 ? 12.186  -6.006  -1.213  1.00 36.32  ? 91  PRO A CA   1 
ATOM   739  C  C    . PRO A 1 112 ? 12.368  -5.112  -2.432  1.00 37.39  ? 91  PRO A C    1 
ATOM   740  O  O    . PRO A 1 112 ? 12.807  -5.555  -3.494  1.00 36.93  ? 91  PRO A O    1 
ATOM   741  C  CB   . PRO A 1 112 ? 13.485  -6.116  -0.410  1.00 36.11  ? 91  PRO A CB   1 
ATOM   742  C  CG   . PRO A 1 112 ? 13.466  -7.530  0.157   1.00 40.70  ? 91  PRO A CG   1 
ATOM   743  C  CD   . PRO A 1 112 ? 12.826  -8.351  -0.938  1.00 40.84  ? 91  PRO A CD   1 
ATOM   744  N  N    . HIS A 1 113 ? 11.969  -3.845  -2.272  1.00 37.93  ? 92  HIS A N    1 
ATOM   745  C  CA   . HIS A 1 113 ? 12.236  -2.724  -3.181  1.00 37.32  ? 92  HIS A CA   1 
ATOM   746  C  C    . HIS A 1 113 ? 11.526  -2.816  -4.533  1.00 40.51  ? 92  HIS A C    1 
ATOM   747  O  O    . HIS A 1 113 ? 11.757  -1.953  -5.404  1.00 37.71  ? 92  HIS A O    1 
ATOM   748  C  CB   . HIS A 1 113 ? 13.740  -2.523  -3.420  1.00 37.34  ? 92  HIS A CB   1 
ATOM   749  C  CG   . HIS A 1 113 ? 14.518  -2.180  -2.179  1.00 38.89  ? 92  HIS A CG   1 
ATOM   750  N  ND1  . HIS A 1 113 ? 14.332  -1.003  -1.480  1.00 41.14  ? 92  HIS A ND1  1 
ATOM   751  C  CD2  . HIS A 1 113 ? 15.515  -2.838  -1.542  1.00 38.42  ? 92  HIS A CD2  1 
ATOM   752  C  CE1  . HIS A 1 113 ? 15.158  -0.970  -0.448  1.00 35.60  ? 92  HIS A CE1  1 
ATOM   753  N  NE2  . HIS A 1 113 ? 15.891  -2.070  -0.468  1.00 41.86  ? 92  HIS A NE2  1 
ATOM   754  N  N    . VAL A 1 114 ? 10.647  -3.791  -4.745  1.00 34.52  ? 93  VAL A N    1 
ATOM   755  C  CA   . VAL A 1 114 ? 9.828   -3.805  -5.958  1.00 33.99  ? 93  VAL A CA   1 
ATOM   756  C  C    . VAL A 1 114 ? 8.722   -2.750  -5.818  1.00 36.74  ? 93  VAL A C    1 
ATOM   757  O  O    . VAL A 1 114 ? 7.889   -2.838  -4.914  1.00 37.05  ? 93  VAL A O    1 
ATOM   758  C  CB   . VAL A 1 114 ? 9.236   -5.202  -6.202  1.00 37.20  ? 93  VAL A CB   1 
ATOM   759  C  CG1  . VAL A 1 114 ? 8.155   -5.141  -7.293  1.00 41.65  ? 93  VAL A CG1  1 
ATOM   760  C  CG2  . VAL A 1 114 ? 10.341  -6.198  -6.573  1.00 34.79  ? 93  VAL A CG2  1 
ATOM   761  N  N    . ARG A 1 115 ? 8.710   -1.748  -6.708  1.00 32.39  ? 94  ARG A N    1 
ATOM   762  C  CA   . ARG A 1 115 ? 7.731   -0.665  -6.588  1.00 34.22  ? 94  ARG A CA   1 
ATOM   763  C  C    . ARG A 1 115 ? 6.317   -1.172  -6.858  1.00 32.39  ? 94  ARG A C    1 
ATOM   764  O  O    . ARG A 1 115 ? 6.053   -1.781  -7.897  1.00 34.65  ? 94  ARG A O    1 
ATOM   765  C  CB   . ARG A 1 115 ? 8.066   0.484   -7.548  1.00 39.47  ? 94  ARG A CB   1 
ATOM   766  C  CG   . ARG A 1 115 ? 9.526   0.939   -7.535  1.00 41.77  ? 94  ARG A CG   1 
ATOM   767  C  CD   . ARG A 1 115 ? 10.044  1.304   -6.149  1.00 40.08  ? 94  ARG A CD   1 
ATOM   768  N  NE   . ARG A 1 115 ? 11.152  2.251   -6.236  1.00 37.88  ? 94  ARG A NE   1 
ATOM   769  C  CZ   . ARG A 1 115 ? 12.433  1.907   -6.173  1.00 39.48  ? 94  ARG A CZ   1 
ATOM   770  N  NH1  . ARG A 1 115 ? 12.775  0.630   -6.004  1.00 38.77  ? 94  ARG A NH1  1 
ATOM   771  N  NH2  . ARG A 1 115 ? 13.374  2.836   -6.292  1.00 32.89  ? 94  ARG A NH2  1 
ATOM   772  N  N    . HIS A 1 116 ? 5.396   -0.913  -5.927  1.00 33.49  ? 95  HIS A N    1 
ATOM   773  C  CA   . HIS A 1 116 ? 4.046   -1.441  -6.062  1.00 35.28  ? 95  HIS A CA   1 
ATOM   774  C  C    . HIS A 1 116 ? 3.000   -0.416  -5.650  1.00 31.49  ? 95  HIS A C    1 
ATOM   775  O  O    . HIS A 1 116 ? 3.170   0.304   -4.666  1.00 33.18  ? 95  HIS A O    1 
ATOM   776  C  CB   . HIS A 1 116 ? 3.859   -2.716  -5.239  1.00 32.62  ? 95  HIS A CB   1 
ATOM   777  C  CG   . HIS A 1 116 ? 4.210   -2.552  -3.795  1.00 34.00  ? 95  HIS A CG   1 
ATOM   778  N  ND1  . HIS A 1 116 ? 5.509   -2.400  -3.367  1.00 34.12  ? 95  HIS A ND1  1 
ATOM   779  C  CD2  . HIS A 1 116 ? 3.436   -2.497  -2.684  1.00 31.36  ? 95  HIS A CD2  1 
ATOM   780  C  CE1  . HIS A 1 116 ? 5.522   -2.264  -2.052  1.00 32.67  ? 95  HIS A CE1  1 
ATOM   781  N  NE2  . HIS A 1 116 ? 4.277   -2.319  -1.614  1.00 32.83  ? 95  HIS A NE2  1 
ATOM   782  N  N    . SER A 1 117 ? 1.891   -0.415  -6.387  1.00 32.10  ? 96  SER A N    1 
ATOM   783  C  CA   . SER A 1 117 ? 0.772   0.508   -6.201  1.00 30.50  ? 96  SER A CA   1 
ATOM   784  C  C    . SER A 1 117 ? -0.524  -0.298  -6.173  1.00 33.22  ? 96  SER A C    1 
ATOM   785  O  O    . SER A 1 117 ? -1.068  -0.645  -7.241  1.00 34.14  ? 96  SER A O    1 
ATOM   786  C  CB   . SER A 1 117 ? 0.753   1.548   -7.327  1.00 33.42  ? 96  SER A CB   1 
ATOM   787  O  OG   . SER A 1 117 ? -0.239  2.549   -7.113  1.00 33.91  ? 96  SER A OG   1 
ATOM   788  N  N    . PRO A 1 118 ? -1.049  -0.620  -4.988  1.00 31.48  ? 97  PRO A N    1 
ATOM   789  C  CA   . PRO A 1 118 ? -2.231  -1.494  -4.912  1.00 31.09  ? 97  PRO A CA   1 
ATOM   790  C  C    . PRO A 1 118 ? -3.502  -0.778  -5.342  1.00 31.57  ? 97  PRO A C    1 
ATOM   791  O  O    . PRO A 1 118 ? -3.826  0.296   -4.840  1.00 29.91  ? 97  PRO A O    1 
ATOM   792  C  CB   . PRO A 1 118 ? -2.299  -1.885  -3.428  1.00 31.71  ? 97  PRO A CB   1 
ATOM   793  C  CG   . PRO A 1 118 ? -0.948  -1.512  -2.848  1.00 39.92  ? 97  PRO A CG   1 
ATOM   794  C  CD   . PRO A 1 118 ? -0.512  -0.316  -3.653  1.00 32.86  ? 97  PRO A CD   1 
ATOM   795  N  N    . GLN A 1 119 ? -4.242  -1.422  -6.234  1.00 30.72  ? 98  GLN A N    1 
ATOM   796  C  CA   . GLN A 1 119 ? -5.579  -1.017  -6.634  1.00 33.59  ? 98  GLN A CA   1 
ATOM   797  C  C    . GLN A 1 119 ? -6.586  -2.048  -6.138  1.00 34.63  ? 98  GLN A C    1 
ATOM   798  O  O    . GLN A 1 119 ? -6.439  -3.257  -6.394  1.00 32.96  ? 98  GLN A O    1 
ATOM   799  C  CB   . GLN A 1 119 ? -5.656  -0.877  -8.153  1.00 33.12  ? 98  GLN A CB   1 
ATOM   800  C  CG   . GLN A 1 119 ? -4.415  -0.193  -8.735  1.00 36.48  ? 98  GLN A CG   1 
ATOM   801  C  CD   . GLN A 1 119 ? -4.283  1.272   -8.299  1.00 36.77  ? 98  GLN A CD   1 
ATOM   802  O  OE1  . GLN A 1 119 ? -5.274  1.966   -8.070  1.00 33.03  ? 98  GLN A OE1  1 
ATOM   803  N  NE2  . GLN A 1 119 ? -3.049  1.733   -8.174  1.00 38.41  ? 98  GLN A NE2  1 
ATOM   804  N  N    . ARG A 1 120 ? -7.604  -1.568  -5.434  1.00 30.54  ? 99  ARG A N    1 
ATOM   805  C  CA   . ARG A 1 120 ? -8.583  -2.415  -4.763  1.00 33.69  ? 99  ARG A CA   1 
ATOM   806  C  C    . ARG A 1 120 ? -9.970  -1.933  -5.159  1.00 35.53  ? 99  ARG A C    1 
ATOM   807  O  O    . ARG A 1 120 ? -10.634 -1.197  -4.416  1.00 35.45  ? 99  ARG A O    1 
ATOM   808  C  CB   . ARG A 1 120 ? -8.343  -2.412  -3.251  1.00 33.26  ? 99  ARG A CB   1 
ATOM   809  C  CG   . ARG A 1 120 ? -6.931  -2.946  -2.925  1.00 31.93  ? 99  ARG A CG   1 
ATOM   810  C  CD   . ARG A 1 120 ? -6.695  -3.225  -1.461  1.00 34.65  ? 99  ARG A CD   1 
ATOM   811  N  NE   . ARG A 1 120 ? -5.384  -3.844  -1.255  1.00 32.04  ? 99  ARG A NE   1 
ATOM   812  C  CZ   . ARG A 1 120 ? -5.137  -5.139  -1.422  1.00 32.77  ? 99  ARG A CZ   1 
ATOM   813  N  NH1  . ARG A 1 120 ? -6.112  -5.969  -1.778  1.00 31.46  ? 99  ARG A NH1  1 
ATOM   814  N  NH2  . ARG A 1 120 ? -3.913  -5.614  -1.230  1.00 38.57  ? 99  ARG A NH2  1 
ATOM   815  N  N    . PRO A 1 121 ? -10.453 -2.353  -6.332  1.00 36.12  ? 100 PRO A N    1 
ATOM   816  C  CA   . PRO A 1 121 ? -11.690 -1.776  -6.875  1.00 36.61  ? 100 PRO A CA   1 
ATOM   817  C  C    . PRO A 1 121 ? -12.956 -2.248  -6.183  1.00 37.92  ? 100 PRO A C    1 
ATOM   818  O  O    . PRO A 1 121 ? -13.982 -1.561  -6.287  1.00 33.86  ? 100 PRO A O    1 
ATOM   819  C  CB   . PRO A 1 121 ? -11.676 -2.230  -8.345  1.00 36.28  ? 100 PRO A CB   1 
ATOM   820  C  CG   . PRO A 1 121 ? -10.326 -2.827  -8.580  1.00 39.69  ? 100 PRO A CG   1 
ATOM   821  C  CD   . PRO A 1 121 ? -9.869  -3.339  -7.249  1.00 36.56  ? 100 PRO A CD   1 
ATOM   822  N  N    . GLU A 1 122 ? -12.943 -3.393  -5.500  1.00 33.92  ? 101 GLU A N    1 
ATOM   823  C  CA   . GLU A 1 122 ? -14.180 -4.031  -5.070  1.00 34.60  ? 101 GLU A CA   1 
ATOM   824  C  C    . GLU A 1 122 ? -14.509 -3.668  -3.633  1.00 36.23  ? 101 GLU A C    1 
ATOM   825  O  O    . GLU A 1 122 ? -13.653 -3.760  -2.750  1.00 39.64  ? 101 GLU A O    1 
ATOM   826  C  CB   . GLU A 1 122 ? -14.097 -5.560  -5.208  1.00 34.78  ? 101 GLU A CB   1 
ATOM   827  C  CG   . GLU A 1 122 ? -13.765 -6.042  -6.607  1.00 34.46  ? 101 GLU A CG   1 
ATOM   828  C  CD   . GLU A 1 122 ? -13.822 -7.553  -6.725  1.00 38.35  ? 101 GLU A CD   1 
ATOM   829  O  OE1  . GLU A 1 122 ? -14.065 -8.213  -5.688  1.00 36.26  ? 101 GLU A OE1  1 
ATOM   830  O  OE2  . GLU A 1 122 ? -13.618 -8.082  -7.838  1.00 37.61  ? 101 GLU A OE2  1 
ATOM   831  N  N    . ALA A 1 123 ? -15.761 -3.283  -3.397  1.00 33.80  ? 102 ALA A N    1 
ATOM   832  C  CA   . ALA A 1 123 ? -16.253 -3.220  -2.035  1.00 33.70  ? 102 ALA A CA   1 
ATOM   833  C  C    . ALA A 1 123 ? -16.299 -4.632  -1.455  1.00 33.11  ? 102 ALA A C    1 
ATOM   834  O  O    . ALA A 1 123 ? -16.458 -5.608  -2.186  1.00 33.64  ? 102 ALA A O    1 
ATOM   835  C  CB   . ALA A 1 123 ? -17.643 -2.577  -1.997  1.00 40.78  ? 102 ALA A CB   1 
ATOM   836  N  N    . GLY A 1 124 ? -16.155 -4.730  -0.134  1.00 34.36  ? 103 GLY A N    1 
ATOM   837  C  CA   . GLY A 1 124 ? -16.230 -6.002  0.570   1.00 37.34  ? 103 GLY A CA   1 
ATOM   838  C  C    . GLY A 1 124 ? -15.040 -6.923  0.396   1.00 35.87  ? 103 GLY A C    1 
ATOM   839  O  O    . GLY A 1 124 ? -15.032 -8.019  0.981   1.00 38.39  ? 103 GLY A O    1 
ATOM   840  N  N    . SER A 1 125 ? -14.042 -6.535  -0.392  1.00 33.73  ? 104 SER A N    1 
ATOM   841  C  CA   . SER A 1 125 ? -12.853 -7.357  -0.523  1.00 32.89  ? 104 SER A CA   1 
ATOM   842  C  C    . SER A 1 125 ? -12.041 -7.294  0.770   1.00 34.41  ? 104 SER A C    1 
ATOM   843  O  O    . SER A 1 125 ? -12.215 -6.395  1.601   1.00 32.64  ? 104 SER A O    1 
ATOM   844  C  CB   . SER A 1 125 ? -12.016 -6.908  -1.720  1.00 31.74  ? 104 SER A CB   1 
ATOM   845  O  OG   . SER A 1 125 ? -11.610 -5.560  -1.566  1.00 33.24  ? 104 SER A OG   1 
ATOM   846  N  N    . ALA A 1 126 ? -11.176 -8.289  0.957   1.00 30.17  ? 105 ALA A N    1 
ATOM   847  C  CA   . ALA A 1 126 ? -10.337 -8.367  2.151   1.00 33.47  ? 105 ALA A CA   1 
ATOM   848  C  C    . ALA A 1 126 ? -9.022  -9.029  1.774   1.00 31.58  ? 105 ALA A C    1 
ATOM   849  O  O    . ALA A 1 126 ? -9.022  -10.146 1.246   1.00 32.42  ? 105 ALA A O    1 
ATOM   850  C  CB   . ALA A 1 126 ? -11.040 -9.138  3.281   1.00 27.51  ? 105 ALA A CB   1 
ATOM   851  N  N    . CYS A 1 127 ? -7.910  -8.342  2.043   1.00 30.42  ? 106 CYS A N    1 
ATOM   852  C  CA   . CYS A 1 127 ? -6.579  -8.883  1.794   1.00 33.50  ? 106 CYS A CA   1 
ATOM   853  C  C    . CYS A 1 127 ? -5.749  -8.871  3.074   1.00 29.87  ? 106 CYS A C    1 
ATOM   854  O  O    . CYS A 1 127 ? -5.616  -7.829  3.734   1.00 29.69  ? 106 CYS A O    1 
ATOM   855  C  CB   . CYS A 1 127 ? -5.860  -8.106  0.686   1.00 30.85  ? 106 CYS A CB   1 
ATOM   856  S  SG   . CYS A 1 127 ? -4.352  -8.963  0.150   1.00 31.92  ? 106 CYS A SG   1 
ATOM   857  N  N    . LEU A 1 128 ? -5.222  -10.040 3.435   1.00 30.39  ? 107 LEU A N    1 
ATOM   858  C  CA   . LEU A 1 128 ? -4.257  -10.152 4.523   1.00 29.94  ? 107 LEU A CA   1 
ATOM   859  C  C    . LEU A 1 128 ? -2.896  -9.711  4.011   1.00 28.84  ? 107 LEU A C    1 
ATOM   860  O  O    . LEU A 1 128 ? -2.378  -10.276 3.038   1.00 30.11  ? 107 LEU A O    1 
ATOM   861  C  CB   . LEU A 1 128 ? -4.187  -11.591 5.047   1.00 31.69  ? 107 LEU A CB   1 
ATOM   862  C  CG   . LEU A 1 128 ? -3.046  -11.901 6.031   1.00 29.51  ? 107 LEU A CG   1 
ATOM   863  C  CD1  . LEU A 1 128 ? -3.225  -11.102 7.307   1.00 28.89  ? 107 LEU A CD1  1 
ATOM   864  C  CD2  . LEU A 1 128 ? -3.048  -13.391 6.355   1.00 31.23  ? 107 LEU A CD2  1 
ATOM   865  N  N    . VAL A 1 129 ? -2.307  -8.713  4.658   1.00 25.46  ? 108 VAL A N    1 
ATOM   866  C  CA   . VAL A 1 129 ? -1.001  -8.215  4.259   1.00 26.78  ? 108 VAL A CA   1 
ATOM   867  C  C    . VAL A 1 129 ? -0.095  -8.257  5.477   1.00 33.76  ? 108 VAL A C    1 
ATOM   868  O  O    . VAL A 1 129 ? -0.436  -7.696  6.526   1.00 30.58  ? 108 VAL A O    1 
ATOM   869  C  CB   . VAL A 1 129 ? -1.073  -6.796  3.680   1.00 34.31  ? 108 VAL A CB   1 
ATOM   870  C  CG1  . VAL A 1 129 ? 0.298   -6.385  3.168   1.00 35.90  ? 108 VAL A CG1  1 
ATOM   871  C  CG2  . VAL A 1 129 ? -2.135  -6.753  2.568   1.00 26.45  ? 108 VAL A CG2  1 
ATOM   872  N  N    . ILE A 1 130 ? 1.058   -8.922  5.344   1.00 27.12  ? 109 ILE A N    1 
ATOM   873  C  CA   . ILE A 1 130 ? 1.990   -9.072  6.448   1.00 31.15  ? 109 ILE A CA   1 
ATOM   874  C  C    . ILE A 1 130 ? 3.313   -8.462  6.042   1.00 30.55  ? 109 ILE A C    1 
ATOM   875  O  O    . ILE A 1 130 ? 3.818   -8.729  4.945   1.00 31.87  ? 109 ILE A O    1 
ATOM   876  C  CB   . ILE A 1 130 ? 2.168   -10.545 6.856   1.00 28.07  ? 109 ILE A CB   1 
ATOM   877  C  CG1  . ILE A 1 130 ? 0.840   -11.067 7.405   1.00 29.02  ? 109 ILE A CG1  1 
ATOM   878  C  CG2  . ILE A 1 130 ? 3.306   -10.678 7.865   1.00 30.15  ? 109 ILE A CG2  1 
ATOM   879  C  CD1  . ILE A 1 130 ? 0.820   -12.557 7.592   1.00 30.41  ? 109 ILE A CD1  1 
ATOM   880  N  N    . GLU A 1 131 ? 3.864   -7.645  6.929   1.00 27.22  ? 110 GLU A N    1 
ATOM   881  C  CA   . GLU A 1 131 ? 5.114   -6.949  6.697   1.00 33.22  ? 110 GLU A CA   1 
ATOM   882  C  C    . GLU A 1 131 ? 5.917   -7.017  7.978   1.00 30.91  ? 110 GLU A C    1 
ATOM   883  O  O    . GLU A 1 131 ? 5.438   -7.495  9.001   1.00 38.54  ? 110 GLU A O    1 
ATOM   884  C  CB   . GLU A 1 131 ? 4.885   -5.468  6.316   1.00 34.38  ? 110 GLU A CB   1 
ATOM   885  C  CG   . GLU A 1 131 ? 4.233   -5.256  4.996   1.00 38.60  ? 110 GLU A CG   1 
ATOM   886  C  CD   . GLU A 1 131 ? 3.827   -3.790  4.756   1.00 48.18  ? 110 GLU A CD   1 
ATOM   887  O  OE1  . GLU A 1 131 ? 2.893   -3.582  3.958   1.00 54.83  ? 110 GLU A OE1  1 
ATOM   888  O  OE2  . GLU A 1 131 ? 4.423   -2.855  5.346   1.00 43.09  ? 110 GLU A OE2  1 
ATOM   889  N  N    . ARG A 1 132 ? 7.116   -6.466  7.931   1.00 33.14  ? 111 ARG A N    1 
ATOM   890  C  CA   . ARG A 1 132 ? 8.007   -6.375  9.072   1.00 40.97  ? 111 ARG A CA   1 
ATOM   891  C  C    . ARG A 1 132 ? 8.146   -4.922  9.507   1.00 36.76  ? 111 ARG A C    1 
ATOM   892  O  O    . ARG A 1 132 ? 8.239   -4.032  8.660   1.00 38.14  ? 111 ARG A O    1 
ATOM   893  C  CB   . ARG A 1 132 ? 9.391   -6.894  8.700   1.00 40.73  ? 111 ARG A CB   1 
ATOM   894  C  CG   . ARG A 1 132 ? 9.652   -8.318  9.000   1.00 45.53  ? 111 ARG A CG   1 
ATOM   895  C  CD   . ARG A 1 132 ? 10.985  -8.353  9.681   1.00 44.50  ? 111 ARG A CD   1 
ATOM   896  N  NE   . ARG A 1 132 ? 12.073  -8.671  8.782   1.00 43.98  ? 111 ARG A NE   1 
ATOM   897  C  CZ   . ARG A 1 132 ? 13.323  -8.265  8.975   1.00 46.44  ? 111 ARG A CZ   1 
ATOM   898  N  NH1  . ARG A 1 132 ? 13.613  -7.504  10.022  1.00 40.27  ? 111 ARG A NH1  1 
ATOM   899  N  NH2  . ARG A 1 132 ? 14.277  -8.618  8.123   1.00 46.62  ? 111 ARG A NH2  1 
ATOM   900  N  N    . GLN A 1 133 ? 8.203   -4.694  10.820  1.00 35.36  ? 112 GLN A N    1 
ATOM   901  C  CA   . GLN A 1 133 ? 8.605   -3.390  11.337  1.00 42.12  ? 112 GLN A CA   1 
ATOM   902  C  C    . GLN A 1 133 ? 9.970   -3.009  10.793  1.00 41.15  ? 112 GLN A C    1 
ATOM   903  O  O    . GLN A 1 133 ? 10.924  -3.788  10.880  1.00 41.09  ? 112 GLN A O    1 
ATOM   904  C  CB   . GLN A 1 133 ? 8.658   -3.406  12.860  1.00 43.00  ? 112 GLN A CB   1 
ATOM   905  C  CG   . GLN A 1 133 ? 7.309   -3.398  13.496  1.00 51.12  ? 112 GLN A CG   1 
ATOM   906  C  CD   . GLN A 1 133 ? 6.887   -2.020  13.934  1.00 52.83  ? 112 GLN A CD   1 
ATOM   907  O  OE1  . GLN A 1 133 ? 7.408   -1.010  13.444  1.00 47.68  ? 112 GLN A OE1  1 
ATOM   908  N  NE2  . GLN A 1 133 ? 5.940   -1.967  14.872  1.00 56.23  ? 112 GLN A NE2  1 
ATOM   909  N  N    . ARG A 1 134 ? 10.060  -1.810  10.215  1.00 38.04  ? 113 ARG A N    1 
ATOM   910  C  CA   . ARG A 1 134 ? 11.368  -1.389  9.737   1.00 41.64  ? 113 ARG A CA   1 
ATOM   911  C  C    . ARG A 1 134 ? 12.222  -0.916  10.909  1.00 43.11  ? 113 ARG A C    1 
ATOM   912  O  O    . ARG A 1 134 ? 11.739  -0.162  11.761  1.00 42.76  ? 113 ARG A O    1 
ATOM   913  C  CB   . ARG A 1 134 ? 11.239  -0.270  8.702   1.00 40.09  ? 113 ARG A CB   1 
ATOM   914  C  CG   . ARG A 1 134 ? 11.216  -0.778  7.281   1.00 40.16  ? 113 ARG A CG   1 
ATOM   915  C  CD   . ARG A 1 134 ? 9.940   -1.574  7.037   1.00 42.67  ? 113 ARG A CD   1 
ATOM   916  N  NE   . ARG A 1 134 ? 8.902   -0.813  6.355   1.00 34.51  ? 113 ARG A NE   1 
ATOM   917  C  CZ   . ARG A 1 134 ? 7.661   -1.253  6.146   1.00 39.91  ? 113 ARG A CZ   1 
ATOM   918  N  NH1  . ARG A 1 134 ? 7.289   -2.450  6.600   1.00 37.90  ? 113 ARG A NH1  1 
ATOM   919  N  NH2  . ARG A 1 134 ? 6.788   -0.502  5.476   1.00 37.33  ? 113 ARG A NH2  1 
ATOM   920  N  N    . PRO A 1 135 ? 13.483  -1.338  10.982  1.00 39.77  ? 114 PRO A N    1 
ATOM   921  C  CA   . PRO A 1 135 ? 14.384  -0.802  12.011  1.00 47.50  ? 114 PRO A CA   1 
ATOM   922  C  C    . PRO A 1 135 ? 14.763  0.645   11.708  1.00 46.42  ? 114 PRO A C    1 
ATOM   923  O  O    . PRO A 1 135 ? 14.493  1.186   10.634  1.00 42.42  ? 114 PRO A O    1 
ATOM   924  C  CB   . PRO A 1 135 ? 15.599  -1.731  11.952  1.00 44.54  ? 114 PRO A CB   1 
ATOM   925  C  CG   . PRO A 1 135 ? 15.600  -2.257  10.548  1.00 46.32  ? 114 PRO A CG   1 
ATOM   926  C  CD   . PRO A 1 135 ? 14.154  -2.302  10.092  1.00 39.70  ? 114 PRO A CD   1 
ATOM   927  N  N    . ALA A 1 136 ? 15.395  1.276   12.695  1.00 45.57  ? 115 ALA A N    1 
ATOM   928  C  CA   . ALA A 1 136 ? 15.777  2.674   12.559  1.00 45.66  ? 115 ALA A CA   1 
ATOM   929  C  C    . ALA A 1 136 ? 16.765  2.839   11.413  1.00 47.57  ? 115 ALA A C    1 
ATOM   930  O  O    . ALA A 1 136 ? 17.677  2.026   11.238  1.00 47.32  ? 115 ALA A O    1 
ATOM   931  C  CB   . ALA A 1 136 ? 16.374  3.186   13.867  1.00 44.26  ? 115 ALA A CB   1 
ATOM   932  N  N    . GLY A 1 137 ? 16.553  3.882   10.601  1.00 44.02  ? 116 GLY A N    1 
ATOM   933  C  CA   . GLY A 1 137 ? 17.393  4.159   9.447   1.00 44.12  ? 116 GLY A CA   1 
ATOM   934  C  C    . GLY A 1 137 ? 17.118  3.315   8.218   1.00 44.93  ? 116 GLY A C    1 
ATOM   935  O  O    . GLY A 1 137 ? 17.807  3.479   7.202   1.00 44.42  ? 116 GLY A O    1 
ATOM   936  N  N    . MET A 1 138 ? 16.148  2.412   8.273   1.00 39.31  ? 117 MET A N    1 
ATOM   937  C  CA   . MET A 1 138 ? 15.673  1.716   7.086   1.00 42.30  ? 117 MET A CA   1 
ATOM   938  C  C    . MET A 1 138 ? 14.394  2.417   6.639   1.00 39.18  ? 117 MET A C    1 
ATOM   939  O  O    . MET A 1 138 ? 13.345  2.266   7.275   1.00 36.20  ? 117 MET A O    1 
ATOM   940  C  CB   . MET A 1 138 ? 15.436  0.234   7.380   1.00 41.41  ? 117 MET A CB   1 
ATOM   941  C  CG   . MET A 1 138 ? 15.363  -0.605  6.131   1.00 45.16  ? 117 MET A CG   1 
ATOM   942  S  SD   . MET A 1 138 ? 15.045  -2.357  6.446   1.00 47.55  ? 117 MET A SD   1 
ATOM   943  C  CE   . MET A 1 138 ? 16.717  -2.990  6.623   1.00 49.30  ? 117 MET A CE   1 
ATOM   944  N  N    . LEU A 1 139 ? 14.481  3.188   5.553   1.00 35.86  ? 118 LEU A N    1 
ATOM   945  C  CA   . LEU A 1 139 ? 13.412  4.085   5.147   1.00 35.42  ? 118 LEU A CA   1 
ATOM   946  C  C    . LEU A 1 139 ? 12.548  3.451   4.073   1.00 35.48  ? 118 LEU A C    1 
ATOM   947  O  O    . LEU A 1 139 ? 13.027  2.688   3.232   1.00 33.78  ? 118 LEU A O    1 
ATOM   948  C  CB   . LEU A 1 139 ? 13.969  5.413   4.611   1.00 39.98  ? 118 LEU A CB   1 
ATOM   949  C  CG   . LEU A 1 139 ? 14.929  6.176   5.527   1.00 42.36  ? 118 LEU A CG   1 
ATOM   950  C  CD1  . LEU A 1 139 ? 15.223  7.558   4.963   1.00 42.57  ? 118 LEU A CD1  1 
ATOM   951  C  CD2  . LEU A 1 139 ? 14.376  6.266   6.946   1.00 37.60  ? 118 LEU A CD2  1 
ATOM   952  N  N    . ASP A 1 140 ? 11.266  3.788   4.109   1.00 33.69  ? 119 ASP A N    1 
ATOM   953  C  CA   . ASP A 1 140 ? 10.358  3.496   3.008   1.00 35.03  ? 119 ASP A CA   1 
ATOM   954  C  C    . ASP A 1 140 ? 10.332  4.665   2.029   1.00 37.65  ? 119 ASP A C    1 
ATOM   955  O  O    . ASP A 1 140 ? 10.550  5.823   2.409   1.00 39.26  ? 119 ASP A O    1 
ATOM   956  C  CB   . ASP A 1 140 ? 8.939   3.240   3.520   1.00 36.56  ? 119 ASP A CB   1 
ATOM   957  C  CG   . ASP A 1 140 ? 8.801   1.895   4.236   1.00 34.99  ? 119 ASP A CG   1 
ATOM   958  O  OD1  . ASP A 1 140 ? 9.321   1.767   5.365   1.00 35.13  ? 119 ASP A OD1  1 
ATOM   959  O  OD2  . ASP A 1 140 ? 8.151   0.995   3.675   1.00 36.93  ? 119 ASP A OD2  1 
ATOM   960  N  N    . GLY A 1 141 ? 10.013  4.358   0.772   1.00 34.00  ? 120 GLY A N    1 
ATOM   961  C  CA   . GLY A 1 141 ? 9.852   5.373   -0.251  1.00 36.88  ? 120 GLY A CA   1 
ATOM   962  C  C    . GLY A 1 141 ? 8.440   5.382   -0.806  1.00 39.31  ? 120 GLY A C    1 
ATOM   963  O  O    . GLY A 1 141 ? 7.784   4.344   -0.898  1.00 36.12  ? 120 GLY A O    1 
ATOM   964  N  N    . PHE A 1 142 ? 7.964   6.575   -1.158  1.00 35.02  ? 121 PHE A N    1 
ATOM   965  C  CA   . PHE A 1 142 ? 6.695   6.737   -1.854  1.00 36.50  ? 121 PHE A CA   1 
ATOM   966  C  C    . PHE A 1 142 ? 6.922   7.642   -3.064  1.00 41.38  ? 121 PHE A C    1 
ATOM   967  O  O    . PHE A 1 142 ? 7.507   8.728   -2.937  1.00 36.30  ? 121 PHE A O    1 
ATOM   968  C  CB   . PHE A 1 142 ? 5.621   7.270   -0.894  1.00 35.41  ? 121 PHE A CB   1 
ATOM   969  C  CG   . PHE A 1 142 ? 5.199   6.245   0.125   1.00 39.71  ? 121 PHE A CG   1 
ATOM   970  C  CD1  . PHE A 1 142 ? 4.171   5.357   -0.157  1.00 38.80  ? 121 PHE A CD1  1 
ATOM   971  C  CD2  . PHE A 1 142 ? 5.889   6.108   1.328   1.00 38.34  ? 121 PHE A CD2  1 
ATOM   972  C  CE1  . PHE A 1 142 ? 3.795   4.369   0.755   1.00 41.58  ? 121 PHE A CE1  1 
ATOM   973  C  CE2  . PHE A 1 142 ? 5.520   5.119   2.251   1.00 43.44  ? 121 PHE A CE2  1 
ATOM   974  C  CZ   . PHE A 1 142 ? 4.468   4.249   1.959   1.00 42.49  ? 121 PHE A CZ   1 
ATOM   975  N  N    . GLU A 1 143 ? 6.489   7.170   -4.239  1.00 37.61  ? 122 GLU A N    1 
ATOM   976  C  CA   . GLU A 1 143 ? 6.908   7.716   -5.524  1.00 39.95  ? 122 GLU A CA   1 
ATOM   977  C  C    . GLU A 1 143 ? 5.709   7.912   -6.442  1.00 40.08  ? 122 GLU A C    1 
ATOM   978  O  O    . GLU A 1 143 ? 4.732   7.168   -6.373  1.00 38.43  ? 122 GLU A O    1 
ATOM   979  C  CB   . GLU A 1 143 ? 7.905   6.795   -6.238  1.00 37.98  ? 122 GLU A CB   1 
ATOM   980  C  CG   . GLU A 1 143 ? 9.218   6.558   -5.494  1.00 38.45  ? 122 GLU A CG   1 
ATOM   981  C  CD   . GLU A 1 143 ? 10.156  5.660   -6.272  1.00 36.17  ? 122 GLU A CD   1 
ATOM   982  O  OE1  . GLU A 1 143 ? 11.388  5.819   -6.151  1.00 43.24  ? 122 GLU A OE1  1 
ATOM   983  O  OE2  . GLU A 1 143 ? 9.661   4.789   -7.014  1.00 36.59  ? 122 GLU A OE2  1 
ATOM   984  N  N    . TRP A 1 144 ? 5.815   8.900   -7.333  1.00 38.38  ? 123 TRP A N    1 
ATOM   985  C  CA   . TRP A 1 144 ? 4.869   9.116   -8.423  1.00 37.97  ? 123 TRP A CA   1 
ATOM   986  C  C    . TRP A 1 144 ? 5.636   9.241   -9.732  1.00 40.27  ? 123 TRP A C    1 
ATOM   987  O  O    . TRP A 1 144 ? 6.693   9.894   -9.790  1.00 40.85  ? 123 TRP A O    1 
ATOM   988  C  CB   . TRP A 1 144 ? 4.018   10.371  -8.211  1.00 33.55  ? 123 TRP A CB   1 
ATOM   989  C  CG   . TRP A 1 144 ? 3.014   10.278  -7.119  1.00 36.01  ? 123 TRP A CG   1 
ATOM   990  C  CD1  . TRP A 1 144 ? 1.691   9.968   -7.248  1.00 36.54  ? 123 TRP A CD1  1 
ATOM   991  C  CD2  . TRP A 1 144 ? 3.237   10.512  -5.723  1.00 36.53  ? 123 TRP A CD2  1 
ATOM   992  N  NE1  . TRP A 1 144 ? 1.074   9.999   -6.021  1.00 39.90  ? 123 TRP A NE1  1 
ATOM   993  C  CE2  . TRP A 1 144 ? 2.002   10.328  -5.065  1.00 39.15  ? 123 TRP A CE2  1 
ATOM   994  C  CE3  . TRP A 1 144 ? 4.359   10.858  -4.964  1.00 36.15  ? 123 TRP A CE3  1 
ATOM   995  C  CZ2  . TRP A 1 144 ? 1.863   10.468  -3.679  1.00 40.12  ? 123 TRP A CZ2  1 
ATOM   996  C  CZ3  . TRP A 1 144 ? 4.213   11.019  -3.590  1.00 38.17  ? 123 TRP A CZ3  1 
ATOM   997  C  CH2  . TRP A 1 144 ? 2.975   10.814  -2.960  1.00 37.70  ? 123 TRP A CH2  1 
ATOM   998  N  N    . TYR A 1 145 ? 5.074   8.621   -10.778 1.00 39.47  ? 124 TYR A N    1 
ATOM   999  C  CA   . TYR A 1 145 ? 5.634   8.569   -12.122 1.00 42.75  ? 124 TYR A CA   1 
ATOM   1000 C  C    . TYR A 1 145 ? 4.684   9.243   -13.104 1.00 39.60  ? 124 TYR A C    1 
ATOM   1001 O  O    . TYR A 1 145 ? 3.464   9.260   -12.898 1.00 40.47  ? 124 TYR A O    1 
ATOM   1002 C  CB   . TYR A 1 145 ? 5.886   7.119   -12.561 1.00 43.45  ? 124 TYR A CB   1 
ATOM   1003 C  CG   . TYR A 1 145 ? 6.944   6.426   -11.739 1.00 45.04  ? 124 TYR A CG   1 
ATOM   1004 C  CD1  . TYR A 1 145 ? 6.656   5.925   -10.475 1.00 43.42  ? 124 TYR A CD1  1 
ATOM   1005 C  CD2  . TYR A 1 145 ? 8.240   6.296   -12.219 1.00 44.73  ? 124 TYR A CD2  1 
ATOM   1006 C  CE1  . TYR A 1 145 ? 7.629   5.300   -9.719  1.00 41.80  ? 124 TYR A CE1  1 
ATOM   1007 C  CE2  . TYR A 1 145 ? 9.219   5.680   -11.472 1.00 46.84  ? 124 TYR A CE2  1 
ATOM   1008 C  CZ   . TYR A 1 145 ? 8.905   5.184   -10.220 1.00 44.83  ? 124 TYR A CZ   1 
ATOM   1009 O  OH   . TYR A 1 145 ? 9.876   4.587   -9.471  1.00 41.90  ? 124 TYR A OH   1 
ATOM   1010 N  N    . CYS A 1 146 ? 5.253   9.784   -14.186 1.00 44.48  ? 125 CYS A N    1 
ATOM   1011 C  CA   . CYS A 1 146 ? 4.494   10.577  -15.157 1.00 42.37  ? 125 CYS A CA   1 
ATOM   1012 C  C    . CYS A 1 146 ? 3.737   9.669   -16.131 1.00 46.76  ? 125 CYS A C    1 
ATOM   1013 O  O    . CYS A 1 146 ? 4.332   8.778   -16.751 1.00 45.53  ? 125 CYS A O    1 
ATOM   1014 C  CB   . CYS A 1 146 ? 5.443   11.513  -15.922 1.00 41.34  ? 125 CYS A CB   1 
ATOM   1015 S  SG   . CYS A 1 146 ? 4.652   12.534  -17.209 1.00 45.01  ? 125 CYS A SG   1 
ATOM   1016 N  N    . ASP A 1 147 ? 2.426   9.907   -16.262 1.00 46.95  ? 126 ASP A N    1 
ATOM   1017 C  CA   . ASP A 1 147 ? 1.556   9.181   -17.189 1.00 47.61  ? 126 ASP A CA   1 
ATOM   1018 C  C    . ASP A 1 147 ? 1.965   9.325   -18.650 1.00 50.29  ? 126 ASP A C    1 
ATOM   1019 O  O    . ASP A 1 147 ? 1.590   8.481   -19.474 1.00 51.13  ? 126 ASP A O    1 
ATOM   1020 C  CB   . ASP A 1 147 ? 0.113   9.689   -17.067 1.00 54.20  ? 126 ASP A CB   1 
ATOM   1021 C  CG   . ASP A 1 147 ? -0.612  9.127   -15.866 1.00 68.37  ? 126 ASP A CG   1 
ATOM   1022 O  OD1  . ASP A 1 147 ? -1.532  9.815   -15.366 1.00 71.79  ? 126 ASP A OD1  1 
ATOM   1023 O  OD2  . ASP A 1 147 ? -0.278  7.994   -15.435 1.00 72.44  ? 126 ASP A OD2  1 
ATOM   1024 N  N    . ALA A 1 148 ? 2.682   10.392  -19.001 1.00 46.06  ? 127 ALA A N    1 
ATOM   1025 C  CA   . ALA A 1 148 ? 3.021   10.676  -20.391 1.00 47.59  ? 127 ALA A CA   1 
ATOM   1026 C  C    . ALA A 1 148 ? 4.388   10.149  -20.808 1.00 51.01  ? 127 ALA A C    1 
ATOM   1027 O  O    . ALA A 1 148 ? 4.548   9.730   -21.959 1.00 53.80  ? 127 ALA A O    1 
ATOM   1028 C  CB   . ALA A 1 148 ? 2.962   12.191  -20.655 1.00 49.74  ? 127 ALA A CB   1 
ATOM   1029 N  N    . CYS A 1 149 ? 5.377   10.155  -19.916 1.00 50.61  ? 128 CYS A N    1 
ATOM   1030 C  CA   . CYS A 1 149 ? 6.720   9.732   -20.284 1.00 54.47  ? 128 CYS A CA   1 
ATOM   1031 C  C    . CYS A 1 149 ? 7.348   8.728   -19.323 1.00 54.58  ? 128 CYS A C    1 
ATOM   1032 O  O    . CYS A 1 149 ? 8.466   8.264   -19.580 1.00 58.54  ? 128 CYS A O    1 
ATOM   1033 C  CB   . CYS A 1 149 ? 7.628   10.962  -20.434 1.00 58.38  ? 128 CYS A CB   1 
ATOM   1034 S  SG   . CYS A 1 149 ? 8.465   11.496  -18.957 1.00 58.27  ? 128 CYS A SG   1 
ATOM   1035 N  N    . GLY A 1 150 ? 6.669   8.364   -18.240 1.00 52.32  ? 129 GLY A N    1 
ATOM   1036 C  CA   . GLY A 1 150 ? 7.176   7.329   -17.363 1.00 48.86  ? 129 GLY A CA   1 
ATOM   1037 C  C    . GLY A 1 150 ? 8.349   7.715   -16.494 1.00 48.69  ? 129 GLY A C    1 
ATOM   1038 O  O    . GLY A 1 150 ? 8.930   6.840   -15.850 1.00 52.78  ? 129 GLY A O    1 
ATOM   1039 N  N    . HIS A 1 151 ? 8.723   8.988   -16.450 1.00 48.24  ? 130 HIS A N    1 
ATOM   1040 C  CA   . HIS A 1 151 ? 9.800   9.439   -15.581 1.00 47.14  ? 130 HIS A CA   1 
ATOM   1041 C  C    . HIS A 1 151 ? 9.319   9.537   -14.133 1.00 44.42  ? 130 HIS A C    1 
ATOM   1042 O  O    . HIS A 1 151 ? 8.130   9.741   -13.860 1.00 45.33  ? 130 HIS A O    1 
ATOM   1043 C  CB   . HIS A 1 151 ? 10.306  10.800  -16.065 1.00 48.29  ? 130 HIS A CB   1 
ATOM   1044 C  CG   . HIS A 1 151 ? 11.767  11.042  -15.841 1.00 55.40  ? 130 HIS A CG   1 
ATOM   1045 N  ND1  . HIS A 1 151 ? 12.246  11.743  -14.752 1.00 56.47  ? 130 HIS A ND1  1 
ATOM   1046 C  CD2  . HIS A 1 151 ? 12.851  10.724  -16.588 1.00 57.00  ? 130 HIS A CD2  1 
ATOM   1047 C  CE1  . HIS A 1 151 ? 13.564  11.826  -14.827 1.00 57.26  ? 130 HIS A CE1  1 
ATOM   1048 N  NE2  . HIS A 1 151 ? 13.956  11.213  -15.930 1.00 57.66  ? 130 HIS A NE2  1 
ATOM   1049 N  N    . LEU A 1 152 ? 10.253  9.394   -13.194 1.00 42.30  ? 131 LEU A N    1 
ATOM   1050 C  CA   . LEU A 1 152 ? 9.936   9.664   -11.796 1.00 41.43  ? 131 LEU A CA   1 
ATOM   1051 C  C    . LEU A 1 152 ? 9.557   11.129  -11.628 1.00 44.31  ? 131 LEU A C    1 
ATOM   1052 O  O    . LEU A 1 152 ? 10.330  12.025  -11.982 1.00 43.85  ? 131 LEU A O    1 
ATOM   1053 C  CB   . LEU A 1 152 ? 11.123  9.319   -10.899 1.00 43.70  ? 131 LEU A CB   1 
ATOM   1054 C  CG   . LEU A 1 152 ? 10.973  9.607   -9.399  1.00 45.12  ? 131 LEU A CG   1 
ATOM   1055 C  CD1  . LEU A 1 152 ? 10.022  8.623   -8.715  1.00 43.54  ? 131 LEU A CD1  1 
ATOM   1056 C  CD2  . LEU A 1 152 ? 12.337  9.563   -8.723  1.00 40.42  ? 131 LEU A CD2  1 
ATOM   1057 N  N    . VAL A 1 153 ? 8.362   11.372  -11.108 1.00 40.92  ? 132 VAL A N    1 
ATOM   1058 C  CA   . VAL A 1 153 ? 7.905   12.738  -10.907 1.00 42.28  ? 132 VAL A CA   1 
ATOM   1059 C  C    . VAL A 1 153 ? 8.290   13.239  -9.523  1.00 46.68  ? 132 VAL A C    1 
ATOM   1060 O  O    . VAL A 1 153 ? 8.783   14.367  -9.373  1.00 38.32  ? 132 VAL A O    1 
ATOM   1061 C  CB   . VAL A 1 153 ? 6.381   12.816  -11.127 1.00 39.41  ? 132 VAL A CB   1 
ATOM   1062 C  CG1  . VAL A 1 153 ? 5.839   14.130  -10.598 1.00 41.42  ? 132 VAL A CG1  1 
ATOM   1063 C  CG2  . VAL A 1 153 ? 6.030   12.616  -12.587 1.00 37.91  ? 132 VAL A CG2  1 
ATOM   1064 N  N    . HIS A 1 154 ? 8.089   12.405  -8.501  1.00 38.52  ? 133 HIS A N    1 
ATOM   1065 C  CA   . HIS A 1 154 ? 8.388   12.868  -7.151  1.00 38.78  ? 133 HIS A CA   1 
ATOM   1066 C  C    . HIS A 1 154 ? 8.576   11.662  -6.243  1.00 41.91  ? 133 HIS A C    1 
ATOM   1067 O  O    . HIS A 1 154 ? 7.837   10.688  -6.361  1.00 39.08  ? 133 HIS A O    1 
ATOM   1068 C  CB   . HIS A 1 154 ? 7.256   13.752  -6.622  1.00 37.53  ? 133 HIS A CB   1 
ATOM   1069 C  CG   . HIS A 1 154 ? 7.570   14.447  -5.335  1.00 41.18  ? 133 HIS A CG   1 
ATOM   1070 N  ND1  . HIS A 1 154 ? 8.562   15.401  -5.225  1.00 41.11  ? 133 HIS A ND1  1 
ATOM   1071 C  CD2  . HIS A 1 154 ? 7.011   14.342  -4.105  1.00 39.40  ? 133 HIS A CD2  1 
ATOM   1072 C  CE1  . HIS A 1 154 ? 8.605   15.844  -3.982  1.00 42.81  ? 133 HIS A CE1  1 
ATOM   1073 N  NE2  . HIS A 1 154 ? 7.675   15.216  -3.281  1.00 42.74  ? 133 HIS A NE2  1 
ATOM   1074 N  N    . ARG A 1 155 ? 9.545   11.745  -5.332  1.00 39.38  ? 134 ARG A N    1 
ATOM   1075 C  CA   . ARG A 1 155 ? 9.787   10.704  -4.344  1.00 35.81  ? 134 ARG A CA   1 
ATOM   1076 C  C    . ARG A 1 155 ? 9.971   11.336  -2.970  1.00 39.06  ? 134 ARG A C    1 
ATOM   1077 O  O    . ARG A 1 155 ? 10.609  12.381  -2.833  1.00 34.63  ? 134 ARG A O    1 
ATOM   1078 C  CB   . ARG A 1 155 ? 11.025  9.868   -4.707  1.00 39.47  ? 134 ARG A CB   1 
ATOM   1079 C  CG   . ARG A 1 155 ? 11.532  8.930   -3.590  1.00 34.25  ? 134 ARG A CG   1 
ATOM   1080 C  CD   . ARG A 1 155 ? 12.711  8.073   -4.061  1.00 38.35  ? 134 ARG A CD   1 
ATOM   1081 N  NE   . ARG A 1 155 ? 13.268  7.235   -2.996  1.00 39.15  ? 134 ARG A NE   1 
ATOM   1082 C  CZ   . ARG A 1 155 ? 12.928  5.959   -2.760  1.00 42.21  ? 134 ARG A CZ   1 
ATOM   1083 N  NH1  . ARG A 1 155 ? 12.020  5.343   -3.521  1.00 33.37  ? 134 ARG A NH1  1 
ATOM   1084 N  NH2  . ARG A 1 155 ? 13.513  5.287   -1.765  1.00 36.97  ? 134 ARG A NH2  1 
ATOM   1085 N  N    . VAL A 1 156 ? 9.432   10.675  -1.951  1.00 40.83  ? 135 VAL A N    1 
ATOM   1086 C  CA   . VAL A 1 156 ? 9.652   11.031  -0.555  1.00 36.31  ? 135 VAL A CA   1 
ATOM   1087 C  C    . VAL A 1 156 ? 10.034  9.773   0.226   1.00 42.60  ? 135 VAL A C    1 
ATOM   1088 O  O    . VAL A 1 156 ? 9.488   8.690   -0.011  1.00 39.93  ? 135 VAL A O    1 
ATOM   1089 C  CB   . VAL A 1 156 ? 8.392   11.707  0.019   1.00 42.88  ? 135 VAL A CB   1 
ATOM   1090 C  CG1  . VAL A 1 156 ? 7.275   10.745  -0.026  1.00 49.26  ? 135 VAL A CG1  1 
ATOM   1091 C  CG2  . VAL A 1 156 ? 8.611   12.173  1.439   1.00 42.78  ? 135 VAL A CG2  1 
ATOM   1092 N  N    . GLU A 1 157 ? 11.000  9.897   1.133   1.00 39.05  ? 136 GLU A N    1 
ATOM   1093 C  CA   . GLU A 1 157 ? 11.347  8.796   2.022   1.00 42.04  ? 136 GLU A CA   1 
ATOM   1094 C  C    . GLU A 1 157 ? 10.947  9.136   3.451   1.00 39.65  ? 136 GLU A C    1 
ATOM   1095 O  O    . GLU A 1 157 ? 11.051  10.289  3.884   1.00 36.49  ? 136 GLU A O    1 
ATOM   1096 C  CB   . GLU A 1 157 ? 12.841  8.468   1.946   1.00 43.96  ? 136 GLU A CB   1 
ATOM   1097 C  CG   . GLU A 1 157 ? 13.301  8.203   0.524   1.00 44.90  ? 136 GLU A CG   1 
ATOM   1098 C  CD   . GLU A 1 157 ? 14.767  7.833   0.446   1.00 50.32  ? 136 GLU A CD   1 
ATOM   1099 O  OE1  . GLU A 1 157 ? 15.097  6.909   -0.322  1.00 44.95  ? 136 GLU A OE1  1 
ATOM   1100 O  OE2  . GLU A 1 157 ? 15.582  8.471   1.152   1.00 55.20  ? 136 GLU A OE2  1 
ATOM   1101 N  N    . VAL A 1 158 ? 10.486  8.122   4.176   1.00 37.19  ? 137 VAL A N    1 
ATOM   1102 C  CA   . VAL A 1 158 ? 9.914   8.303   5.497   1.00 30.75  ? 137 VAL A CA   1 
ATOM   1103 C  C    . VAL A 1 158 ? 10.381  7.151   6.388   1.00 38.25  ? 137 VAL A C    1 
ATOM   1104 O  O    . VAL A 1 158 ? 10.585  6.020   5.925   1.00 33.02  ? 137 VAL A O    1 
ATOM   1105 C  CB   . VAL A 1 158 ? 8.363   8.396   5.387   1.00 40.21  ? 137 VAL A CB   1 
ATOM   1106 C  CG1  . VAL A 1 158 ? 7.756   7.046   4.993   1.00 39.44  ? 137 VAL A CG1  1 
ATOM   1107 C  CG2  . VAL A 1 158 ? 7.717   8.932   6.658   1.00 38.78  ? 137 VAL A CG2  1 
ATOM   1108 N  N    . GLN A 1 159 ? 10.598  7.457   7.670   1.00 35.77  ? 138 GLN A N    1 
ATOM   1109 C  CA   . GLN A 1 159 ? 10.754  6.431   8.706   1.00 41.02  ? 138 GLN A CA   1 
ATOM   1110 C  C    . GLN A 1 159 ? 9.349   6.101   9.188   1.00 42.19  ? 138 GLN A C    1 
ATOM   1111 O  O    . GLN A 1 159 ? 8.748   6.853   9.961   1.00 42.58  ? 138 GLN A O    1 
ATOM   1112 C  CB   . GLN A 1 159 ? 11.639  6.887   9.865   1.00 38.55  ? 138 GLN A CB   1 
ATOM   1113 C  CG   . GLN A 1 159 ? 11.856  5.780   10.933  1.00 36.73  ? 138 GLN A CG   1 
ATOM   1114 C  CD   . GLN A 1 159 ? 12.867  4.761   10.471  1.00 37.67  ? 138 GLN A CD   1 
ATOM   1115 O  OE1  . GLN A 1 159 ? 14.010  5.100   10.188  1.00 39.40  ? 138 GLN A OE1  1 
ATOM   1116 N  NE2  . GLN A 1 159 ? 12.443  3.514   10.351  1.00 40.76  ? 138 GLN A NE2  1 
ATOM   1117 N  N    . LEU A 1 160 ? 8.823   4.980   8.704   1.00 38.78  ? 139 LEU A N    1 
ATOM   1118 C  CA   . LEU A 1 160 ? 7.420   4.638   8.879   1.00 44.40  ? 139 LEU A CA   1 
ATOM   1119 C  C    . LEU A 1 160 ? 7.233   3.991   10.240  1.00 49.83  ? 139 LEU A C    1 
ATOM   1120 O  O    . LEU A 1 160 ? 7.696   2.870   10.473  1.00 52.16  ? 139 LEU A O    1 
ATOM   1121 C  CB   . LEU A 1 160 ? 6.959   3.711   7.758   1.00 45.03  ? 139 LEU A CB   1 
ATOM   1122 C  CG   . LEU A 1 160 ? 5.461   3.694   7.459   1.00 52.33  ? 139 LEU A CG   1 
ATOM   1123 C  CD1  . LEU A 1 160 ? 4.929   5.105   7.208   1.00 49.51  ? 139 LEU A CD1  1 
ATOM   1124 C  CD2  . LEU A 1 160 ? 5.189   2.791   6.267   1.00 51.44  ? 139 LEU A CD2  1 
ATOM   1125 N  N    . LYS A 1 161 ? 6.553   4.698   11.133  1.00 52.17  ? 140 LYS A N    1 
ATOM   1126 C  CA   . LYS A 1 161 ? 6.261   4.191   12.460  1.00 58.17  ? 140 LYS A CA   1 
ATOM   1127 C  C    . LYS A 1 161 ? 4.806   3.773   12.636  1.00 64.66  ? 140 LYS A C    1 
ATOM   1128 O  O    . LYS A 1 161 ? 4.535   2.830   13.383  1.00 65.35  ? 140 LYS A O    1 
ATOM   1129 C  CB   . LYS A 1 161 ? 6.639   5.244   13.513  1.00 57.87  ? 140 LYS A CB   1 
ATOM   1130 C  CG   . LYS A 1 161 ? 6.817   4.705   14.930  1.00 61.89  ? 140 LYS A CG   1 
ATOM   1131 C  CD   . LYS A 1 161 ? 8.066   3.817   15.065  1.00 68.37  ? 140 LYS A CD   1 
ATOM   1132 C  CE   . LYS A 1 161 ? 9.244   4.280   14.197  1.00 62.15  ? 140 LYS A CE   1 
ATOM   1133 N  NZ   . LYS A 1 161 ? 10.373  3.299   14.231  1.00 63.18  ? 140 LYS A NZ   1 
ATOM   1134 N  N    . SER A 1 162 ? 3.869   4.428   11.951  1.00 66.94  ? 141 SER A N    1 
ATOM   1135 C  CA   . SER A 1 162 ? 2.478   3.977   11.922  1.00 79.06  ? 141 SER A CA   1 
ATOM   1136 C  C    . SER A 1 162 ? 1.857   4.400   10.602  1.00 72.35  ? 141 SER A C    1 
ATOM   1137 O  O    . SER A 1 162 ? 1.742   5.599   10.326  1.00 71.64  ? 141 SER A O    1 
ATOM   1138 C  CB   . SER A 1 162 ? 1.664   4.534   13.092  1.00 83.42  ? 141 SER A CB   1 
ATOM   1139 O  OG   . SER A 1 162 ? 0.285   4.229   12.925  1.00 80.78  ? 141 SER A OG   1 
ATOM   1140 N  N    . ILE A 1 163 ? 1.433   3.411   9.815   1.00 76.19  ? 142 ILE A N    1 
ATOM   1141 C  CA   . ILE A 1 163 ? 1.010   3.650   8.437   1.00 75.14  ? 142 ILE A CA   1 
ATOM   1142 C  C    . ILE A 1 163 ? -0.131  4.667   8.387   1.00 77.24  ? 142 ILE A C    1 
ATOM   1143 O  O    . ILE A 1 163 ? -0.118  5.604   7.576   1.00 76.08  ? 142 ILE A O    1 
ATOM   1144 C  CB   . ILE A 1 163 ? 0.641   2.300   7.781   1.00 76.35  ? 142 ILE A CB   1 
ATOM   1145 C  CG1  . ILE A 1 163 ? 0.377   2.436   6.276   1.00 75.90  ? 142 ILE A CG1  1 
ATOM   1146 C  CG2  . ILE A 1 163 ? -0.494  1.600   8.543   1.00 75.41  ? 142 ILE A CG2  1 
ATOM   1147 C  CD1  . ILE A 1 163 ? 1.593   2.105   5.425   1.00 64.54  ? 142 ILE A CD1  1 
ATOM   1148 N  N    . VAL A 1 164 ? -1.103  4.538   9.295   1.00 79.25  ? 143 VAL A N    1 
ATOM   1149 C  CA   . VAL A 1 164 ? -2.292  5.385   9.249   1.00 79.39  ? 143 VAL A CA   1 
ATOM   1150 C  C    . VAL A 1 164 ? -2.006  6.807   9.710   1.00 75.08  ? 143 VAL A C    1 
ATOM   1151 O  O    . VAL A 1 164 ? -2.807  7.712   9.451   1.00 73.97  ? 143 VAL A O    1 
ATOM   1152 C  CB   . VAL A 1 164 ? -3.410  4.758   10.101  1.00 78.19  ? 143 VAL A CB   1 
ATOM   1153 C  CG1  . VAL A 1 164 ? -4.006  3.554   9.386   1.00 73.46  ? 143 VAL A CG1  1 
ATOM   1154 C  CG2  . VAL A 1 164 ? -2.864  4.369   11.469  1.00 78.38  ? 143 VAL A CG2  1 
ATOM   1155 N  N    . THR A 1 165 ? -0.884  7.033   10.389  1.00 76.16  ? 144 THR A N    1 
ATOM   1156 C  CA   . THR A 1 165 ? -0.562  8.317   11.005  1.00 71.43  ? 144 THR A CA   1 
ATOM   1157 C  C    . THR A 1 165 ? 0.345   9.180   10.141  1.00 68.46  ? 144 THR A C    1 
ATOM   1158 O  O    . THR A 1 165 ? 0.159   10.402  10.073  1.00 64.62  ? 144 THR A O    1 
ATOM   1159 C  CB   . THR A 1 165 ? 0.103   8.074   12.372  1.00 73.94  ? 144 THR A CB   1 
ATOM   1160 O  OG1  . THR A 1 165 ? -0.905  7.804   13.358  1.00 78.17  ? 144 THR A OG1  1 
ATOM   1161 C  CG2  . THR A 1 165 ? 0.991   9.257   12.818  1.00 62.87  ? 144 THR A CG2  1 
ATOM   1162 N  N    . ASP A 1 166 ? 1.314   8.568   9.468   1.00 66.69  ? 145 ASP A N    1 
ATOM   1163 C  CA   . ASP A 1 166 ? 2.388   9.308   8.829   1.00 66.28  ? 145 ASP A CA   1 
ATOM   1164 C  C    . ASP A 1 166 ? 2.271   9.369   7.314   1.00 60.26  ? 145 ASP A C    1 
ATOM   1165 O  O    . ASP A 1 166 ? 3.128   9.979   6.671   1.00 62.64  ? 145 ASP A O    1 
ATOM   1166 C  CB   . ASP A 1 166 ? 3.742   8.716   9.235   1.00 62.68  ? 145 ASP A CB   1 
ATOM   1167 C  CG   . ASP A 1 166 ? 3.877   8.546   10.747  1.00 64.27  ? 145 ASP A CG   1 
ATOM   1168 O  OD1  . ASP A 1 166 ? 3.399   7.522   11.280  1.00 71.77  ? 145 ASP A OD1  1 
ATOM   1169 O  OD2  . ASP A 1 166 ? 4.438   9.445   11.412  1.00 67.02  ? 145 ASP A OD2  1 
ATOM   1170 N  N    . LEU A 1 167 ? 1.237   8.783   6.733   1.00 54.20  ? 146 LEU A N    1 
ATOM   1171 C  CA   . LEU A 1 167 ? 1.136   8.759   5.284   1.00 52.83  ? 146 LEU A CA   1 
ATOM   1172 C  C    . LEU A 1 167 ? 0.196   9.827   4.715   1.00 53.79  ? 146 LEU A C    1 
ATOM   1173 O  O    . LEU A 1 167 ? 0.569   10.498  3.745   1.00 48.50  ? 146 LEU A O    1 
ATOM   1174 C  CB   . LEU A 1 167 ? 0.707   7.369   4.811   1.00 56.88  ? 146 LEU A CB   1 
ATOM   1175 C  CG   . LEU A 1 167 ? 1.895   6.448   4.523   1.00 60.29  ? 146 LEU A CG   1 
ATOM   1176 C  CD1  . LEU A 1 167 ? 1.455   5.156   3.816   1.00 60.90  ? 146 LEU A CD1  1 
ATOM   1177 C  CD2  . LEU A 1 167 ? 2.979   7.195   3.725   1.00 56.01  ? 146 LEU A CD2  1 
ATOM   1178 N  N    . PRO A 1 168 ? -1.008  10.026  5.256   1.00 50.59  ? 147 PRO A N    1 
ATOM   1179 C  CA   . PRO A 1 168 ? -1.952  10.982  4.626   1.00 49.71  ? 147 PRO A CA   1 
ATOM   1180 C  C    . PRO A 1 168 ? -1.351  12.360  4.395   1.00 49.21  ? 147 PRO A C    1 
ATOM   1181 O  O    . PRO A 1 168 ? -1.551  12.927  3.309   1.00 46.19  ? 147 PRO A O    1 
ATOM   1182 C  CB   . PRO A 1 168 ? -3.125  11.023  5.618   1.00 49.69  ? 147 PRO A CB   1 
ATOM   1183 C  CG   . PRO A 1 168 ? -3.120  9.640   6.207   1.00 55.28  ? 147 PRO A CG   1 
ATOM   1184 C  CD   . PRO A 1 168 ? -1.671  9.250   6.326   1.00 55.37  ? 147 PRO A CD   1 
ATOM   1185 N  N    . PRO A 1 169 ? -0.618  12.961  5.351   1.00 49.90  ? 148 PRO A N    1 
ATOM   1186 C  CA   . PRO A 1 169 ? -0.077  14.308  5.072   1.00 47.58  ? 148 PRO A CA   1 
ATOM   1187 C  C    . PRO A 1 169 ? 0.942   14.316  3.938   1.00 45.31  ? 148 PRO A C    1 
ATOM   1188 O  O    . PRO A 1 169 ? 1.084   15.316  3.221   1.00 37.47  ? 148 PRO A O    1 
ATOM   1189 C  CB   . PRO A 1 169 ? 0.556   14.727  6.412   1.00 51.36  ? 148 PRO A CB   1 
ATOM   1190 C  CG   . PRO A 1 169 ? 0.025   13.777  7.427   1.00 51.76  ? 148 PRO A CG   1 
ATOM   1191 C  CD   . PRO A 1 169 ? -0.215  12.504  6.698   1.00 48.88  ? 148 PRO A CD   1 
ATOM   1192 N  N    . LEU A 1 170 ? 1.657   13.209  3.758   1.00 43.54  ? 149 LEU A N    1 
ATOM   1193 C  CA   . LEU A 1 170 ? 2.598   13.076  2.653   1.00 43.17  ? 149 LEU A CA   1 
ATOM   1194 C  C    . LEU A 1 170 ? 1.872   13.148  1.309   1.00 45.77  ? 149 LEU A C    1 
ATOM   1195 O  O    . LEU A 1 170 ? 2.185   13.984  0.440   1.00 41.92  ? 149 LEU A O    1 
ATOM   1196 C  CB   . LEU A 1 170 ? 3.327   11.746  2.824   1.00 49.76  ? 149 LEU A CB   1 
ATOM   1197 C  CG   . LEU A 1 170 ? 4.511   11.307  1.987   1.00 45.03  ? 149 LEU A CG   1 
ATOM   1198 C  CD1  . LEU A 1 170 ? 5.428   10.520  2.905   1.00 46.80  ? 149 LEU A CD1  1 
ATOM   1199 C  CD2  . LEU A 1 170 ? 4.031   10.483  0.809   1.00 47.51  ? 149 LEU A CD2  1 
ATOM   1200 N  N    . PHE A 1 171 ? 0.876   12.273  1.135   1.00 39.42  ? 150 PHE A N    1 
ATOM   1201 C  CA   . PHE A 1 171 ? 0.050   12.284  -0.066  1.00 42.68  ? 150 PHE A CA   1 
ATOM   1202 C  C    . PHE A 1 171 ? -0.587  13.651  -0.290  1.00 43.42  ? 150 PHE A C    1 
ATOM   1203 O  O    . PHE A 1 171 ? -0.605  14.153  -1.425  1.00 39.99  ? 150 PHE A O    1 
ATOM   1204 C  CB   . PHE A 1 171 ? -1.025  11.203  0.037   1.00 41.80  ? 150 PHE A CB   1 
ATOM   1205 C  CG   . PHE A 1 171 ? -0.469  9.810   0.104   1.00 48.04  ? 150 PHE A CG   1 
ATOM   1206 C  CD1  . PHE A 1 171 ? 0.752   9.505   -0.484  1.00 46.77  ? 150 PHE A CD1  1 
ATOM   1207 C  CD2  . PHE A 1 171 ? -1.161  8.806   0.761   1.00 52.40  ? 150 PHE A CD2  1 
ATOM   1208 C  CE1  . PHE A 1 171 ? 1.275   8.213   -0.416  1.00 46.51  ? 150 PHE A CE1  1 
ATOM   1209 C  CE2  . PHE A 1 171 ? -0.645  7.521   0.826   1.00 49.02  ? 150 PHE A CE2  1 
ATOM   1210 C  CZ   . PHE A 1 171 ? 0.579   7.227   0.235   1.00 45.94  ? 150 PHE A CZ   1 
ATOM   1211 N  N    . GLU A 1 172 ? -1.110  14.265  0.781   1.00 40.13  ? 151 GLU A N    1 
ATOM   1212 C  CA   . GLU A 1 172 ? -1.796  15.554  0.647   1.00 49.10  ? 151 GLU A CA   1 
ATOM   1213 C  C    . GLU A 1 172 ? -0.844  16.638  0.161   1.00 45.02  ? 151 GLU A C    1 
ATOM   1214 O  O    . GLU A 1 172 ? -1.183  17.415  -0.739  1.00 46.58  ? 151 GLU A O    1 
ATOM   1215 C  CB   . GLU A 1 172 ? -2.436  15.980  1.974   1.00 50.68  ? 151 GLU A CB   1 
ATOM   1216 C  CG   . GLU A 1 172 ? -3.635  15.141  2.448   1.00 53.55  ? 151 GLU A CG   1 
ATOM   1217 C  CD   . GLU A 1 172 ? -4.737  15.001  1.400   1.00 61.01  ? 151 GLU A CD   1 
ATOM   1218 O  OE1  . GLU A 1 172 ? -5.086  16.011  0.736   1.00 58.92  ? 151 GLU A OE1  1 
ATOM   1219 O  OE2  . GLU A 1 172 ? -5.263  13.873  1.248   1.00 67.37  ? 151 GLU A OE2  1 
ATOM   1220 N  N    . SER A 1 173 ? 0.356   16.712  0.747   1.00 41.54  ? 152 SER A N    1 
ATOM   1221 C  CA   . SER A 1 173 ? 1.314   17.716  0.294   1.00 42.09  ? 152 SER A CA   1 
ATOM   1222 C  C    . SER A 1 173 ? 1.692   17.505  -1.170  1.00 42.97  ? 152 SER A C    1 
ATOM   1223 O  O    . SER A 1 173 ? 1.915   18.484  -1.894  1.00 40.86  ? 152 SER A O    1 
ATOM   1224 C  CB   . SER A 1 173 ? 2.557   17.712  1.187   1.00 44.50  ? 152 SER A CB   1 
ATOM   1225 O  OG   . SER A 1 173 ? 3.248   16.473  1.111   1.00 41.28  ? 152 SER A OG   1 
ATOM   1226 N  N    . PHE A 1 174 ? 1.734   16.250  -1.642  1.00 37.19  ? 153 PHE A N    1 
ATOM   1227 C  CA   . PHE A 1 174 ? 1.899   16.040  -3.083  1.00 38.61  ? 153 PHE A CA   1 
ATOM   1228 C  C    . PHE A 1 174 ? 0.721   16.619  -3.874  1.00 43.87  ? 153 PHE A C    1 
ATOM   1229 O  O    . PHE A 1 174 ? 0.919   17.373  -4.838  1.00 43.96  ? 153 PHE A O    1 
ATOM   1230 C  CB   . PHE A 1 174 ? 2.070   14.554  -3.402  1.00 38.37  ? 153 PHE A CB   1 
ATOM   1231 C  CG   . PHE A 1 174 ? 2.234   14.257  -4.872  1.00 38.03  ? 153 PHE A CG   1 
ATOM   1232 C  CD1  . PHE A 1 174 ? 3.382   14.635  -5.548  1.00 37.52  ? 153 PHE A CD1  1 
ATOM   1233 C  CD2  . PHE A 1 174 ? 1.241   13.588  -5.570  1.00 35.75  ? 153 PHE A CD2  1 
ATOM   1234 C  CE1  . PHE A 1 174 ? 3.539   14.356  -6.888  1.00 37.29  ? 153 PHE A CE1  1 
ATOM   1235 C  CE2  . PHE A 1 174 ? 1.393   13.293  -6.909  1.00 37.43  ? 153 PHE A CE2  1 
ATOM   1236 C  CZ   . PHE A 1 174 ? 2.544   13.673  -7.573  1.00 39.02  ? 153 PHE A CZ   1 
ATOM   1237 N  N    . TYR A 1 175 ? -0.517  16.281  -3.484  1.00 41.39  ? 154 TYR A N    1 
ATOM   1238 C  CA   . TYR A 1 175 ? -1.670  16.736  -4.259  1.00 42.78  ? 154 TYR A CA   1 
ATOM   1239 C  C    . TYR A 1 175 ? -1.777  18.259  -4.288  1.00 45.44  ? 154 TYR A C    1 
ATOM   1240 O  O    . TYR A 1 175 ? -2.267  18.825  -5.273  1.00 40.59  ? 154 TYR A O    1 
ATOM   1241 C  CB   . TYR A 1 175 ? -2.963  16.139  -3.705  1.00 41.22  ? 154 TYR A CB   1 
ATOM   1242 C  CG   . TYR A 1 175 ? -2.948  14.634  -3.587  1.00 46.86  ? 154 TYR A CG   1 
ATOM   1243 C  CD1  . TYR A 1 175 ? -3.618  13.995  -2.548  1.00 50.17  ? 154 TYR A CD1  1 
ATOM   1244 C  CD2  . TYR A 1 175 ? -2.266  13.846  -4.511  1.00 46.00  ? 154 TYR A CD2  1 
ATOM   1245 C  CE1  . TYR A 1 175 ? -3.603  12.601  -2.429  1.00 49.52  ? 154 TYR A CE1  1 
ATOM   1246 C  CE2  . TYR A 1 175 ? -2.246  12.450  -4.400  1.00 46.65  ? 154 TYR A CE2  1 
ATOM   1247 C  CZ   . TYR A 1 175 ? -2.913  11.838  -3.354  1.00 47.97  ? 154 TYR A CZ   1 
ATOM   1248 O  OH   . TYR A 1 175 ? -2.904  10.460  -3.225  1.00 53.33  ? 154 TYR A OH   1 
ATOM   1249 N  N    . ALA A 1 176 ? -1.312  18.940  -3.239  1.00 41.67  ? 155 ALA A N    1 
ATOM   1250 C  CA   . ALA A 1 176 ? -1.498  20.379  -3.121  1.00 44.86  ? 155 ALA A CA   1 
ATOM   1251 C  C    . ALA A 1 176 ? -0.464  21.199  -3.878  1.00 46.44  ? 155 ALA A C    1 
ATOM   1252 O  O    . ALA A 1 176 ? -0.624  22.423  -3.973  1.00 48.29  ? 155 ALA A O    1 
ATOM   1253 C  CB   . ALA A 1 176 ? -1.470  20.791  -1.646  1.00 43.67  ? 155 ALA A CB   1 
ATOM   1254 N  N    . SER A 1 177 ? 0.586   20.577  -4.406  1.00 45.14  ? 156 SER A N    1 
ATOM   1255 C  CA   . SER A 1 177 ? 1.730   21.304  -4.948  1.00 47.00  ? 156 SER A CA   1 
ATOM   1256 C  C    . SER A 1 177 ? 1.861   21.001  -6.432  1.00 45.91  ? 156 SER A C    1 
ATOM   1257 O  O    . SER A 1 177 ? 2.205   19.880  -6.815  1.00 41.42  ? 156 SER A O    1 
ATOM   1258 C  CB   . SER A 1 177 ? 3.018   20.939  -4.205  1.00 43.86  ? 156 SER A CB   1 
ATOM   1259 O  OG   . SER A 1 177 ? 4.150   21.521  -4.840  1.00 45.15  ? 156 SER A OG   1 
ATOM   1260 N  N    . GLU A 1 178 ? 1.612   22.012  -7.261  1.00 44.97  ? 157 GLU A N    1 
ATOM   1261 C  CA   . GLU A 1 178 ? 1.813   21.863  -8.695  1.00 43.34  ? 157 GLU A CA   1 
ATOM   1262 C  C    . GLU A 1 178 ? 3.276   21.590  -9.026  1.00 39.39  ? 157 GLU A C    1 
ATOM   1263 O  O    . GLU A 1 178 ? 3.579   20.819  -9.944  1.00 42.72  ? 157 GLU A O    1 
ATOM   1264 C  CB   . GLU A 1 178 ? 1.332   23.125  -9.407  1.00 47.06  ? 157 GLU A CB   1 
ATOM   1265 C  CG   . GLU A 1 178 ? 0.889   22.931  -10.837 1.00 48.60  ? 157 GLU A CG   1 
ATOM   1266 C  CD   . GLU A 1 178 ? 0.175   24.183  -11.386 1.00 50.51  ? 157 GLU A CD   1 
ATOM   1267 O  OE1  . GLU A 1 178 ? 0.874   25.117  -11.834 1.00 47.91  ? 157 GLU A OE1  1 
ATOM   1268 O  OE2  . GLU A 1 178 ? -1.076  24.226  -11.367 1.00 53.46  ? 157 GLU A OE2  1 
ATOM   1269 N  N    . ASP A 1 179 ? 4.200   22.233  -8.312  1.00 41.96  ? 158 ASP A N    1 
ATOM   1270 C  CA   . ASP A 1 179 ? 5.618   22.011  -8.585  1.00 43.51  ? 158 ASP A CA   1 
ATOM   1271 C  C    . ASP A 1 179 ? 6.034   20.580  -8.244  1.00 42.48  ? 158 ASP A C    1 
ATOM   1272 O  O    . ASP A 1 179 ? 6.831   19.963  -8.964  1.00 40.51  ? 158 ASP A O    1 
ATOM   1273 C  CB   . ASP A 1 179 ? 6.465   23.012  -7.801  1.00 43.28  ? 158 ASP A CB   1 
ATOM   1274 C  CG   . ASP A 1 179 ? 6.377   24.433  -8.368  1.00 55.66  ? 158 ASP A CG   1 
ATOM   1275 O  OD1  . ASP A 1 179 ? 6.224   24.601  -9.605  1.00 53.28  ? 158 ASP A OD1  1 
ATOM   1276 O  OD2  . ASP A 1 179 ? 6.454   25.384  -7.559  1.00 58.80  ? 158 ASP A OD2  1 
ATOM   1277 N  N    . LYS A 1 180 ? 5.501   20.032  -7.153  1.00 40.35  ? 159 LYS A N    1 
ATOM   1278 C  CA   . LYS A 1 180 ? 5.864   18.663  -6.797  1.00 43.67  ? 159 LYS A CA   1 
ATOM   1279 C  C    . LYS A 1 180 ? 5.361   17.668  -7.835  1.00 38.72  ? 159 LYS A C    1 
ATOM   1280 O  O    . LYS A 1 180 ? 6.024   16.661  -8.103  1.00 40.34  ? 159 LYS A O    1 
ATOM   1281 C  CB   . LYS A 1 180 ? 5.329   18.338  -5.406  1.00 43.51  ? 159 LYS A CB   1 
ATOM   1282 C  CG   . LYS A 1 180 ? 6.322   18.697  -4.316  1.00 43.77  ? 159 LYS A CG   1 
ATOM   1283 C  CD   . LYS A 1 180 ? 5.816   18.272  -2.967  1.00 42.37  ? 159 LYS A CD   1 
ATOM   1284 C  CE   . LYS A 1 180 ? 6.260   19.212  -1.867  1.00 41.90  ? 159 LYS A CE   1 
ATOM   1285 N  NZ   . LYS A 1 180 ? 5.487   18.887  -0.654  1.00 44.91  ? 159 LYS A NZ   1 
ATOM   1286 N  N    . ARG A 1 181 ? 4.234   17.969  -8.475  1.00 44.99  ? 160 ARG A N    1 
ATOM   1287 C  CA   . ARG A 1 181 ? 3.645   17.114  -9.491  1.00 43.78  ? 160 ARG A CA   1 
ATOM   1288 C  C    . ARG A 1 181 ? 4.165   17.394  -10.890 1.00 43.29  ? 160 ARG A C    1 
ATOM   1289 O  O    . ARG A 1 181 ? 3.806   16.658  -11.816 1.00 39.97  ? 160 ARG A O    1 
ATOM   1290 C  CB   . ARG A 1 181 ? 2.125   17.263  -9.455  1.00 43.93  ? 160 ARG A CB   1 
ATOM   1291 C  CG   . ARG A 1 181 ? 1.573   17.063  -8.058  1.00 45.94  ? 160 ARG A CG   1 
ATOM   1292 C  CD   . ARG A 1 181 ? 0.189   16.516  -8.105  1.00 46.67  ? 160 ARG A CD   1 
ATOM   1293 N  NE   . ARG A 1 181 ? -0.650  17.428  -8.863  1.00 51.67  ? 160 ARG A NE   1 
ATOM   1294 C  CZ   . ARG A 1 181 ? -1.106  18.575  -8.383  1.00 50.18  ? 160 ARG A CZ   1 
ATOM   1295 N  NH1  . ARG A 1 181 ? -0.791  18.943  -7.149  1.00 49.23  ? 160 ARG A NH1  1 
ATOM   1296 N  NH2  . ARG A 1 181 ? -1.863  19.350  -9.138  1.00 47.58  ? 160 ARG A NH2  1 
ATOM   1297 N  N    . ARG A 1 182 ? 5.006   18.418  -11.066 1.00 39.64  ? 161 ARG A N    1 
ATOM   1298 C  CA   . ARG A 1 182 ? 5.528   18.748  -12.387 1.00 39.75  ? 161 ARG A CA   1 
ATOM   1299 C  C    . ARG A 1 182 ? 6.623   17.755  -12.755 1.00 40.71  ? 161 ARG A C    1 
ATOM   1300 O  O    . ARG A 1 182 ? 7.597   17.580  -12.010 1.00 43.03  ? 161 ARG A O    1 
ATOM   1301 C  CB   . ARG A 1 182 ? 6.055   20.186  -12.422 1.00 44.15  ? 161 ARG A CB   1 
ATOM   1302 C  CG   . ARG A 1 182 ? 6.615   20.628  -13.782 1.00 43.05  ? 161 ARG A CG   1 
ATOM   1303 C  CD   . ARG A 1 182 ? 7.128   22.093  -13.778 1.00 46.32  ? 161 ARG A CD   1 
ATOM   1304 N  NE   . ARG A 1 182 ? 6.384   22.957  -12.862 1.00 44.06  ? 161 ARG A NE   1 
ATOM   1305 C  CZ   . ARG A 1 182 ? 5.176   23.443  -13.124 1.00 43.24  ? 161 ARG A CZ   1 
ATOM   1306 N  NH1  . ARG A 1 182 ? 4.596   23.159  -14.277 1.00 43.95  ? 161 ARG A NH1  1 
ATOM   1307 N  NH2  . ARG A 1 182 ? 4.555   24.209  -12.240 1.00 44.15  ? 161 ARG A NH2  1 
ATOM   1308 N  N    . CYS A 1 183 ? 6.458   17.097  -13.890 1.00 41.18  ? 162 CYS A N    1 
ATOM   1309 C  CA   . CYS A 1 183 ? 7.443   16.112  -14.314 1.00 41.97  ? 162 CYS A CA   1 
ATOM   1310 C  C    . CYS A 1 183 ? 8.733   16.817  -14.718 1.00 50.13  ? 162 CYS A C    1 
ATOM   1311 O  O    . CYS A 1 183 ? 8.696   17.750  -15.535 1.00 47.88  ? 162 CYS A O    1 
ATOM   1312 C  CB   . CYS A 1 183 ? 6.914   15.283  -15.476 1.00 42.24  ? 162 CYS A CB   1 
ATOM   1313 S  SG   . CYS A 1 183 ? 8.220   14.361  -16.276 1.00 45.98  ? 162 CYS A SG   1 
ATOM   1314 N  N    . PRO A 1 184 ? 9.885   16.414  -14.170 1.00 48.04  ? 163 PRO A N    1 
ATOM   1315 C  CA   . PRO A 1 184 ? 11.144  17.112  -14.486 1.00 50.88  ? 163 PRO A CA   1 
ATOM   1316 C  C    . PRO A 1 184 ? 11.659  16.830  -15.881 1.00 52.69  ? 163 PRO A C    1 
ATOM   1317 O  O    . PRO A 1 184 ? 12.671  17.421  -16.281 1.00 54.22  ? 163 PRO A O    1 
ATOM   1318 C  CB   . PRO A 1 184 ? 12.118  16.568  -13.432 1.00 54.78  ? 163 PRO A CB   1 
ATOM   1319 C  CG   . PRO A 1 184 ? 11.621  15.169  -13.172 1.00 52.70  ? 163 PRO A CG   1 
ATOM   1320 C  CD   . PRO A 1 184 ? 10.105  15.230  -13.314 1.00 49.14  ? 163 PRO A CD   1 
ATOM   1321 N  N    . HIS A 1 185 ? 11.006  15.943  -16.623 1.00 50.62  ? 164 HIS A N    1 
ATOM   1322 C  CA   . HIS A 1 185 ? 11.459  15.499  -17.933 1.00 49.62  ? 164 HIS A CA   1 
ATOM   1323 C  C    . HIS A 1 185 ? 10.635  16.058  -19.082 1.00 50.95  ? 164 HIS A C    1 
ATOM   1324 O  O    . HIS A 1 185 ? 11.195  16.434  -20.116 1.00 51.29  ? 164 HIS A O    1 
ATOM   1325 C  CB   . HIS A 1 185 ? 11.442  13.965  -17.997 1.00 49.22  ? 164 HIS A CB   1 
ATOM   1326 C  CG   . HIS A 1 185 ? 11.960  13.414  -19.287 1.00 51.73  ? 164 HIS A CG   1 
ATOM   1327 N  ND1  . HIS A 1 185 ? 11.129  12.975  -20.297 1.00 56.27  ? 164 HIS A ND1  1 
ATOM   1328 C  CD2  . HIS A 1 185 ? 13.224  13.264  -19.748 1.00 53.14  ? 164 HIS A CD2  1 
ATOM   1329 C  CE1  . HIS A 1 185 ? 11.860  12.562  -21.317 1.00 57.17  ? 164 HIS A CE1  1 
ATOM   1330 N  NE2  . HIS A 1 185 ? 13.134  12.730  -21.011 1.00 57.18  ? 164 HIS A NE2  1 
ATOM   1331 N  N    . CYS A 1 186 ? 9.318   16.123  -18.940 1.00 50.09  ? 165 CYS A N    1 
ATOM   1332 C  CA   . CYS A 1 186 ? 8.465   16.555  -20.034 1.00 52.17  ? 165 CYS A CA   1 
ATOM   1333 C  C    . CYS A 1 186 ? 7.553   17.725  -19.672 1.00 49.82  ? 165 CYS A C    1 
ATOM   1334 O  O    . CYS A 1 186 ? 6.782   18.170  -20.527 1.00 51.57  ? 165 CYS A O    1 
ATOM   1335 C  CB   . CYS A 1 186 ? 7.624   15.371  -20.535 1.00 51.62  ? 165 CYS A CB   1 
ATOM   1336 S  SG   . CYS A 1 186 ? 6.079   15.144  -19.660 1.00 47.33  ? 165 CYS A SG   1 
ATOM   1337 N  N    . GLY A 1 187 ? 7.616   18.229  -18.435 1.00 48.82  ? 166 GLY A N    1 
ATOM   1338 C  CA   . GLY A 1 187 ? 6.832   19.370  -18.005 1.00 46.32  ? 166 GLY A CA   1 
ATOM   1339 C  C    . GLY A 1 187 ? 5.387   19.080  -17.653 1.00 49.98  ? 166 GLY A C    1 
ATOM   1340 O  O    . GLY A 1 187 ? 4.717   19.962  -17.095 1.00 45.03  ? 166 GLY A O    1 
ATOM   1341 N  N    . GLN A 1 188 ? 4.877   17.884  -17.954 1.00 49.05  ? 167 GLN A N    1 
ATOM   1342 C  CA   . GLN A 1 188 ? 3.488   17.570  -17.642 1.00 47.61  ? 167 GLN A CA   1 
ATOM   1343 C  C    . GLN A 1 188 ? 3.277   17.530  -16.132 1.00 47.00  ? 167 GLN A C    1 
ATOM   1344 O  O    . GLN A 1 188 ? 4.085   16.967  -15.385 1.00 41.63  ? 167 GLN A O    1 
ATOM   1345 C  CB   . GLN A 1 188 ? 3.087   16.236  -18.278 1.00 49.16  ? 167 GLN A CB   1 
ATOM   1346 C  CG   . GLN A 1 188 ? 1.848   15.526  -17.716 1.00 49.73  ? 167 GLN A CG   1 
ATOM   1347 C  CD   . GLN A 1 188 ? 0.563   16.354  -17.675 1.00 58.97  ? 167 GLN A CD   1 
ATOM   1348 O  OE1  . GLN A 1 188 ? 0.517   17.501  -18.133 1.00 70.31  ? 167 GLN A OE1  1 
ATOM   1349 N  NE2  . GLN A 1 188 ? -0.499  15.765  -17.113 1.00 59.27  ? 167 GLN A NE2  1 
ATOM   1350 N  N    . VAL A 1 189 ? 2.203   18.168  -15.682 1.00 47.95  ? 168 VAL A N    1 
ATOM   1351 C  CA   . VAL A 1 189 ? 1.872   18.234  -14.264 1.00 48.79  ? 168 VAL A CA   1 
ATOM   1352 C  C    . VAL A 1 189 ? 1.031   16.999  -13.926 1.00 48.54  ? 168 VAL A C    1 
ATOM   1353 O  O    . VAL A 1 189 ? -0.072  16.822  -14.448 1.00 46.91  ? 168 VAL A O    1 
ATOM   1354 C  CB   . VAL A 1 189 ? 1.153   19.546  -13.917 1.00 47.17  ? 168 VAL A CB   1 
ATOM   1355 C  CG1  . VAL A 1 189 ? 2.079   20.747  -14.157 1.00 42.46  ? 168 VAL A CG1  1 
ATOM   1356 C  CG2  . VAL A 1 189 ? -0.083  19.729  -14.755 1.00 53.43  ? 168 VAL A CG2  1 
ATOM   1357 N  N    . HIS A 1 190 ? 1.577   16.122  -13.087 1.00 39.51  ? 169 HIS A N    1 
ATOM   1358 C  CA   . HIS A 1 190 ? 0.868   14.917  -12.666 1.00 44.61  ? 169 HIS A CA   1 
ATOM   1359 C  C    . HIS A 1 190 ? -0.520  15.296  -12.146 1.00 44.22  ? 169 HIS A C    1 
ATOM   1360 O  O    . HIS A 1 190 ? -0.683  16.372  -11.556 1.00 44.85  ? 169 HIS A O    1 
ATOM   1361 C  CB   . HIS A 1 190 ? 1.684   14.200  -11.580 1.00 41.72  ? 169 HIS A CB   1 
ATOM   1362 C  CG   . HIS A 1 190 ? 1.147   12.859  -11.165 1.00 45.12  ? 169 HIS A CG   1 
ATOM   1363 N  ND1  . HIS A 1 190 ? -0.001  12.715  -10.416 1.00 42.90  ? 169 HIS A ND1  1 
ATOM   1364 C  CD2  . HIS A 1 190 ? 1.644   11.607  -11.334 1.00 44.13  ? 169 HIS A CD2  1 
ATOM   1365 C  CE1  . HIS A 1 190 ? -0.210  11.431  -10.171 1.00 44.27  ? 169 HIS A CE1  1 
ATOM   1366 N  NE2  . HIS A 1 190 ? 0.774   10.737  -10.715 1.00 43.44  ? 169 HIS A NE2  1 
ATOM   1367 N  N    . PRO A 1 191 ? -1.545  14.461  -12.375 1.00 43.24  ? 170 PRO A N    1 
ATOM   1368 C  CA   . PRO A 1 191 ? -2.907  14.823  -11.935 1.00 44.32  ? 170 PRO A CA   1 
ATOM   1369 C  C    . PRO A 1 191 ? -3.097  14.840  -10.430 1.00 47.32  ? 170 PRO A C    1 
ATOM   1370 O  O    . PRO A 1 191 ? -4.014  15.519  -9.944  1.00 46.57  ? 170 PRO A O    1 
ATOM   1371 C  CB   . PRO A 1 191 ? -3.790  13.739  -12.570 1.00 44.84  ? 170 PRO A CB   1 
ATOM   1372 C  CG   . PRO A 1 191 ? -2.940  13.047  -13.562 1.00 45.53  ? 170 PRO A CG   1 
ATOM   1373 C  CD   . PRO A 1 191 ? -1.525  13.203  -13.140 1.00 44.78  ? 170 PRO A CD   1 
ATOM   1374 N  N    . GLY A 1 192 ? -2.298  14.093  -9.681  1.00 46.74  ? 171 GLY A N    1 
ATOM   1375 C  CA   . GLY A 1 192 ? -2.490  14.005  -8.247  1.00 51.41  ? 171 GLY A CA   1 
ATOM   1376 C  C    . GLY A 1 192 ? -3.693  13.170  -7.856  1.00 53.12  ? 171 GLY A C    1 
ATOM   1377 O  O    . GLY A 1 192 ? -3.537  12.065  -7.329  1.00 57.68  ? 171 GLY A O    1 
HETATM 1378 FE FE   . FE2 B 2 .   ? 3.285   -1.759  0.895   1.00 75.94  ? 201 FE2 A FE   1 
HETATM 1379 FE FE   . FE2 C 2 .   ? 6.941   13.288  -18.054 1.00 40.95  ? 202 FE2 A FE   1 
HETATM 1380 O  OAB  . 4AA D 3 .   ? -2.164  -3.684  -0.468  0.80 34.40  ? 203 4AA A OAB  1 
HETATM 1381 C  CAH  . 4AA D 3 .   ? -2.525  -2.683  0.192   0.80 39.81  ? 203 4AA A CAH  1 
HETATM 1382 O  OAC  . 4AA D 3 .   ? -3.528  -2.016  -0.191  0.80 44.03  ? 203 4AA A OAC  1 
HETATM 1383 C  CAL  . 4AA D 3 .   ? -1.750  -2.281  1.449   0.80 51.03  ? 203 4AA A CAL  1 
HETATM 1384 C  CAG  . 4AA D 3 .   ? -2.383  -1.556  2.450   0.80 56.38  ? 203 4AA A CAG  1 
HETATM 1385 C  CAF  . 4AA D 3 .   ? -1.700  -1.193  3.598   0.80 60.74  ? 203 4AA A CAF  1 
HETATM 1386 C  CAJ  . 4AA D 3 .   ? -0.372  -1.556  3.745   0.80 64.41  ? 203 4AA A CAJ  1 
HETATM 1387 CL CLAE . 4AA D 3 .   ? 0.481   -1.075  5.238   0.80 87.59  ? 203 4AA A CLAE 1 
HETATM 1388 C  CAK  . 4AA D 3 .   ? 0.270   -2.280  2.744   0.80 57.85  ? 203 4AA A CAK  1 
HETATM 1389 O  OAD  . 4AA D 3 .   ? 1.621   -2.628  2.877   0.80 57.85  ? 203 4AA A OAD  1 
HETATM 1390 C  CAI  . 4AA D 3 .   ? -0.419  -2.644  1.596   0.80 48.66  ? 203 4AA A CAI  1 
HETATM 1391 N  NAA  . 4AA D 3 .   ? 0.249   -3.397  0.552   0.80 41.39  ? 203 4AA A NAA  1 
HETATM 1392 C  C    . TRS E 4 .   ? 9.838   17.800  -9.128  1.00 47.25  ? 204 TRS A C    1 
HETATM 1393 C  C1   . TRS E 4 .   ? 10.255  17.147  -7.810  1.00 46.22  ? 204 TRS A C1   1 
HETATM 1394 C  C2   . TRS E 4 .   ? 10.143  19.302  -9.105  1.00 45.95  ? 204 TRS A C2   1 
HETATM 1395 C  C3   . TRS E 4 .   ? 10.673  17.150  -10.221 1.00 51.82  ? 204 TRS A C3   1 
HETATM 1396 N  N    . TRS E 4 .   ? 8.424   17.577  -9.393  1.00 39.82  ? 204 TRS A N    1 
HETATM 1397 O  O1   . TRS E 4 .   ? 9.348   17.535  -6.816  1.00 47.56  ? 204 TRS A O1   1 
HETATM 1398 O  O2   . TRS E 4 .   ? 9.196   19.976  -9.907  1.00 45.80  ? 204 TRS A O2   1 
HETATM 1399 O  O3   . TRS E 4 .   ? 12.018  17.336  -9.881  1.00 56.42  ? 204 TRS A O3   1 
HETATM 1400 O  O    . HOH F 5 .   ? -8.355  -19.225 0.771   1.00 45.51  ? 301 HOH A O    1 
HETATM 1401 O  O    . HOH F 5 .   ? -14.098 -19.534 11.112  1.00 46.33  ? 302 HOH A O    1 
HETATM 1402 O  O    . HOH F 5 .   ? 1.867   11.903  10.215  1.00 53.42  ? 303 HOH A O    1 
HETATM 1403 O  O    . HOH F 5 .   ? -2.314  -1.664  -14.390 1.00 51.61  ? 304 HOH A O    1 
HETATM 1404 O  O    . HOH F 5 .   ? -0.839  5.679   -15.543 1.00 67.82  ? 305 HOH A O    1 
HETATM 1405 O  O    . HOH F 5 .   ? 17.127  -2.621  1.565   1.00 52.25  ? 306 HOH A O    1 
HETATM 1406 O  O    . HOH F 5 .   ? 15.154  2.179   -2.866  1.00 42.24  ? 307 HOH A O    1 
HETATM 1407 O  O    . HOH F 5 .   ? 8.618   -5.372  -0.673  1.00 33.19  ? 308 HOH A O    1 
HETATM 1408 O  O    . HOH F 5 .   ? 3.694   -13.698 26.325  1.00 43.92  ? 309 HOH A O    1 
HETATM 1409 O  O    . HOH F 5 .   ? -4.548  0.277   -0.518  1.00 42.77  ? 310 HOH A O    1 
HETATM 1410 O  O    . HOH F 5 .   ? 0.662   20.036  -17.899 1.00 55.35  ? 311 HOH A O    1 
HETATM 1411 O  O    . HOH F 5 .   ? -7.019  -17.610 -6.992  1.00 40.09  ? 312 HOH A O    1 
HETATM 1412 O  O    . HOH F 5 .   ? -3.728  17.878  -0.804  1.00 43.49  ? 313 HOH A O    1 
HETATM 1413 O  O    . HOH F 5 .   ? 10.335  -1.989  -9.014  1.00 42.32  ? 314 HOH A O    1 
HETATM 1414 O  O    . HOH F 5 .   ? 11.403  -6.170  11.816  1.00 42.66  ? 315 HOH A O    1 
HETATM 1415 O  O    . HOH F 5 .   ? -5.735  0.768   -3.030  1.00 39.24  ? 316 HOH A O    1 
HETATM 1416 O  O    . HOH F 5 .   ? 14.445  -10.679 1.282   1.00 40.45  ? 317 HOH A O    1 
HETATM 1417 O  O    . HOH F 5 .   ? 10.608  2.983   7.308   1.00 32.50  ? 318 HOH A O    1 
HETATM 1418 O  O    . HOH F 5 .   ? -16.215 -2.537  1.357   1.00 43.51  ? 319 HOH A O    1 
HETATM 1419 O  O    . HOH F 5 .   ? -7.857  -8.812  -9.777  1.00 40.18  ? 320 HOH A O    1 
HETATM 1420 O  O    . HOH F 5 .   ? -13.187 -13.261 15.995  1.00 37.21  ? 321 HOH A O    1 
HETATM 1421 O  O    . HOH F 5 .   ? -12.717 -16.358 18.041  1.00 42.18  ? 322 HOH A O    1 
HETATM 1422 O  O    . HOH F 5 .   ? 1.631   2.486   -2.678  1.00 34.10  ? 323 HOH A O    1 
HETATM 1423 O  O    . HOH F 5 .   ? -11.121 1.403   0.884   1.00 46.90  ? 324 HOH A O    1 
HETATM 1424 O  O    . HOH F 5 .   ? -11.027 -17.244 -7.026  1.00 41.95  ? 325 HOH A O    1 
HETATM 1425 O  O    . HOH F 5 .   ? -5.862  12.655  -5.986  1.00 52.80  ? 326 HOH A O    1 
HETATM 1426 O  O    . HOH F 5 .   ? -16.696 -3.015  3.832   1.00 48.10  ? 327 HOH A O    1 
HETATM 1427 O  O    . HOH F 5 .   ? 18.979  5.706   6.046   1.00 51.65  ? 328 HOH A O    1 
HETATM 1428 O  O    . HOH F 5 .   ? 7.903   16.303  -0.742  1.00 40.08  ? 329 HOH A O    1 
HETATM 1429 O  O    . HOH F 5 .   ? 0.285   -6.878  13.624  1.00 34.68  ? 330 HOH A O    1 
HETATM 1430 O  O    . HOH F 5 .   ? 5.948   -14.634 -4.830  1.00 44.67  ? 331 HOH A O    1 
HETATM 1431 O  O    . HOH F 5 .   ? 8.663   -2.728  -2.136  1.00 31.20  ? 332 HOH A O    1 
HETATM 1432 O  O    . HOH F 5 .   ? 8.061   -5.561  5.348   1.00 37.27  ? 333 HOH A O    1 
HETATM 1433 O  O    . HOH F 5 .   ? -0.844  2.962   -10.072 1.00 42.10  ? 334 HOH A O    1 
HETATM 1434 O  O    . HOH F 5 .   ? -15.280 -8.163  -3.140  1.00 30.91  ? 335 HOH A O    1 
HETATM 1435 O  O    . HOH F 5 .   ? -10.627 -4.740  -4.469  1.00 33.12  ? 336 HOH A O    1 
HETATM 1436 O  O    . HOH F 5 .   ? -8.925  -5.944  -0.761  1.00 29.97  ? 337 HOH A O    1 
HETATM 1437 O  O    . HOH F 5 .   ? -8.780  0.011   0.890   1.00 42.40  ? 338 HOH A O    1 
HETATM 1438 O  O    . HOH F 5 .   ? -19.133 -6.019  -3.029  1.00 37.10  ? 339 HOH A O    1 
HETATM 1439 O  O    . HOH F 5 .   ? 7.697   -12.511 -6.291  1.00 38.03  ? 340 HOH A O    1 
HETATM 1440 O  O    . HOH F 5 .   ? -6.149  11.445  -8.282  1.00 55.23  ? 341 HOH A O    1 
HETATM 1441 O  O    . HOH F 5 .   ? 2.387   7.629   -10.298 1.00 37.55  ? 342 HOH A O    1 
HETATM 1442 O  O    . HOH F 5 .   ? 2.584   -1.100  14.648  1.00 44.33  ? 343 HOH A O    1 
HETATM 1443 O  O    . HOH F 5 .   ? 14.985  -7.388  -3.836  1.00 46.93  ? 344 HOH A O    1 
HETATM 1444 O  O    . HOH F 5 .   ? 8.803   22.549  -11.119 1.00 46.37  ? 345 HOH A O    1 
HETATM 1445 O  O    . HOH F 5 .   ? 0.852   -5.117  6.982   1.00 37.65  ? 346 HOH A O    1 
HETATM 1446 O  O    . HOH F 5 .   ? 9.862   -11.147 15.705  1.00 37.30  ? 347 HOH A O    1 
HETATM 1447 O  O    . HOH F 5 .   ? 11.501  13.881  -5.629  1.00 46.74  ? 348 HOH A O    1 
HETATM 1448 O  O    . HOH F 5 .   ? 15.800  -6.472  2.414   1.00 36.89  ? 349 HOH A O    1 
HETATM 1449 O  O    . HOH F 5 .   ? 9.756   -5.030  16.205  1.00 56.92  ? 350 HOH A O    1 
HETATM 1450 O  O    . HOH F 5 .   ? -3.562  -13.898 18.886  1.00 42.30  ? 351 HOH A O    1 
HETATM 1451 O  O    . HOH F 5 .   ? 11.950  -6.737  -10.377 1.00 58.88  ? 352 HOH A O    1 
HETATM 1452 O  O    . HOH F 5 .   ? 16.748  3.223   3.602   1.00 45.12  ? 353 HOH A O    1 
HETATM 1453 O  O    . HOH F 5 .   ? -0.705  -12.047 -11.748 1.00 45.11  ? 354 HOH A O    1 
HETATM 1454 O  O    . HOH F 5 .   ? 12.066  -1.291  -12.622 1.00 60.78  ? 355 HOH A O    1 
HETATM 1455 O  O    . HOH F 5 .   ? 18.518  -3.538  -0.241  1.00 56.21  ? 356 HOH A O    1 
HETATM 1456 O  O    . HOH F 5 .   ? 11.697  14.380  -0.771  1.00 49.13  ? 357 HOH A O    1 
HETATM 1457 O  O    . HOH F 5 .   ? 9.712   14.939  -0.982  1.00 57.37  ? 358 HOH A O    1 
HETATM 1458 O  O    . HOH F 5 .   ? 15.149  0.290   15.620  1.00 50.76  ? 359 HOH A O    1 
HETATM 1459 O  O    . HOH F 5 .   ? -12.762 -14.922 5.409   1.00 31.72  ? 360 HOH A O    1 
HETATM 1460 O  O    . HOH F 5 .   ? -7.365  7.624   -6.925  1.00 52.65  ? 361 HOH A O    1 
HETATM 1461 O  O    . HOH F 5 .   ? -1.230  19.611  1.557   1.00 62.57  ? 362 HOH A O    1 
HETATM 1462 O  O    . HOH F 5 .   ? 16.518  2.559   -6.737  1.00 57.59  ? 363 HOH A O    1 
HETATM 1463 O  O    . HOH F 5 .   ? -2.706  0.648   -15.207 1.00 59.71  ? 364 HOH A O    1 
HETATM 1464 O  O    . HOH F 5 .   ? -2.624  0.980   13.001  1.00 53.10  ? 365 HOH A O    1 
HETATM 1465 O  O    . HOH F 5 .   ? 3.516   24.754  -6.430  1.00 46.25  ? 366 HOH A O    1 
HETATM 1466 O  O    . HOH F 5 .   ? -16.485 -10.698 -0.169  1.00 49.78  ? 367 HOH A O    1 
HETATM 1467 O  O    . HOH F 5 .   ? 2.348   -13.315 29.684  1.00 51.97  ? 368 HOH A O    1 
HETATM 1468 O  O    . HOH F 5 .   ? 0.865   23.525  -1.257  1.00 53.01  ? 369 HOH A O    1 
HETATM 1469 O  O    . HOH F 5 .   ? 3.369   -5.461  -19.319 1.00 61.41  ? 370 HOH A O    1 
HETATM 1470 O  O    . HOH F 5 .   ? 12.437  -4.363  -9.576  1.00 57.92  ? 371 HOH A O    1 
HETATM 1471 O  O    . HOH F 5 .   ? -6.972  13.889  -1.735  1.00 55.69  ? 372 HOH A O    1 
HETATM 1472 O  O    . HOH F 5 .   ? -6.960  -8.711  17.872  1.00 43.77  ? 373 HOH A O    1 
HETATM 1473 O  O    . HOH F 5 .   ? 16.097  0.033   -4.410  1.00 51.36  ? 374 HOH A O    1 
HETATM 1474 O  O    . HOH F 5 .   ? -2.308  -6.759  20.181  1.00 42.83  ? 375 HOH A O    1 
HETATM 1475 O  O    . HOH F 5 .   ? -18.172 -0.271  0.640   1.00 46.65  ? 376 HOH A O    1 
HETATM 1476 O  O    . HOH F 5 .   ? 12.335  -7.376  16.854  1.00 43.67  ? 377 HOH A O    1 
HETATM 1477 O  O    . HOH F 5 .   ? 13.916  -2.834  -8.359  1.00 52.09  ? 378 HOH A O    1 
HETATM 1478 O  O    . HOH F 5 .   ? 1.685   19.274  -21.259 1.00 62.81  ? 379 HOH A O    1 
HETATM 1479 O  O    . HOH F 5 .   ? 14.000  -6.302  -10.343 1.00 65.70  ? 380 HOH A O    1 
HETATM 1480 O  O    . HOH F 5 .   ? 0.665   1.678   2.244   1.00 64.29  ? 381 HOH A O    1 
HETATM 1481 O  O    . HOH F 5 .   ? -14.794 -20.972 10.034  1.00 59.51  ? 382 HOH A O    1 
HETATM 1482 O  O    . HOH F 5 .   ? 7.049   -10.208 24.098  1.00 50.17  ? 383 HOH A O    1 
HETATM 1483 O  O    . HOH F 5 .   ? 14.211  -4.684  -7.249  1.00 55.08  ? 384 HOH A O    1 
HETATM 1484 O  O    . HOH F 5 .   ? -0.635  19.679  3.414   1.00 54.45  ? 385 HOH A O    1 
HETATM 1485 O  O    . HOH F 5 .   ? 13.265  15.754  -2.118  1.00 48.94  ? 386 HOH A O    1 
HETATM 1486 O  O    . HOH F 5 .   ? 15.463  16.415  -21.311 1.00 62.82  ? 387 HOH A O    1 
HETATM 1487 O  O    . HOH F 5 .   ? -5.165  -9.404  25.719  1.00 53.13  ? 388 HOH A O    1 
HETATM 1488 O  O    . HOH F 5 .   ? -8.697  -8.548  19.267  1.00 58.76  ? 389 HOH A O    1 
HETATM 1489 O  O    . HOH F 5 .   ? 16.620  -7.214  -1.539  1.00 48.81  ? 390 HOH A O    1 
HETATM 1490 O  O    . HOH F 5 .   ? -17.842 1.994   0.059   1.00 55.14  ? 391 HOH A O    1 
HETATM 1491 O  O    . HOH F 5 .   ? -11.702 -11.004 17.872  1.00 50.25  ? 392 HOH A O    1 
HETATM 1492 O  O    . HOH F 5 .   ? -4.081  -16.837 -11.871 1.00 52.04  ? 393 HOH A O    1 
HETATM 1493 O  O    . HOH F 5 .   ? 14.427  11.598  -5.734  1.00 50.61  ? 394 HOH A O    1 
HETATM 1494 O  O    . HOH F 5 .   ? -5.897  9.401   -10.985 1.00 47.40  ? 395 HOH A O    1 
HETATM 1495 O  O    . HOH F 5 .   ? -20.602 -8.127  1.527   1.00 64.05  ? 396 HOH A O    1 
# 
loop_
_pdbx_poly_seq_scheme.asym_id 
_pdbx_poly_seq_scheme.entity_id 
_pdbx_poly_seq_scheme.seq_id 
_pdbx_poly_seq_scheme.mon_id 
_pdbx_poly_seq_scheme.ndb_seq_num 
_pdbx_poly_seq_scheme.pdb_seq_num 
_pdbx_poly_seq_scheme.auth_seq_num 
_pdbx_poly_seq_scheme.pdb_mon_id 
_pdbx_poly_seq_scheme.auth_mon_id 
_pdbx_poly_seq_scheme.pdb_strand_id 
_pdbx_poly_seq_scheme.pdb_ins_code 
_pdbx_poly_seq_scheme.hetero 
A 1 1   MET 1   -20 ?   ?   ?   A . n 
A 1 2   GLY 2   -19 ?   ?   ?   A . n 
A 1 3   HIS 3   -18 ?   ?   ?   A . n 
A 1 4   HIS 4   -17 ?   ?   ?   A . n 
A 1 5   HIS 5   -16 ?   ?   ?   A . n 
A 1 6   HIS 6   -15 ?   ?   ?   A . n 
A 1 7   HIS 7   -14 ?   ?   ?   A . n 
A 1 8   HIS 8   -13 ?   ?   ?   A . n 
A 1 9   HIS 9   -12 ?   ?   ?   A . n 
A 1 10  HIS 10  -11 ?   ?   ?   A . n 
A 1 11  HIS 11  -10 ?   ?   ?   A . n 
A 1 12  HIS 12  -9  ?   ?   ?   A . n 
A 1 13  SER 13  -8  ?   ?   ?   A . n 
A 1 14  SER 14  -7  ?   ?   ?   A . n 
A 1 15  GLY 15  -6  ?   ?   ?   A . n 
A 1 16  HIS 16  -5  ?   ?   ?   A . n 
A 1 17  ILE 17  -4  ?   ?   ?   A . n 
A 1 18  GLU 18  -3  ?   ?   ?   A . n 
A 1 19  GLY 19  -2  ?   ?   ?   A . n 
A 1 20  ARG 20  -1  ?   ?   ?   A . n 
A 1 21  HIS 21  0   ?   ?   ?   A . n 
A 1 22  MET 22  1   ?   ?   ?   A . n 
A 1 23  LEU 23  2   2   LEU LEU A . n 
A 1 24  THR 24  3   3   THR THR A . n 
A 1 25  TYR 25  4   4   TYR TYR A . n 
A 1 26  GLY 26  5   5   GLY GLY A . n 
A 1 27  ALA 27  6   6   ALA ALA A . n 
A 1 28  PRO 28  7   7   PRO PRO A . n 
A 1 29  PHE 29  8   8   PHE PHE A . n 
A 1 30  ASN 30  9   9   ASN ASN A . n 
A 1 31  PHE 31  10  10  PHE PHE A . n 
A 1 32  PRO 32  11  11  PRO PRO A . n 
A 1 33  ARG 33  12  12  ARG ARG A . n 
A 1 34  TRP 34  13  13  TRP TRP A . n 
A 1 35  ILE 35  14  14  ILE ILE A . n 
A 1 36  ASP 36  15  15  ASP ASP A . n 
A 1 37  GLU 37  16  16  GLU GLU A . n 
A 1 38  HIS 38  17  17  HIS HIS A . n 
A 1 39  ALA 39  18  18  ALA ALA A . n 
A 1 40  HIS 40  19  19  HIS HIS A . n 
A 1 41  LEU 41  20  20  LEU LEU A . n 
A 1 42  LEU 42  21  21  LEU LEU A . n 
A 1 43  LYS 43  22  22  LYS LYS A . n 
A 1 44  PRO 44  23  23  PRO PRO A . n 
A 1 45  PRO 45  24  24  PRO PRO A . n 
A 1 46  VAL 46  25  25  VAL VAL A . n 
A 1 47  GLY 47  26  26  GLY GLY A . n 
A 1 48  ALA 48  27  27  ALA ALA A . n 
A 1 49  ARG 49  28  28  ARG ARG A . n 
A 1 50  GLN 50  29  29  GLN GLN A . n 
A 1 51  VAL 51  30  30  VAL VAL A . n 
A 1 52  TRP 52  31  31  TRP TRP A . n 
A 1 53  GLN 53  32  32  GLN GLN A . n 
A 1 54  ASP 54  33  33  ASP ASP A . n 
A 1 55  SER 55  34  34  SER SER A . n 
A 1 56  ASP 56  35  35  ASP ASP A . n 
A 1 57  PHE 57  36  36  PHE PHE A . n 
A 1 58  ILE 58  37  37  ILE ILE A . n 
A 1 59  VAL 59  38  38  VAL VAL A . n 
A 1 60  THR 60  39  39  THR THR A . n 
A 1 61  VAL 61  40  40  VAL VAL A . n 
A 1 62  VAL 62  41  41  VAL VAL A . n 
A 1 63  GLY 63  42  42  GLY GLY A . n 
A 1 64  GLY 64  43  43  GLY GLY A . n 
A 1 65  PRO 65  44  44  PRO PRO A . n 
A 1 66  ASN 66  45  45  ASN ASN A . n 
A 1 67  HIS 67  46  46  HIS HIS A . n 
A 1 68  ARG 68  47  47  ARG ARG A . n 
A 1 69  THR 69  48  48  THR THR A . n 
A 1 70  ASP 70  49  49  ASP ASP A . n 
A 1 71  TYR 71  50  50  TYR TYR A . n 
A 1 72  HIS 72  51  51  HIS HIS A . n 
A 1 73  ASP 73  52  52  ASP ASP A . n 
A 1 74  ASP 74  53  53  ASP ASP A . n 
A 1 75  PRO 75  54  54  PRO PRO A . n 
A 1 76  LEU 76  55  55  LEU LEU A . n 
A 1 77  GLU 77  56  56  GLU GLU A . n 
A 1 78  GLU 78  57  57  GLU GLU A . n 
A 1 79  PHE 79  58  58  PHE PHE A . n 
A 1 80  PHE 80  59  59  PHE PHE A . n 
A 1 81  TYR 81  60  60  TYR TYR A . n 
A 1 82  GLN 82  61  61  GLN GLN A . n 
A 1 83  LEU 83  62  62  LEU LEU A . n 
A 1 84  ARG 84  63  63  ARG ARG A . n 
A 1 85  GLY 85  64  64  GLY GLY A . n 
A 1 86  ASN 86  65  65  ASN ASN A . n 
A 1 87  ALA 87  66  66  ALA ALA A . n 
A 1 88  TYR 88  67  67  TYR TYR A . n 
A 1 89  LEU 89  68  68  LEU LEU A . n 
A 1 90  ASN 90  69  69  ASN ASN A . n 
A 1 91  LEU 91  70  70  LEU LEU A . n 
A 1 92  TRP 92  71  71  TRP TRP A . n 
A 1 93  VAL 93  72  72  VAL VAL A . n 
A 1 94  ASP 94  73  73  ASP ASP A . n 
A 1 95  GLY 95  74  74  GLY GLY A . n 
A 1 96  ARG 96  75  75  ARG ARG A . n 
A 1 97  ARG 97  76  76  ARG ARG A . n 
A 1 98  GLU 98  77  77  GLU GLU A . n 
A 1 99  ARG 99  78  78  ARG ARG A . n 
A 1 100 ALA 100 79  79  ALA ALA A . n 
A 1 101 ASP 101 80  80  ASP ASP A . n 
A 1 102 LEU 102 81  81  LEU LEU A . n 
A 1 103 LYS 103 82  82  LYS LYS A . n 
A 1 104 GLU 104 83  83  GLU GLU A . n 
A 1 105 GLY 105 84  84  GLY GLY A . n 
A 1 106 ASP 106 85  85  ASP ASP A . n 
A 1 107 ILE 107 86  86  ILE ILE A . n 
A 1 108 PHE 108 87  87  PHE PHE A . n 
A 1 109 LEU 109 88  88  LEU LEU A . n 
A 1 110 LEU 110 89  89  LEU LEU A . n 
A 1 111 PRO 111 90  90  PRO PRO A . n 
A 1 112 PRO 112 91  91  PRO PRO A . n 
A 1 113 HIS 113 92  92  HIS HIS A . n 
A 1 114 VAL 114 93  93  VAL VAL A . n 
A 1 115 ARG 115 94  94  ARG ARG A . n 
A 1 116 HIS 116 95  95  HIS HIS A . n 
A 1 117 SER 117 96  96  SER SER A . n 
A 1 118 PRO 118 97  97  PRO PRO A . n 
A 1 119 GLN 119 98  98  GLN GLN A . n 
A 1 120 ARG 120 99  99  ARG ARG A . n 
A 1 121 PRO 121 100 100 PRO PRO A . n 
A 1 122 GLU 122 101 101 GLU GLU A . n 
A 1 123 ALA 123 102 102 ALA ALA A . n 
A 1 124 GLY 124 103 103 GLY GLY A . n 
A 1 125 SER 125 104 104 SER SER A . n 
A 1 126 ALA 126 105 105 ALA ALA A . n 
A 1 127 CYS 127 106 106 CYS CYS A . n 
A 1 128 LEU 128 107 107 LEU LEU A . n 
A 1 129 VAL 129 108 108 VAL VAL A . n 
A 1 130 ILE 130 109 109 ILE ILE A . n 
A 1 131 GLU 131 110 110 GLU GLU A . n 
A 1 132 ARG 132 111 111 ARG ARG A . n 
A 1 133 GLN 133 112 112 GLN GLN A . n 
A 1 134 ARG 134 113 113 ARG ARG A . n 
A 1 135 PRO 135 114 114 PRO PRO A . n 
A 1 136 ALA 136 115 115 ALA ALA A . n 
A 1 137 GLY 137 116 116 GLY GLY A . n 
A 1 138 MET 138 117 117 MET MET A . n 
A 1 139 LEU 139 118 118 LEU LEU A . n 
A 1 140 ASP 140 119 119 ASP ASP A . n 
A 1 141 GLY 141 120 120 GLY GLY A . n 
A 1 142 PHE 142 121 121 PHE PHE A . n 
A 1 143 GLU 143 122 122 GLU GLU A . n 
A 1 144 TRP 144 123 123 TRP TRP A . n 
A 1 145 TYR 145 124 124 TYR TYR A . n 
A 1 146 CYS 146 125 125 CYS CYS A . n 
A 1 147 ASP 147 126 126 ASP ASP A . n 
A 1 148 ALA 148 127 127 ALA ALA A . n 
A 1 149 CYS 149 128 128 CYS CYS A . n 
A 1 150 GLY 150 129 129 GLY GLY A . n 
A 1 151 HIS 151 130 130 HIS HIS A . n 
A 1 152 LEU 152 131 131 LEU LEU A . n 
A 1 153 VAL 153 132 132 VAL VAL A . n 
A 1 154 HIS 154 133 133 HIS HIS A . n 
A 1 155 ARG 155 134 134 ARG ARG A . n 
A 1 156 VAL 156 135 135 VAL VAL A . n 
A 1 157 GLU 157 136 136 GLU GLU A . n 
A 1 158 VAL 158 137 137 VAL VAL A . n 
A 1 159 GLN 159 138 138 GLN GLN A . n 
A 1 160 LEU 160 139 139 LEU LEU A . n 
A 1 161 LYS 161 140 140 LYS LYS A . n 
A 1 162 SER 162 141 141 SER SER A . n 
A 1 163 ILE 163 142 142 ILE ILE A . n 
A 1 164 VAL 164 143 143 VAL VAL A . n 
A 1 165 THR 165 144 144 THR THR A . n 
A 1 166 ASP 166 145 145 ASP ASP A . n 
A 1 167 LEU 167 146 146 LEU LEU A . n 
A 1 168 PRO 168 147 147 PRO PRO A . n 
A 1 169 PRO 169 148 148 PRO PRO A . n 
A 1 170 LEU 170 149 149 LEU LEU A . n 
A 1 171 PHE 171 150 150 PHE PHE A . n 
A 1 172 GLU 172 151 151 GLU GLU A . n 
A 1 173 SER 173 152 152 SER SER A . n 
A 1 174 PHE 174 153 153 PHE PHE A . n 
A 1 175 TYR 175 154 154 TYR TYR A . n 
A 1 176 ALA 176 155 155 ALA ALA A . n 
A 1 177 SER 177 156 156 SER SER A . n 
A 1 178 GLU 178 157 157 GLU GLU A . n 
A 1 179 ASP 179 158 158 ASP ASP A . n 
A 1 180 LYS 180 159 159 LYS LYS A . n 
A 1 181 ARG 181 160 160 ARG ARG A . n 
A 1 182 ARG 182 161 161 ARG ARG A . n 
A 1 183 CYS 183 162 162 CYS CYS A . n 
A 1 184 PRO 184 163 163 PRO PRO A . n 
A 1 185 HIS 185 164 164 HIS HIS A . n 
A 1 186 CYS 186 165 165 CYS CYS A . n 
A 1 187 GLY 187 166 166 GLY GLY A . n 
A 1 188 GLN 188 167 167 GLN GLN A . n 
A 1 189 VAL 189 168 168 VAL VAL A . n 
A 1 190 HIS 190 169 169 HIS HIS A . n 
A 1 191 PRO 191 170 170 PRO PRO A . n 
A 1 192 GLY 192 171 171 GLY GLY A . n 
A 1 193 ARG 193 172 ?   ?   ?   A . n 
A 1 194 ALA 194 173 ?   ?   ?   A . n 
A 1 195 ALA 195 174 ?   ?   ?   A . n 
# 
loop_
_pdbx_nonpoly_scheme.asym_id 
_pdbx_nonpoly_scheme.entity_id 
_pdbx_nonpoly_scheme.mon_id 
_pdbx_nonpoly_scheme.ndb_seq_num 
_pdbx_nonpoly_scheme.pdb_seq_num 
_pdbx_nonpoly_scheme.auth_seq_num 
_pdbx_nonpoly_scheme.pdb_mon_id 
_pdbx_nonpoly_scheme.auth_mon_id 
_pdbx_nonpoly_scheme.pdb_strand_id 
_pdbx_nonpoly_scheme.pdb_ins_code 
B 2 FE2 1  201 300 FE2 FE2 A . 
C 2 FE2 1  202 301 FE2 FE2 A . 
D 3 4AA 1  203 401 4AA 4AA A . 
E 4 TRS 1  204 400 TRS TRS A . 
F 5 HOH 1  301 38  HOH HOH A . 
F 5 HOH 2  302 95  HOH HOH A . 
F 5 HOH 3  303 13  HOH HOH A . 
F 5 HOH 4  304 18  HOH HOH A . 
F 5 HOH 5  305 97  HOH HOH A . 
F 5 HOH 6  306 86  HOH HOH A . 
F 5 HOH 7  307 23  HOH HOH A . 
F 5 HOH 8  308 92  HOH HOH A . 
F 5 HOH 9  309 11  HOH HOH A . 
F 5 HOH 10 310 59  HOH HOH A . 
F 5 HOH 11 311 28  HOH HOH A . 
F 5 HOH 12 312 41  HOH HOH A . 
F 5 HOH 13 313 30  HOH HOH A . 
F 5 HOH 14 314 22  HOH HOH A . 
F 5 HOH 15 315 8   HOH HOH A . 
F 5 HOH 16 316 91  HOH HOH A . 
F 5 HOH 17 317 34  HOH HOH A . 
F 5 HOH 18 318 2   HOH HOH A . 
F 5 HOH 19 319 17  HOH HOH A . 
F 5 HOH 20 320 25  HOH HOH A . 
F 5 HOH 21 321 42  HOH HOH A . 
F 5 HOH 22 322 26  HOH HOH A . 
F 5 HOH 23 323 21  HOH HOH A . 
F 5 HOH 24 324 16  HOH HOH A . 
F 5 HOH 25 325 51  HOH HOH A . 
F 5 HOH 26 326 24  HOH HOH A . 
F 5 HOH 27 327 37  HOH HOH A . 
F 5 HOH 28 328 47  HOH HOH A . 
F 5 HOH 29 329 5   HOH HOH A . 
F 5 HOH 30 330 19  HOH HOH A . 
F 5 HOH 31 331 96  HOH HOH A . 
F 5 HOH 32 332 7   HOH HOH A . 
F 5 HOH 33 333 85  HOH HOH A . 
F 5 HOH 34 334 98  HOH HOH A . 
F 5 HOH 35 335 14  HOH HOH A . 
F 5 HOH 36 336 1   HOH HOH A . 
F 5 HOH 37 337 9   HOH HOH A . 
F 5 HOH 38 338 33  HOH HOH A . 
F 5 HOH 39 339 12  HOH HOH A . 
F 5 HOH 40 340 6   HOH HOH A . 
F 5 HOH 41 341 61  HOH HOH A . 
F 5 HOH 42 342 15  HOH HOH A . 
F 5 HOH 43 343 84  HOH HOH A . 
F 5 HOH 44 344 29  HOH HOH A . 
F 5 HOH 45 345 102 HOH HOH A . 
F 5 HOH 46 346 4   HOH HOH A . 
F 5 HOH 47 347 20  HOH HOH A . 
F 5 HOH 48 348 27  HOH HOH A . 
F 5 HOH 49 349 40  HOH HOH A . 
F 5 HOH 50 350 36  HOH HOH A . 
F 5 HOH 51 351 80  HOH HOH A . 
F 5 HOH 52 352 78  HOH HOH A . 
F 5 HOH 53 353 87  HOH HOH A . 
F 5 HOH 54 354 32  HOH HOH A . 
F 5 HOH 55 355 48  HOH HOH A . 
F 5 HOH 56 356 53  HOH HOH A . 
F 5 HOH 57 357 99  HOH HOH A . 
F 5 HOH 58 358 104 HOH HOH A . 
F 5 HOH 59 359 57  HOH HOH A . 
F 5 HOH 60 360 58  HOH HOH A . 
F 5 HOH 61 361 50  HOH HOH A . 
F 5 HOH 62 362 94  HOH HOH A . 
F 5 HOH 63 363 89  HOH HOH A . 
F 5 HOH 64 364 43  HOH HOH A . 
F 5 HOH 65 365 83  HOH HOH A . 
F 5 HOH 66 366 35  HOH HOH A . 
F 5 HOH 67 367 69  HOH HOH A . 
F 5 HOH 68 368 54  HOH HOH A . 
F 5 HOH 69 369 67  HOH HOH A . 
F 5 HOH 70 370 93  HOH HOH A . 
F 5 HOH 71 371 90  HOH HOH A . 
F 5 HOH 72 372 63  HOH HOH A . 
F 5 HOH 73 373 44  HOH HOH A . 
F 5 HOH 74 374 88  HOH HOH A . 
F 5 HOH 75 375 75  HOH HOH A . 
F 5 HOH 76 376 60  HOH HOH A . 
F 5 HOH 77 377 56  HOH HOH A . 
F 5 HOH 78 378 77  HOH HOH A . 
F 5 HOH 79 379 74  HOH HOH A . 
F 5 HOH 80 380 55  HOH HOH A . 
F 5 HOH 81 381 64  HOH HOH A . 
F 5 HOH 82 382 82  HOH HOH A . 
F 5 HOH 83 383 45  HOH HOH A . 
F 5 HOH 84 384 65  HOH HOH A . 
F 5 HOH 85 385 101 HOH HOH A . 
F 5 HOH 86 386 100 HOH HOH A . 
F 5 HOH 87 387 79  HOH HOH A . 
F 5 HOH 88 388 81  HOH HOH A . 
F 5 HOH 89 389 52  HOH HOH A . 
F 5 HOH 90 390 39  HOH HOH A . 
F 5 HOH 91 391 70  HOH HOH A . 
F 5 HOH 92 392 72  HOH HOH A . 
F 5 HOH 93 393 73  HOH HOH A . 
F 5 HOH 94 394 71  HOH HOH A . 
F 5 HOH 95 395 62  HOH HOH A . 
F 5 HOH 96 396 105 HOH HOH A . 
# 
_pdbx_struct_assembly.id                   1 
_pdbx_struct_assembly.details              author_and_software_defined_assembly 
_pdbx_struct_assembly.method_details       PISA 
_pdbx_struct_assembly.oligomeric_details   dimeric 
_pdbx_struct_assembly.oligomeric_count     2 
# 
_pdbx_struct_assembly_gen.assembly_id       1 
_pdbx_struct_assembly_gen.oper_expression   1,2 
_pdbx_struct_assembly_gen.asym_id_list      A,B,C,D,E,F 
# 
loop_
_pdbx_struct_assembly_prop.biol_id 
_pdbx_struct_assembly_prop.type 
_pdbx_struct_assembly_prop.value 
_pdbx_struct_assembly_prop.details 
1 'ABSA (A^2)' 5030  ? 
1 MORE         -64   ? 
1 'SSA (A^2)'  15350 ? 
# 
loop_
_pdbx_struct_oper_list.id 
_pdbx_struct_oper_list.type 
_pdbx_struct_oper_list.name 
_pdbx_struct_oper_list.symmetry_operation 
_pdbx_struct_oper_list.matrix[1][1] 
_pdbx_struct_oper_list.matrix[1][2] 
_pdbx_struct_oper_list.matrix[1][3] 
_pdbx_struct_oper_list.vector[1] 
_pdbx_struct_oper_list.matrix[2][1] 
_pdbx_struct_oper_list.matrix[2][2] 
_pdbx_struct_oper_list.matrix[2][3] 
_pdbx_struct_oper_list.vector[2] 
_pdbx_struct_oper_list.matrix[3][1] 
_pdbx_struct_oper_list.matrix[3][2] 
_pdbx_struct_oper_list.matrix[3][3] 
_pdbx_struct_oper_list.vector[3] 
1 'identity operation'         1_555  x,y,z            1.0000000000 0.0000000000 0.0000000000 0.0000000000 0.0000000000 1.0000000000  0.0000000000 0.0000000000   0.0000000000 0.0000000000 1.0000000000  0.0000000000  
2 'crystal symmetry operation' 10_665 -y+1,-x+1,-z+1/6 0.5665281369 0.6853556239 0.4575298231 7.1307804904 0.6853556239 -0.7001571053 0.2001691702 -26.6842978817 0.4575298231 0.2001691702 -0.8663710315 15.5567243637 
# 
loop_
_pdbx_struct_conn_angle.id 
_pdbx_struct_conn_angle.ptnr1_label_atom_id 
_pdbx_struct_conn_angle.ptnr1_label_alt_id 
_pdbx_struct_conn_angle.ptnr1_label_asym_id 
_pdbx_struct_conn_angle.ptnr1_label_comp_id 
_pdbx_struct_conn_angle.ptnr1_label_seq_id 
_pdbx_struct_conn_angle.ptnr1_auth_atom_id 
_pdbx_struct_conn_angle.ptnr1_auth_asym_id 
_pdbx_struct_conn_angle.ptnr1_auth_comp_id 
_pdbx_struct_conn_angle.ptnr1_auth_seq_id 
_pdbx_struct_conn_angle.ptnr1_PDB_ins_code 
_pdbx_struct_conn_angle.ptnr1_symmetry 
_pdbx_struct_conn_angle.ptnr2_label_atom_id 
_pdbx_struct_conn_angle.ptnr2_label_alt_id 
_pdbx_struct_conn_angle.ptnr2_label_asym_id 
_pdbx_struct_conn_angle.ptnr2_label_comp_id 
_pdbx_struct_conn_angle.ptnr2_label_seq_id 
_pdbx_struct_conn_angle.ptnr2_auth_atom_id 
_pdbx_struct_conn_angle.ptnr2_auth_asym_id 
_pdbx_struct_conn_angle.ptnr2_auth_comp_id 
_pdbx_struct_conn_angle.ptnr2_auth_seq_id 
_pdbx_struct_conn_angle.ptnr2_PDB_ins_code 
_pdbx_struct_conn_angle.ptnr2_symmetry 
_pdbx_struct_conn_angle.ptnr3_label_atom_id 
_pdbx_struct_conn_angle.ptnr3_label_alt_id 
_pdbx_struct_conn_angle.ptnr3_label_asym_id 
_pdbx_struct_conn_angle.ptnr3_label_comp_id 
_pdbx_struct_conn_angle.ptnr3_label_seq_id 
_pdbx_struct_conn_angle.ptnr3_auth_atom_id 
_pdbx_struct_conn_angle.ptnr3_auth_asym_id 
_pdbx_struct_conn_angle.ptnr3_auth_comp_id 
_pdbx_struct_conn_angle.ptnr3_auth_seq_id 
_pdbx_struct_conn_angle.ptnr3_PDB_ins_code 
_pdbx_struct_conn_angle.ptnr3_symmetry 
_pdbx_struct_conn_angle.value 
_pdbx_struct_conn_angle.value_esd 
1  ND1 ? A HIS 72  ? A HIS 51  ? 1_555 FE ? B FE2 . ? A FE2 201 ? 1_555 OE1 ? A GLU 78  ? A GLU 57  ? 1_555 86.7  ? 
2  ND1 ? A HIS 72  ? A HIS 51  ? 1_555 FE ? B FE2 . ? A FE2 201 ? 1_555 OE2 ? A GLU 78  ? A GLU 57  ? 1_555 133.2 ? 
3  OE1 ? A GLU 78  ? A GLU 57  ? 1_555 FE ? B FE2 . ? A FE2 201 ? 1_555 OE2 ? A GLU 78  ? A GLU 57  ? 1_555 49.0  ? 
4  ND1 ? A HIS 72  ? A HIS 51  ? 1_555 FE ? B FE2 . ? A FE2 201 ? 1_555 NE2 ? A HIS 116 ? A HIS 95  ? 1_555 81.8  ? 
5  OE1 ? A GLU 78  ? A GLU 57  ? 1_555 FE ? B FE2 . ? A FE2 201 ? 1_555 NE2 ? A HIS 116 ? A HIS 95  ? 1_555 74.9  ? 
6  OE2 ? A GLU 78  ? A GLU 57  ? 1_555 FE ? B FE2 . ? A FE2 201 ? 1_555 NE2 ? A HIS 116 ? A HIS 95  ? 1_555 73.7  ? 
7  ND1 ? A HIS 72  ? A HIS 51  ? 1_555 FE ? B FE2 . ? A FE2 201 ? 1_555 OAD ? D 4AA .   ? A 4AA 203 ? 1_555 133.4 ? 
8  OE1 ? A GLU 78  ? A GLU 57  ? 1_555 FE ? B FE2 . ? A FE2 201 ? 1_555 OAD ? D 4AA .   ? A 4AA 203 ? 1_555 100.3 ? 
9  OE2 ? A GLU 78  ? A GLU 57  ? 1_555 FE ? B FE2 . ? A FE2 201 ? 1_555 OAD ? D 4AA .   ? A 4AA 203 ? 1_555 77.1  ? 
10 NE2 ? A HIS 116 ? A HIS 95  ? 1_555 FE ? B FE2 . ? A FE2 201 ? 1_555 OAD ? D 4AA .   ? A 4AA 203 ? 1_555 144.7 ? 
11 SG  ? A CYS 146 ? A CYS 125 ? 1_555 FE ? C FE2 . ? A FE2 202 ? 1_555 SG  ? A CYS 149 ? A CYS 128 ? 1_555 116.8 ? 
12 SG  ? A CYS 146 ? A CYS 125 ? 1_555 FE ? C FE2 . ? A FE2 202 ? 1_555 SG  ? A CYS 183 ? A CYS 162 ? 1_555 111.0 ? 
13 SG  ? A CYS 149 ? A CYS 128 ? 1_555 FE ? C FE2 . ? A FE2 202 ? 1_555 SG  ? A CYS 183 ? A CYS 162 ? 1_555 104.9 ? 
14 SG  ? A CYS 146 ? A CYS 125 ? 1_555 FE ? C FE2 . ? A FE2 202 ? 1_555 SG  ? A CYS 186 ? A CYS 165 ? 1_555 96.8  ? 
15 SG  ? A CYS 149 ? A CYS 128 ? 1_555 FE ? C FE2 . ? A FE2 202 ? 1_555 SG  ? A CYS 186 ? A CYS 165 ? 1_555 119.1 ? 
16 SG  ? A CYS 183 ? A CYS 162 ? 1_555 FE ? C FE2 . ? A FE2 202 ? 1_555 SG  ? A CYS 186 ? A CYS 165 ? 1_555 108.1 ? 
# 
loop_
_pdbx_audit_revision_history.ordinal 
_pdbx_audit_revision_history.data_content_type 
_pdbx_audit_revision_history.major_revision 
_pdbx_audit_revision_history.minor_revision 
_pdbx_audit_revision_history.revision_date 
1 'Structure model' 1 0 2018-06-06 
2 'Structure model' 1 1 2018-07-18 
3 'Structure model' 1 2 2019-02-20 
4 'Structure model' 1 3 2019-11-27 
5 'Structure model' 1 4 2023-10-04 
# 
_pdbx_audit_revision_details.ordinal             1 
_pdbx_audit_revision_details.revision_ordinal    1 
_pdbx_audit_revision_details.data_content_type   'Structure model' 
_pdbx_audit_revision_details.provider            repository 
_pdbx_audit_revision_details.type                'Initial release' 
_pdbx_audit_revision_details.description         ? 
_pdbx_audit_revision_details.details             ? 
# 
loop_
_pdbx_audit_revision_group.ordinal 
_pdbx_audit_revision_group.revision_ordinal 
_pdbx_audit_revision_group.data_content_type 
_pdbx_audit_revision_group.group 
1 2 'Structure model' 'Data collection'            
2 2 'Structure model' 'Database references'        
3 3 'Structure model' 'Author supporting evidence' 
4 3 'Structure model' 'Data collection'            
5 4 'Structure model' 'Author supporting evidence' 
6 5 'Structure model' 'Data collection'            
7 5 'Structure model' 'Database references'        
8 5 'Structure model' 'Refinement description'     
# 
loop_
_pdbx_audit_revision_category.ordinal 
_pdbx_audit_revision_category.revision_ordinal 
_pdbx_audit_revision_category.data_content_type 
_pdbx_audit_revision_category.category 
1 2 'Structure model' citation                      
2 3 'Structure model' pdbx_audit_support            
3 4 'Structure model' pdbx_audit_support            
4 5 'Structure model' chem_comp_atom                
5 5 'Structure model' chem_comp_bond                
6 5 'Structure model' database_2                    
7 5 'Structure model' pdbx_initial_refinement_model 
# 
loop_
_pdbx_audit_revision_item.ordinal 
_pdbx_audit_revision_item.revision_ordinal 
_pdbx_audit_revision_item.data_content_type 
_pdbx_audit_revision_item.item 
1 2 'Structure model' '_citation.journal_volume'                 
2 2 'Structure model' '_citation.page_first'                     
3 2 'Structure model' '_citation.page_last'                      
4 3 'Structure model' '_pdbx_audit_support.funding_organization' 
5 4 'Structure model' '_pdbx_audit_support.funding_organization' 
6 5 'Structure model' '_database_2.pdbx_DOI'                     
7 5 'Structure model' '_database_2.pdbx_database_accession'      
# 
loop_
_software.citation_id 
_software.classification 
_software.compiler_name 
_software.compiler_version 
_software.contact_author 
_software.contact_author_email 
_software.date 
_software.description 
_software.dependencies 
_software.hardware 
_software.language 
_software.location 
_software.mods 
_software.name 
_software.os 
_software.os_version 
_software.type 
_software.version 
_software.pdbx_ordinal 
? 'data scaling'    ? ? ? ? ? ? ? ? ? ? ? SCALEPACK   ? ? ? .           1 
? refinement        ? ? ? ? ? ? ? ? ? ? ? PHENIX      ? ? ? 1.11.1_2575 2 
? 'data extraction' ? ? ? ? ? ? ? ? ? ? ? PDB_EXTRACT ? ? ? 3.24        3 
? 'data reduction'  ? ? ? ? ? ? ? ? ? ? ? HKL-2000    ? ? ? .           4 
? phasing           ? ? ? ? ? ? ? ? ? ? ? PHENIX      ? ? ? .           5 
# 
loop_
_pdbx_validate_close_contact.id 
_pdbx_validate_close_contact.PDB_model_num 
_pdbx_validate_close_contact.auth_atom_id_1 
_pdbx_validate_close_contact.auth_asym_id_1 
_pdbx_validate_close_contact.auth_comp_id_1 
_pdbx_validate_close_contact.auth_seq_id_1 
_pdbx_validate_close_contact.PDB_ins_code_1 
_pdbx_validate_close_contact.label_alt_id_1 
_pdbx_validate_close_contact.auth_atom_id_2 
_pdbx_validate_close_contact.auth_asym_id_2 
_pdbx_validate_close_contact.auth_comp_id_2 
_pdbx_validate_close_contact.auth_seq_id_2 
_pdbx_validate_close_contact.PDB_ins_code_2 
_pdbx_validate_close_contact.label_alt_id_2 
_pdbx_validate_close_contact.dist 
1 1 OE1 A GLU 110 ? ? OAD A 4AA 203 ? ? 1.92 
2 1 O   A HOH 302 ? ? O   A HOH 382 ? ? 1.93 
3 1 O   A HOH 362 ? ? O   A HOH 385 ? ? 1.95 
4 1 O   A HOH 357 ? ? O   A HOH 358 ? ? 2.07 
5 1 O   A HOH 352 ? ? O   A HOH 380 ? ? 2.10 
6 1 O   A HOH 378 ? ? O   A HOH 384 ? ? 2.18 
# 
loop_
_pdbx_validate_symm_contact.id 
_pdbx_validate_symm_contact.PDB_model_num 
_pdbx_validate_symm_contact.auth_atom_id_1 
_pdbx_validate_symm_contact.auth_asym_id_1 
_pdbx_validate_symm_contact.auth_comp_id_1 
_pdbx_validate_symm_contact.auth_seq_id_1 
_pdbx_validate_symm_contact.PDB_ins_code_1 
_pdbx_validate_symm_contact.label_alt_id_1 
_pdbx_validate_symm_contact.site_symmetry_1 
_pdbx_validate_symm_contact.auth_atom_id_2 
_pdbx_validate_symm_contact.auth_asym_id_2 
_pdbx_validate_symm_contact.auth_comp_id_2 
_pdbx_validate_symm_contact.auth_seq_id_2 
_pdbx_validate_symm_contact.PDB_ins_code_2 
_pdbx_validate_symm_contact.label_alt_id_2 
_pdbx_validate_symm_contact.site_symmetry_2 
_pdbx_validate_symm_contact.dist 
1 1 O A HOH 331 ? ? 1_555 O A HOH 351 ? ? 10_665 2.02 
2 1 O A HOH 386 ? ? 1_555 O A HOH 396 ? ? 8_665  2.17 
# 
_pdbx_validate_torsion.id              1 
_pdbx_validate_torsion.PDB_model_num   1 
_pdbx_validate_torsion.auth_comp_id    LEU 
_pdbx_validate_torsion.auth_asym_id    A 
_pdbx_validate_torsion.auth_seq_id     21 
_pdbx_validate_torsion.PDB_ins_code    ? 
_pdbx_validate_torsion.label_alt_id    ? 
_pdbx_validate_torsion.phi             -92.96 
_pdbx_validate_torsion.psi             35.87 
# 
loop_
_pdbx_unobs_or_zero_occ_atoms.id 
_pdbx_unobs_or_zero_occ_atoms.PDB_model_num 
_pdbx_unobs_or_zero_occ_atoms.polymer_flag 
_pdbx_unobs_or_zero_occ_atoms.occupancy_flag 
_pdbx_unobs_or_zero_occ_atoms.auth_asym_id 
_pdbx_unobs_or_zero_occ_atoms.auth_comp_id 
_pdbx_unobs_or_zero_occ_atoms.auth_seq_id 
_pdbx_unobs_or_zero_occ_atoms.PDB_ins_code 
_pdbx_unobs_or_zero_occ_atoms.auth_atom_id 
_pdbx_unobs_or_zero_occ_atoms.label_alt_id 
_pdbx_unobs_or_zero_occ_atoms.label_asym_id 
_pdbx_unobs_or_zero_occ_atoms.label_comp_id 
_pdbx_unobs_or_zero_occ_atoms.label_seq_id 
_pdbx_unobs_or_zero_occ_atoms.label_atom_id 
1 1 Y 1 A ARG 75 ? CG  ? A ARG 96 CG  
2 1 Y 1 A ARG 75 ? CD  ? A ARG 96 CD  
3 1 Y 1 A ARG 75 ? NE  ? A ARG 96 NE  
4 1 Y 1 A ARG 75 ? CZ  ? A ARG 96 CZ  
5 1 Y 1 A ARG 75 ? NH1 ? A ARG 96 NH1 
6 1 Y 1 A ARG 75 ? NH2 ? A ARG 96 NH2 
# 
loop_
_pdbx_unobs_or_zero_occ_residues.id 
_pdbx_unobs_or_zero_occ_residues.PDB_model_num 
_pdbx_unobs_or_zero_occ_residues.polymer_flag 
_pdbx_unobs_or_zero_occ_residues.occupancy_flag 
_pdbx_unobs_or_zero_occ_residues.auth_asym_id 
_pdbx_unobs_or_zero_occ_residues.auth_comp_id 
_pdbx_unobs_or_zero_occ_residues.auth_seq_id 
_pdbx_unobs_or_zero_occ_residues.PDB_ins_code 
_pdbx_unobs_or_zero_occ_residues.label_asym_id 
_pdbx_unobs_or_zero_occ_residues.label_comp_id 
_pdbx_unobs_or_zero_occ_residues.label_seq_id 
1  1 Y 1 A MET -20 ? A MET 1   
2  1 Y 1 A GLY -19 ? A GLY 2   
3  1 Y 1 A HIS -18 ? A HIS 3   
4  1 Y 1 A HIS -17 ? A HIS 4   
5  1 Y 1 A HIS -16 ? A HIS 5   
6  1 Y 1 A HIS -15 ? A HIS 6   
7  1 Y 1 A HIS -14 ? A HIS 7   
8  1 Y 1 A HIS -13 ? A HIS 8   
9  1 Y 1 A HIS -12 ? A HIS 9   
10 1 Y 1 A HIS -11 ? A HIS 10  
11 1 Y 1 A HIS -10 ? A HIS 11  
12 1 Y 1 A HIS -9  ? A HIS 12  
13 1 Y 1 A SER -8  ? A SER 13  
14 1 Y 1 A SER -7  ? A SER 14  
15 1 Y 1 A GLY -6  ? A GLY 15  
16 1 Y 1 A HIS -5  ? A HIS 16  
17 1 Y 1 A ILE -4  ? A ILE 17  
18 1 Y 1 A GLU -3  ? A GLU 18  
19 1 Y 1 A GLY -2  ? A GLY 19  
20 1 Y 1 A ARG -1  ? A ARG 20  
21 1 Y 1 A HIS 0   ? A HIS 21  
22 1 Y 1 A MET 1   ? A MET 22  
23 1 Y 1 A ARG 172 ? A ARG 193 
24 1 Y 1 A ALA 173 ? A ALA 194 
25 1 Y 1 A ALA 174 ? A ALA 195 
# 
loop_
_chem_comp_atom.comp_id 
_chem_comp_atom.atom_id 
_chem_comp_atom.type_symbol 
_chem_comp_atom.pdbx_aromatic_flag 
_chem_comp_atom.pdbx_stereo_config 
_chem_comp_atom.pdbx_ordinal 
4AA OAB  O  N N 1   
4AA CAH  C  N N 2   
4AA OAC  O  N N 3   
4AA CAL  C  Y N 4   
4AA CAG  C  Y N 5   
4AA CAF  C  Y N 6   
4AA CAJ  C  Y N 7   
4AA CLAE CL N N 8   
4AA CAK  C  Y N 9   
4AA OAD  O  N N 10  
4AA CAI  C  Y N 11  
4AA NAA  N  N N 12  
4AA HAB  H  N N 13  
4AA HAG  H  N N 14  
4AA HAF  H  N N 15  
4AA HAD  H  N N 16  
4AA HAA1 H  N N 17  
4AA HAA2 H  N N 18  
ALA N    N  N N 19  
ALA CA   C  N S 20  
ALA C    C  N N 21  
ALA O    O  N N 22  
ALA CB   C  N N 23  
ALA OXT  O  N N 24  
ALA H    H  N N 25  
ALA H2   H  N N 26  
ALA HA   H  N N 27  
ALA HB1  H  N N 28  
ALA HB2  H  N N 29  
ALA HB3  H  N N 30  
ALA HXT  H  N N 31  
ARG N    N  N N 32  
ARG CA   C  N S 33  
ARG C    C  N N 34  
ARG O    O  N N 35  
ARG CB   C  N N 36  
ARG CG   C  N N 37  
ARG CD   C  N N 38  
ARG NE   N  N N 39  
ARG CZ   C  N N 40  
ARG NH1  N  N N 41  
ARG NH2  N  N N 42  
ARG OXT  O  N N 43  
ARG H    H  N N 44  
ARG H2   H  N N 45  
ARG HA   H  N N 46  
ARG HB2  H  N N 47  
ARG HB3  H  N N 48  
ARG HG2  H  N N 49  
ARG HG3  H  N N 50  
ARG HD2  H  N N 51  
ARG HD3  H  N N 52  
ARG HE   H  N N 53  
ARG HH11 H  N N 54  
ARG HH12 H  N N 55  
ARG HH21 H  N N 56  
ARG HH22 H  N N 57  
ARG HXT  H  N N 58  
ASN N    N  N N 59  
ASN CA   C  N S 60  
ASN C    C  N N 61  
ASN O    O  N N 62  
ASN CB   C  N N 63  
ASN CG   C  N N 64  
ASN OD1  O  N N 65  
ASN ND2  N  N N 66  
ASN OXT  O  N N 67  
ASN H    H  N N 68  
ASN H2   H  N N 69  
ASN HA   H  N N 70  
ASN HB2  H  N N 71  
ASN HB3  H  N N 72  
ASN HD21 H  N N 73  
ASN HD22 H  N N 74  
ASN HXT  H  N N 75  
ASP N    N  N N 76  
ASP CA   C  N S 77  
ASP C    C  N N 78  
ASP O    O  N N 79  
ASP CB   C  N N 80  
ASP CG   C  N N 81  
ASP OD1  O  N N 82  
ASP OD2  O  N N 83  
ASP OXT  O  N N 84  
ASP H    H  N N 85  
ASP H2   H  N N 86  
ASP HA   H  N N 87  
ASP HB2  H  N N 88  
ASP HB3  H  N N 89  
ASP HD2  H  N N 90  
ASP HXT  H  N N 91  
CYS N    N  N N 92  
CYS CA   C  N R 93  
CYS C    C  N N 94  
CYS O    O  N N 95  
CYS CB   C  N N 96  
CYS SG   S  N N 97  
CYS OXT  O  N N 98  
CYS H    H  N N 99  
CYS H2   H  N N 100 
CYS HA   H  N N 101 
CYS HB2  H  N N 102 
CYS HB3  H  N N 103 
CYS HG   H  N N 104 
CYS HXT  H  N N 105 
FE2 FE   FE N N 106 
GLN N    N  N N 107 
GLN CA   C  N S 108 
GLN C    C  N N 109 
GLN O    O  N N 110 
GLN CB   C  N N 111 
GLN CG   C  N N 112 
GLN CD   C  N N 113 
GLN OE1  O  N N 114 
GLN NE2  N  N N 115 
GLN OXT  O  N N 116 
GLN H    H  N N 117 
GLN H2   H  N N 118 
GLN HA   H  N N 119 
GLN HB2  H  N N 120 
GLN HB3  H  N N 121 
GLN HG2  H  N N 122 
GLN HG3  H  N N 123 
GLN HE21 H  N N 124 
GLN HE22 H  N N 125 
GLN HXT  H  N N 126 
GLU N    N  N N 127 
GLU CA   C  N S 128 
GLU C    C  N N 129 
GLU O    O  N N 130 
GLU CB   C  N N 131 
GLU CG   C  N N 132 
GLU CD   C  N N 133 
GLU OE1  O  N N 134 
GLU OE2  O  N N 135 
GLU OXT  O  N N 136 
GLU H    H  N N 137 
GLU H2   H  N N 138 
GLU HA   H  N N 139 
GLU HB2  H  N N 140 
GLU HB3  H  N N 141 
GLU HG2  H  N N 142 
GLU HG3  H  N N 143 
GLU HE2  H  N N 144 
GLU HXT  H  N N 145 
GLY N    N  N N 146 
GLY CA   C  N N 147 
GLY C    C  N N 148 
GLY O    O  N N 149 
GLY OXT  O  N N 150 
GLY H    H  N N 151 
GLY H2   H  N N 152 
GLY HA2  H  N N 153 
GLY HA3  H  N N 154 
GLY HXT  H  N N 155 
HIS N    N  N N 156 
HIS CA   C  N S 157 
HIS C    C  N N 158 
HIS O    O  N N 159 
HIS CB   C  N N 160 
HIS CG   C  Y N 161 
HIS ND1  N  Y N 162 
HIS CD2  C  Y N 163 
HIS CE1  C  Y N 164 
HIS NE2  N  Y N 165 
HIS OXT  O  N N 166 
HIS H    H  N N 167 
HIS H2   H  N N 168 
HIS HA   H  N N 169 
HIS HB2  H  N N 170 
HIS HB3  H  N N 171 
HIS HD1  H  N N 172 
HIS HD2  H  N N 173 
HIS HE1  H  N N 174 
HIS HE2  H  N N 175 
HIS HXT  H  N N 176 
HOH O    O  N N 177 
HOH H1   H  N N 178 
HOH H2   H  N N 179 
ILE N    N  N N 180 
ILE CA   C  N S 181 
ILE C    C  N N 182 
ILE O    O  N N 183 
ILE CB   C  N S 184 
ILE CG1  C  N N 185 
ILE CG2  C  N N 186 
ILE CD1  C  N N 187 
ILE OXT  O  N N 188 
ILE H    H  N N 189 
ILE H2   H  N N 190 
ILE HA   H  N N 191 
ILE HB   H  N N 192 
ILE HG12 H  N N 193 
ILE HG13 H  N N 194 
ILE HG21 H  N N 195 
ILE HG22 H  N N 196 
ILE HG23 H  N N 197 
ILE HD11 H  N N 198 
ILE HD12 H  N N 199 
ILE HD13 H  N N 200 
ILE HXT  H  N N 201 
LEU N    N  N N 202 
LEU CA   C  N S 203 
LEU C    C  N N 204 
LEU O    O  N N 205 
LEU CB   C  N N 206 
LEU CG   C  N N 207 
LEU CD1  C  N N 208 
LEU CD2  C  N N 209 
LEU OXT  O  N N 210 
LEU H    H  N N 211 
LEU H2   H  N N 212 
LEU HA   H  N N 213 
LEU HB2  H  N N 214 
LEU HB3  H  N N 215 
LEU HG   H  N N 216 
LEU HD11 H  N N 217 
LEU HD12 H  N N 218 
LEU HD13 H  N N 219 
LEU HD21 H  N N 220 
LEU HD22 H  N N 221 
LEU HD23 H  N N 222 
LEU HXT  H  N N 223 
LYS N    N  N N 224 
LYS CA   C  N S 225 
LYS C    C  N N 226 
LYS O    O  N N 227 
LYS CB   C  N N 228 
LYS CG   C  N N 229 
LYS CD   C  N N 230 
LYS CE   C  N N 231 
LYS NZ   N  N N 232 
LYS OXT  O  N N 233 
LYS H    H  N N 234 
LYS H2   H  N N 235 
LYS HA   H  N N 236 
LYS HB2  H  N N 237 
LYS HB3  H  N N 238 
LYS HG2  H  N N 239 
LYS HG3  H  N N 240 
LYS HD2  H  N N 241 
LYS HD3  H  N N 242 
LYS HE2  H  N N 243 
LYS HE3  H  N N 244 
LYS HZ1  H  N N 245 
LYS HZ2  H  N N 246 
LYS HZ3  H  N N 247 
LYS HXT  H  N N 248 
MET N    N  N N 249 
MET CA   C  N S 250 
MET C    C  N N 251 
MET O    O  N N 252 
MET CB   C  N N 253 
MET CG   C  N N 254 
MET SD   S  N N 255 
MET CE   C  N N 256 
MET OXT  O  N N 257 
MET H    H  N N 258 
MET H2   H  N N 259 
MET HA   H  N N 260 
MET HB2  H  N N 261 
MET HB3  H  N N 262 
MET HG2  H  N N 263 
MET HG3  H  N N 264 
MET HE1  H  N N 265 
MET HE2  H  N N 266 
MET HE3  H  N N 267 
MET HXT  H  N N 268 
PHE N    N  N N 269 
PHE CA   C  N S 270 
PHE C    C  N N 271 
PHE O    O  N N 272 
PHE CB   C  N N 273 
PHE CG   C  Y N 274 
PHE CD1  C  Y N 275 
PHE CD2  C  Y N 276 
PHE CE1  C  Y N 277 
PHE CE2  C  Y N 278 
PHE CZ   C  Y N 279 
PHE OXT  O  N N 280 
PHE H    H  N N 281 
PHE H2   H  N N 282 
PHE HA   H  N N 283 
PHE HB2  H  N N 284 
PHE HB3  H  N N 285 
PHE HD1  H  N N 286 
PHE HD2  H  N N 287 
PHE HE1  H  N N 288 
PHE HE2  H  N N 289 
PHE HZ   H  N N 290 
PHE HXT  H  N N 291 
PRO N    N  N N 292 
PRO CA   C  N S 293 
PRO C    C  N N 294 
PRO O    O  N N 295 
PRO CB   C  N N 296 
PRO CG   C  N N 297 
PRO CD   C  N N 298 
PRO OXT  O  N N 299 
PRO H    H  N N 300 
PRO HA   H  N N 301 
PRO HB2  H  N N 302 
PRO HB3  H  N N 303 
PRO HG2  H  N N 304 
PRO HG3  H  N N 305 
PRO HD2  H  N N 306 
PRO HD3  H  N N 307 
PRO HXT  H  N N 308 
SER N    N  N N 309 
SER CA   C  N S 310 
SER C    C  N N 311 
SER O    O  N N 312 
SER CB   C  N N 313 
SER OG   O  N N 314 
SER OXT  O  N N 315 
SER H    H  N N 316 
SER H2   H  N N 317 
SER HA   H  N N 318 
SER HB2  H  N N 319 
SER HB3  H  N N 320 
SER HG   H  N N 321 
SER HXT  H  N N 322 
THR N    N  N N 323 
THR CA   C  N S 324 
THR C    C  N N 325 
THR O    O  N N 326 
THR CB   C  N R 327 
THR OG1  O  N N 328 
THR CG2  C  N N 329 
THR OXT  O  N N 330 
THR H    H  N N 331 
THR H2   H  N N 332 
THR HA   H  N N 333 
THR HB   H  N N 334 
THR HG1  H  N N 335 
THR HG21 H  N N 336 
THR HG22 H  N N 337 
THR HG23 H  N N 338 
THR HXT  H  N N 339 
TRP N    N  N N 340 
TRP CA   C  N S 341 
TRP C    C  N N 342 
TRP O    O  N N 343 
TRP CB   C  N N 344 
TRP CG   C  Y N 345 
TRP CD1  C  Y N 346 
TRP CD2  C  Y N 347 
TRP NE1  N  Y N 348 
TRP CE2  C  Y N 349 
TRP CE3  C  Y N 350 
TRP CZ2  C  Y N 351 
TRP CZ3  C  Y N 352 
TRP CH2  C  Y N 353 
TRP OXT  O  N N 354 
TRP H    H  N N 355 
TRP H2   H  N N 356 
TRP HA   H  N N 357 
TRP HB2  H  N N 358 
TRP HB3  H  N N 359 
TRP HD1  H  N N 360 
TRP HE1  H  N N 361 
TRP HE3  H  N N 362 
TRP HZ2  H  N N 363 
TRP HZ3  H  N N 364 
TRP HH2  H  N N 365 
TRP HXT  H  N N 366 
TRS C    C  N N 367 
TRS C1   C  N N 368 
TRS C2   C  N N 369 
TRS C3   C  N N 370 
TRS N    N  N N 371 
TRS O1   O  N N 372 
TRS O2   O  N N 373 
TRS O3   O  N N 374 
TRS H11  H  N N 375 
TRS H12  H  N N 376 
TRS H21  H  N N 377 
TRS H22  H  N N 378 
TRS H31  H  N N 379 
TRS H32  H  N N 380 
TRS HN1  H  N N 381 
TRS HN2  H  N N 382 
TRS HN3  H  N N 383 
TRS HO1  H  N N 384 
TRS HO2  H  N N 385 
TRS HO3  H  N N 386 
TYR N    N  N N 387 
TYR CA   C  N S 388 
TYR C    C  N N 389 
TYR O    O  N N 390 
TYR CB   C  N N 391 
TYR CG   C  Y N 392 
TYR CD1  C  Y N 393 
TYR CD2  C  Y N 394 
TYR CE1  C  Y N 395 
TYR CE2  C  Y N 396 
TYR CZ   C  Y N 397 
TYR OH   O  N N 398 
TYR OXT  O  N N 399 
TYR H    H  N N 400 
TYR H2   H  N N 401 
TYR HA   H  N N 402 
TYR HB2  H  N N 403 
TYR HB3  H  N N 404 
TYR HD1  H  N N 405 
TYR HD2  H  N N 406 
TYR HE1  H  N N 407 
TYR HE2  H  N N 408 
TYR HH   H  N N 409 
TYR HXT  H  N N 410 
VAL N    N  N N 411 
VAL CA   C  N S 412 
VAL C    C  N N 413 
VAL O    O  N N 414 
VAL CB   C  N N 415 
VAL CG1  C  N N 416 
VAL CG2  C  N N 417 
VAL OXT  O  N N 418 
VAL H    H  N N 419 
VAL H2   H  N N 420 
VAL HA   H  N N 421 
VAL HB   H  N N 422 
VAL HG11 H  N N 423 
VAL HG12 H  N N 424 
VAL HG13 H  N N 425 
VAL HG21 H  N N 426 
VAL HG22 H  N N 427 
VAL HG23 H  N N 428 
VAL HXT  H  N N 429 
# 
loop_
_chem_comp_bond.comp_id 
_chem_comp_bond.atom_id_1 
_chem_comp_bond.atom_id_2 
_chem_comp_bond.value_order 
_chem_comp_bond.pdbx_aromatic_flag 
_chem_comp_bond.pdbx_stereo_config 
_chem_comp_bond.pdbx_ordinal 
4AA OAB CAH  sing N N 1   
4AA OAB HAB  sing N N 2   
4AA CAH OAC  doub N N 3   
4AA CAH CAL  sing N N 4   
4AA CAL CAG  doub Y N 5   
4AA CAL CAI  sing Y N 6   
4AA CAG CAF  sing Y N 7   
4AA CAG HAG  sing N N 8   
4AA CAF CAJ  doub Y N 9   
4AA CAF HAF  sing N N 10  
4AA CAJ CLAE sing N N 11  
4AA CAJ CAK  sing Y N 12  
4AA CAK OAD  sing N N 13  
4AA CAK CAI  doub Y N 14  
4AA OAD HAD  sing N N 15  
4AA CAI NAA  sing N N 16  
4AA NAA HAA1 sing N N 17  
4AA NAA HAA2 sing N N 18  
ALA N   CA   sing N N 19  
ALA N   H    sing N N 20  
ALA N   H2   sing N N 21  
ALA CA  C    sing N N 22  
ALA CA  CB   sing N N 23  
ALA CA  HA   sing N N 24  
ALA C   O    doub N N 25  
ALA C   OXT  sing N N 26  
ALA CB  HB1  sing N N 27  
ALA CB  HB2  sing N N 28  
ALA CB  HB3  sing N N 29  
ALA OXT HXT  sing N N 30  
ARG N   CA   sing N N 31  
ARG N   H    sing N N 32  
ARG N   H2   sing N N 33  
ARG CA  C    sing N N 34  
ARG CA  CB   sing N N 35  
ARG CA  HA   sing N N 36  
ARG C   O    doub N N 37  
ARG C   OXT  sing N N 38  
ARG CB  CG   sing N N 39  
ARG CB  HB2  sing N N 40  
ARG CB  HB3  sing N N 41  
ARG CG  CD   sing N N 42  
ARG CG  HG2  sing N N 43  
ARG CG  HG3  sing N N 44  
ARG CD  NE   sing N N 45  
ARG CD  HD2  sing N N 46  
ARG CD  HD3  sing N N 47  
ARG NE  CZ   sing N N 48  
ARG NE  HE   sing N N 49  
ARG CZ  NH1  sing N N 50  
ARG CZ  NH2  doub N N 51  
ARG NH1 HH11 sing N N 52  
ARG NH1 HH12 sing N N 53  
ARG NH2 HH21 sing N N 54  
ARG NH2 HH22 sing N N 55  
ARG OXT HXT  sing N N 56  
ASN N   CA   sing N N 57  
ASN N   H    sing N N 58  
ASN N   H2   sing N N 59  
ASN CA  C    sing N N 60  
ASN CA  CB   sing N N 61  
ASN CA  HA   sing N N 62  
ASN C   O    doub N N 63  
ASN C   OXT  sing N N 64  
ASN CB  CG   sing N N 65  
ASN CB  HB2  sing N N 66  
ASN CB  HB3  sing N N 67  
ASN CG  OD1  doub N N 68  
ASN CG  ND2  sing N N 69  
ASN ND2 HD21 sing N N 70  
ASN ND2 HD22 sing N N 71  
ASN OXT HXT  sing N N 72  
ASP N   CA   sing N N 73  
ASP N   H    sing N N 74  
ASP N   H2   sing N N 75  
ASP CA  C    sing N N 76  
ASP CA  CB   sing N N 77  
ASP CA  HA   sing N N 78  
ASP C   O    doub N N 79  
ASP C   OXT  sing N N 80  
ASP CB  CG   sing N N 81  
ASP CB  HB2  sing N N 82  
ASP CB  HB3  sing N N 83  
ASP CG  OD1  doub N N 84  
ASP CG  OD2  sing N N 85  
ASP OD2 HD2  sing N N 86  
ASP OXT HXT  sing N N 87  
CYS N   CA   sing N N 88  
CYS N   H    sing N N 89  
CYS N   H2   sing N N 90  
CYS CA  C    sing N N 91  
CYS CA  CB   sing N N 92  
CYS CA  HA   sing N N 93  
CYS C   O    doub N N 94  
CYS C   OXT  sing N N 95  
CYS CB  SG   sing N N 96  
CYS CB  HB2  sing N N 97  
CYS CB  HB3  sing N N 98  
CYS SG  HG   sing N N 99  
CYS OXT HXT  sing N N 100 
GLN N   CA   sing N N 101 
GLN N   H    sing N N 102 
GLN N   H2   sing N N 103 
GLN CA  C    sing N N 104 
GLN CA  CB   sing N N 105 
GLN CA  HA   sing N N 106 
GLN C   O    doub N N 107 
GLN C   OXT  sing N N 108 
GLN CB  CG   sing N N 109 
GLN CB  HB2  sing N N 110 
GLN CB  HB3  sing N N 111 
GLN CG  CD   sing N N 112 
GLN CG  HG2  sing N N 113 
GLN CG  HG3  sing N N 114 
GLN CD  OE1  doub N N 115 
GLN CD  NE2  sing N N 116 
GLN NE2 HE21 sing N N 117 
GLN NE2 HE22 sing N N 118 
GLN OXT HXT  sing N N 119 
GLU N   CA   sing N N 120 
GLU N   H    sing N N 121 
GLU N   H2   sing N N 122 
GLU CA  C    sing N N 123 
GLU CA  CB   sing N N 124 
GLU CA  HA   sing N N 125 
GLU C   O    doub N N 126 
GLU C   OXT  sing N N 127 
GLU CB  CG   sing N N 128 
GLU CB  HB2  sing N N 129 
GLU CB  HB3  sing N N 130 
GLU CG  CD   sing N N 131 
GLU CG  HG2  sing N N 132 
GLU CG  HG3  sing N N 133 
GLU CD  OE1  doub N N 134 
GLU CD  OE2  sing N N 135 
GLU OE2 HE2  sing N N 136 
GLU OXT HXT  sing N N 137 
GLY N   CA   sing N N 138 
GLY N   H    sing N N 139 
GLY N   H2   sing N N 140 
GLY CA  C    sing N N 141 
GLY CA  HA2  sing N N 142 
GLY CA  HA3  sing N N 143 
GLY C   O    doub N N 144 
GLY C   OXT  sing N N 145 
GLY OXT HXT  sing N N 146 
HIS N   CA   sing N N 147 
HIS N   H    sing N N 148 
HIS N   H2   sing N N 149 
HIS CA  C    sing N N 150 
HIS CA  CB   sing N N 151 
HIS CA  HA   sing N N 152 
HIS C   O    doub N N 153 
HIS C   OXT  sing N N 154 
HIS CB  CG   sing N N 155 
HIS CB  HB2  sing N N 156 
HIS CB  HB3  sing N N 157 
HIS CG  ND1  sing Y N 158 
HIS CG  CD2  doub Y N 159 
HIS ND1 CE1  doub Y N 160 
HIS ND1 HD1  sing N N 161 
HIS CD2 NE2  sing Y N 162 
HIS CD2 HD2  sing N N 163 
HIS CE1 NE2  sing Y N 164 
HIS CE1 HE1  sing N N 165 
HIS NE2 HE2  sing N N 166 
HIS OXT HXT  sing N N 167 
HOH O   H1   sing N N 168 
HOH O   H2   sing N N 169 
ILE N   CA   sing N N 170 
ILE N   H    sing N N 171 
ILE N   H2   sing N N 172 
ILE CA  C    sing N N 173 
ILE CA  CB   sing N N 174 
ILE CA  HA   sing N N 175 
ILE C   O    doub N N 176 
ILE C   OXT  sing N N 177 
ILE CB  CG1  sing N N 178 
ILE CB  CG2  sing N N 179 
ILE CB  HB   sing N N 180 
ILE CG1 CD1  sing N N 181 
ILE CG1 HG12 sing N N 182 
ILE CG1 HG13 sing N N 183 
ILE CG2 HG21 sing N N 184 
ILE CG2 HG22 sing N N 185 
ILE CG2 HG23 sing N N 186 
ILE CD1 HD11 sing N N 187 
ILE CD1 HD12 sing N N 188 
ILE CD1 HD13 sing N N 189 
ILE OXT HXT  sing N N 190 
LEU N   CA   sing N N 191 
LEU N   H    sing N N 192 
LEU N   H2   sing N N 193 
LEU CA  C    sing N N 194 
LEU CA  CB   sing N N 195 
LEU CA  HA   sing N N 196 
LEU C   O    doub N N 197 
LEU C   OXT  sing N N 198 
LEU CB  CG   sing N N 199 
LEU CB  HB2  sing N N 200 
LEU CB  HB3  sing N N 201 
LEU CG  CD1  sing N N 202 
LEU CG  CD2  sing N N 203 
LEU CG  HG   sing N N 204 
LEU CD1 HD11 sing N N 205 
LEU CD1 HD12 sing N N 206 
LEU CD1 HD13 sing N N 207 
LEU CD2 HD21 sing N N 208 
LEU CD2 HD22 sing N N 209 
LEU CD2 HD23 sing N N 210 
LEU OXT HXT  sing N N 211 
LYS N   CA   sing N N 212 
LYS N   H    sing N N 213 
LYS N   H2   sing N N 214 
LYS CA  C    sing N N 215 
LYS CA  CB   sing N N 216 
LYS CA  HA   sing N N 217 
LYS C   O    doub N N 218 
LYS C   OXT  sing N N 219 
LYS CB  CG   sing N N 220 
LYS CB  HB2  sing N N 221 
LYS CB  HB3  sing N N 222 
LYS CG  CD   sing N N 223 
LYS CG  HG2  sing N N 224 
LYS CG  HG3  sing N N 225 
LYS CD  CE   sing N N 226 
LYS CD  HD2  sing N N 227 
LYS CD  HD3  sing N N 228 
LYS CE  NZ   sing N N 229 
LYS CE  HE2  sing N N 230 
LYS CE  HE3  sing N N 231 
LYS NZ  HZ1  sing N N 232 
LYS NZ  HZ2  sing N N 233 
LYS NZ  HZ3  sing N N 234 
LYS OXT HXT  sing N N 235 
MET N   CA   sing N N 236 
MET N   H    sing N N 237 
MET N   H2   sing N N 238 
MET CA  C    sing N N 239 
MET CA  CB   sing N N 240 
MET CA  HA   sing N N 241 
MET C   O    doub N N 242 
MET C   OXT  sing N N 243 
MET CB  CG   sing N N 244 
MET CB  HB2  sing N N 245 
MET CB  HB3  sing N N 246 
MET CG  SD   sing N N 247 
MET CG  HG2  sing N N 248 
MET CG  HG3  sing N N 249 
MET SD  CE   sing N N 250 
MET CE  HE1  sing N N 251 
MET CE  HE2  sing N N 252 
MET CE  HE3  sing N N 253 
MET OXT HXT  sing N N 254 
PHE N   CA   sing N N 255 
PHE N   H    sing N N 256 
PHE N   H2   sing N N 257 
PHE CA  C    sing N N 258 
PHE CA  CB   sing N N 259 
PHE CA  HA   sing N N 260 
PHE C   O    doub N N 261 
PHE C   OXT  sing N N 262 
PHE CB  CG   sing N N 263 
PHE CB  HB2  sing N N 264 
PHE CB  HB3  sing N N 265 
PHE CG  CD1  doub Y N 266 
PHE CG  CD2  sing Y N 267 
PHE CD1 CE1  sing Y N 268 
PHE CD1 HD1  sing N N 269 
PHE CD2 CE2  doub Y N 270 
PHE CD2 HD2  sing N N 271 
PHE CE1 CZ   doub Y N 272 
PHE CE1 HE1  sing N N 273 
PHE CE2 CZ   sing Y N 274 
PHE CE2 HE2  sing N N 275 
PHE CZ  HZ   sing N N 276 
PHE OXT HXT  sing N N 277 
PRO N   CA   sing N N 278 
PRO N   CD   sing N N 279 
PRO N   H    sing N N 280 
PRO CA  C    sing N N 281 
PRO CA  CB   sing N N 282 
PRO CA  HA   sing N N 283 
PRO C   O    doub N N 284 
PRO C   OXT  sing N N 285 
PRO CB  CG   sing N N 286 
PRO CB  HB2  sing N N 287 
PRO CB  HB3  sing N N 288 
PRO CG  CD   sing N N 289 
PRO CG  HG2  sing N N 290 
PRO CG  HG3  sing N N 291 
PRO CD  HD2  sing N N 292 
PRO CD  HD3  sing N N 293 
PRO OXT HXT  sing N N 294 
SER N   CA   sing N N 295 
SER N   H    sing N N 296 
SER N   H2   sing N N 297 
SER CA  C    sing N N 298 
SER CA  CB   sing N N 299 
SER CA  HA   sing N N 300 
SER C   O    doub N N 301 
SER C   OXT  sing N N 302 
SER CB  OG   sing N N 303 
SER CB  HB2  sing N N 304 
SER CB  HB3  sing N N 305 
SER OG  HG   sing N N 306 
SER OXT HXT  sing N N 307 
THR N   CA   sing N N 308 
THR N   H    sing N N 309 
THR N   H2   sing N N 310 
THR CA  C    sing N N 311 
THR CA  CB   sing N N 312 
THR CA  HA   sing N N 313 
THR C   O    doub N N 314 
THR C   OXT  sing N N 315 
THR CB  OG1  sing N N 316 
THR CB  CG2  sing N N 317 
THR CB  HB   sing N N 318 
THR OG1 HG1  sing N N 319 
THR CG2 HG21 sing N N 320 
THR CG2 HG22 sing N N 321 
THR CG2 HG23 sing N N 322 
THR OXT HXT  sing N N 323 
TRP N   CA   sing N N 324 
TRP N   H    sing N N 325 
TRP N   H2   sing N N 326 
TRP CA  C    sing N N 327 
TRP CA  CB   sing N N 328 
TRP CA  HA   sing N N 329 
TRP C   O    doub N N 330 
TRP C   OXT  sing N N 331 
TRP CB  CG   sing N N 332 
TRP CB  HB2  sing N N 333 
TRP CB  HB3  sing N N 334 
TRP CG  CD1  doub Y N 335 
TRP CG  CD2  sing Y N 336 
TRP CD1 NE1  sing Y N 337 
TRP CD1 HD1  sing N N 338 
TRP CD2 CE2  doub Y N 339 
TRP CD2 CE3  sing Y N 340 
TRP NE1 CE2  sing Y N 341 
TRP NE1 HE1  sing N N 342 
TRP CE2 CZ2  sing Y N 343 
TRP CE3 CZ3  doub Y N 344 
TRP CE3 HE3  sing N N 345 
TRP CZ2 CH2  doub Y N 346 
TRP CZ2 HZ2  sing N N 347 
TRP CZ3 CH2  sing Y N 348 
TRP CZ3 HZ3  sing N N 349 
TRP CH2 HH2  sing N N 350 
TRP OXT HXT  sing N N 351 
TRS C   C1   sing N N 352 
TRS C   C2   sing N N 353 
TRS C   C3   sing N N 354 
TRS C   N    sing N N 355 
TRS C1  O1   sing N N 356 
TRS C1  H11  sing N N 357 
TRS C1  H12  sing N N 358 
TRS C2  O2   sing N N 359 
TRS C2  H21  sing N N 360 
TRS C2  H22  sing N N 361 
TRS C3  O3   sing N N 362 
TRS C3  H31  sing N N 363 
TRS C3  H32  sing N N 364 
TRS N   HN1  sing N N 365 
TRS N   HN2  sing N N 366 
TRS N   HN3  sing N N 367 
TRS O1  HO1  sing N N 368 
TRS O2  HO2  sing N N 369 
TRS O3  HO3  sing N N 370 
TYR N   CA   sing N N 371 
TYR N   H    sing N N 372 
TYR N   H2   sing N N 373 
TYR CA  C    sing N N 374 
TYR CA  CB   sing N N 375 
TYR CA  HA   sing N N 376 
TYR C   O    doub N N 377 
TYR C   OXT  sing N N 378 
TYR CB  CG   sing N N 379 
TYR CB  HB2  sing N N 380 
TYR CB  HB3  sing N N 381 
TYR CG  CD1  doub Y N 382 
TYR CG  CD2  sing Y N 383 
TYR CD1 CE1  sing Y N 384 
TYR CD1 HD1  sing N N 385 
TYR CD2 CE2  doub Y N 386 
TYR CD2 HD2  sing N N 387 
TYR CE1 CZ   doub Y N 388 
TYR CE1 HE1  sing N N 389 
TYR CE2 CZ   sing Y N 390 
TYR CE2 HE2  sing N N 391 
TYR CZ  OH   sing N N 392 
TYR OH  HH   sing N N 393 
TYR OXT HXT  sing N N 394 
VAL N   CA   sing N N 395 
VAL N   H    sing N N 396 
VAL N   H2   sing N N 397 
VAL CA  C    sing N N 398 
VAL CA  CB   sing N N 399 
VAL CA  HA   sing N N 400 
VAL C   O    doub N N 401 
VAL C   OXT  sing N N 402 
VAL CB  CG1  sing N N 403 
VAL CB  CG2  sing N N 404 
VAL CB  HB   sing N N 405 
VAL CG1 HG11 sing N N 406 
VAL CG1 HG12 sing N N 407 
VAL CG1 HG13 sing N N 408 
VAL CG2 HG21 sing N N 409 
VAL CG2 HG22 sing N N 410 
VAL CG2 HG23 sing N N 411 
VAL OXT HXT  sing N N 412 
# 
loop_
_pdbx_audit_support.funding_organization 
_pdbx_audit_support.country 
_pdbx_audit_support.grant_number 
_pdbx_audit_support.ordinal 
'National Institutes of Health/National Institute of General Medical Sciences (NIH/NIGMS)' 'United States' R01GM108988 1 
'National Institutes of Health/National Institute of Mental Health (NIH/NIMH)'             'United States' R21MH107985 2 
'National Science Foundation (NSF, United States)'                                         'United States' CHE-1623856 3 
# 
loop_
_pdbx_entity_instance_feature.ordinal 
_pdbx_entity_instance_feature.comp_id 
_pdbx_entity_instance_feature.asym_id 
_pdbx_entity_instance_feature.seq_num 
_pdbx_entity_instance_feature.auth_comp_id 
_pdbx_entity_instance_feature.auth_asym_id 
_pdbx_entity_instance_feature.auth_seq_num 
_pdbx_entity_instance_feature.feature_type 
_pdbx_entity_instance_feature.details 
1 FE2 ? ? FE2 ? ? 'SUBJECT OF INVESTIGATION' ? 
2 4AA ? ? 4AA ? ? 'SUBJECT OF INVESTIGATION' ? 
# 
loop_
_pdbx_entity_nonpoly.entity_id 
_pdbx_entity_nonpoly.name 
_pdbx_entity_nonpoly.comp_id 
2 'FE (II) ION'                            FE2 
3 '4-CHLORO-3-HYDROXYANTHRANILIC ACID'     4AA 
4 2-AMINO-2-HYDROXYMETHYL-PROPANE-1,3-DIOL TRS 
5 water                                    HOH 
# 
_pdbx_initial_refinement_model.id               1 
_pdbx_initial_refinement_model.entity_id_list   ? 
_pdbx_initial_refinement_model.type             'experimental model' 
_pdbx_initial_refinement_model.source_name      PDB 
_pdbx_initial_refinement_model.accession_code   1YFU 
_pdbx_initial_refinement_model.details          ? 
# 
_pdbx_struct_assembly_auth_evidence.id                     1 
_pdbx_struct_assembly_auth_evidence.assembly_id            1 
_pdbx_struct_assembly_auth_evidence.experimental_support   'gel filtration' 
_pdbx_struct_assembly_auth_evidence.details                ? 
# 
